data_5AXF
# 
_entry.id   5AXF 
# 
_audit_conform.dict_name       mmcif_pdbx.dic 
_audit_conform.dict_version    5.387 
_audit_conform.dict_location   http://mmcif.pdb.org/dictionaries/ascii/mmcif_pdbx.dic 
# 
loop_
_database_2.database_id 
_database_2.database_code 
_database_2.pdbx_database_accession 
_database_2.pdbx_DOI 
PDB   5AXF         pdb_00005axf 10.2210/pdb5axf/pdb 
WWPDB D_1300000125 ?            ?                   
# 
loop_
_pdbx_audit_revision_history.ordinal 
_pdbx_audit_revision_history.data_content_type 
_pdbx_audit_revision_history.major_revision 
_pdbx_audit_revision_history.minor_revision 
_pdbx_audit_revision_history.revision_date 
1 'Structure model' 1 0 2016-07-20 
2 'Structure model' 1 1 2020-02-26 
3 'Structure model' 1 2 2024-03-20 
# 
_pdbx_audit_revision_details.ordinal             1 
_pdbx_audit_revision_details.revision_ordinal    1 
_pdbx_audit_revision_details.data_content_type   'Structure model' 
_pdbx_audit_revision_details.provider            repository 
_pdbx_audit_revision_details.type                'Initial release' 
_pdbx_audit_revision_details.description         ? 
_pdbx_audit_revision_details.details             ? 
# 
loop_
_pdbx_audit_revision_group.ordinal 
_pdbx_audit_revision_group.revision_ordinal 
_pdbx_audit_revision_group.data_content_type 
_pdbx_audit_revision_group.group 
1 2 'Structure model' 'Data collection'      
2 2 'Structure model' 'Derived calculations' 
3 3 'Structure model' 'Data collection'      
4 3 'Structure model' 'Database references'  
# 
loop_
_pdbx_audit_revision_category.ordinal 
_pdbx_audit_revision_category.revision_ordinal 
_pdbx_audit_revision_category.data_content_type 
_pdbx_audit_revision_category.category 
1 2 'Structure model' diffrn_source               
2 2 'Structure model' pdbx_struct_oper_list       
3 3 'Structure model' chem_comp_atom              
4 3 'Structure model' chem_comp_bond              
5 3 'Structure model' database_2                  
6 3 'Structure model' diffrn_radiation_wavelength 
# 
loop_
_pdbx_audit_revision_item.ordinal 
_pdbx_audit_revision_item.revision_ordinal 
_pdbx_audit_revision_item.data_content_type 
_pdbx_audit_revision_item.item 
1 2 'Structure model' '_diffrn_source.pdbx_synchrotron_site'      
2 2 'Structure model' '_pdbx_struct_oper_list.symmetry_operation' 
3 3 'Structure model' '_database_2.pdbx_DOI'                      
4 3 'Structure model' '_database_2.pdbx_database_accession'       
# 
_pdbx_database_status.status_code                     REL 
_pdbx_database_status.status_code_sf                  REL 
_pdbx_database_status.status_code_mr                  ? 
_pdbx_database_status.entry_id                        5AXF 
_pdbx_database_status.recvd_initial_deposition_date   2015-07-28 
_pdbx_database_status.SG_entry                        N 
_pdbx_database_status.deposit_site                    PDBJ 
_pdbx_database_status.process_site                    PDBJ 
_pdbx_database_status.status_code_cs                  ? 
_pdbx_database_status.methods_development_category    ? 
_pdbx_database_status.pdb_format_compatible           Y 
_pdbx_database_status.status_code_nmr_data            ? 
# 
_pdbx_database_related.content_type   unspecified 
_pdbx_database_related.db_id          5AXE 
_pdbx_database_related.db_name        PDB 
_pdbx_database_related.details        . 
# 
loop_
_audit_author.name 
_audit_author.pdbx_ordinal 
'Mitsuoka, Y.' 1  
'Aoyama, H.'   2  
'Kugimiya, A.' 3  
'Fujimura, Y.' 4  
'Yamamoto, T.' 5  
'Waki, R.'     6  
'Wada, F.'     7  
'Tahara, S.'   8  
'Sawamura, M.' 9  
'Noda, M.'     10 
'Hari, Y.'     11 
'Obika, S.'    12 
# 
_citation.abstract                  ? 
_citation.abstract_id_CAS           ? 
_citation.book_id_ISBN              ? 
_citation.book_publisher            ? 
_citation.book_publisher_city       ? 
_citation.book_title                ? 
_citation.coordinate_linkage        ? 
_citation.country                   UK 
_citation.database_id_Medline       ? 
_citation.details                   ? 
_citation.id                        primary 
_citation.journal_abbrev            Org.Biomol.Chem. 
_citation.journal_id_ASTM           ? 
_citation.journal_id_CSD            ? 
_citation.journal_id_ISSN           1477-0539 
_citation.journal_full              ? 
_citation.journal_issue             ? 
_citation.journal_volume            14 
_citation.language                  ? 
_citation.page_first                6531 
_citation.page_last                 6538 
_citation.title                     
'Effect of an N-substituent in sulfonamide-bridged nucleic acid (SuNA) on hybridization ability and duplex structure.' 
_citation.year                      2016 
_citation.database_id_CSD           ? 
_citation.pdbx_database_id_DOI      10.1039/c6ob01051b 
_citation.pdbx_database_id_PubMed   27296230 
_citation.unpublished_flag          ? 
# 
loop_
_citation_author.citation_id 
_citation_author.name 
_citation_author.ordinal 
_citation_author.identifier_ORCID 
primary 'Mitsuoka, Y.' 1  ? 
primary 'Aoyama, H.'   2  ? 
primary 'Kugimiya, A.' 3  ? 
primary 'Fujimura, Y.' 4  ? 
primary 'Yamamoto, T.' 5  ? 
primary 'Waki, R.'     6  ? 
primary 'Wada, F.'     7  ? 
primary 'Tahara, S.'   8  ? 
primary 'Sawamura, M.' 9  ? 
primary 'Noda, M.'     10 ? 
primary 'Hari, Y.'     11 ? 
primary 'Obika, S.'    12 ? 
# 
loop_
_entity.id 
_entity.type 
_entity.src_method 
_entity.pdbx_description 
_entity.formula_weight 
_entity.pdbx_number_of_molecules 
_entity.pdbx_ec 
_entity.pdbx_mutation 
_entity.pdbx_fragment 
_entity.details 
1 polymer syn 
;DNA (5'-D(*GP*CP*GP*TP*AP*(LSM)P*AP*CP*GP*C)-3')
;
3150.121 2   ? ? ? ? 
2 water   nat water                                              18.015   131 ? ? ? ? 
# 
_entity_poly.entity_id                      1 
_entity_poly.type                           polydeoxyribonucleotide 
_entity_poly.nstd_linkage                   no 
_entity_poly.nstd_monomer                   yes 
_entity_poly.pdbx_seq_one_letter_code       '(DG)(DC)(DG)(DT)(DA)(LST)(DA)(DC)(DG)(DC)' 
_entity_poly.pdbx_seq_one_letter_code_can   GCGTAXACGC 
_entity_poly.pdbx_strand_id                 A,B 
_entity_poly.pdbx_target_identifier         ? 
# 
_pdbx_entity_nonpoly.entity_id   2 
_pdbx_entity_nonpoly.name        water 
_pdbx_entity_nonpoly.comp_id     HOH 
# 
loop_
_entity_poly_seq.entity_id 
_entity_poly_seq.num 
_entity_poly_seq.mon_id 
_entity_poly_seq.hetero 
1 1  DG  n 
1 2  DC  n 
1 3  DG  n 
1 4  DT  n 
1 5  DA  n 
1 6  LST n 
1 7  DA  n 
1 8  DC  n 
1 9  DG  n 
1 10 DC  n 
# 
_pdbx_entity_src_syn.entity_id              1 
_pdbx_entity_src_syn.pdbx_src_id            1 
_pdbx_entity_src_syn.pdbx_alt_source_flag   sample 
_pdbx_entity_src_syn.pdbx_beg_seq_num       1 
_pdbx_entity_src_syn.pdbx_end_seq_num       10 
_pdbx_entity_src_syn.organism_scientific    'synthetic construct' 
_pdbx_entity_src_syn.organism_common_name   ? 
_pdbx_entity_src_syn.ncbi_taxonomy_id       32630 
_pdbx_entity_src_syn.details                ? 
# 
loop_
_chem_comp.id 
_chem_comp.type 
_chem_comp.mon_nstd_flag 
_chem_comp.name 
_chem_comp.pdbx_synonyms 
_chem_comp.formula 
_chem_comp.formula_weight 
DA  'DNA linking' y "2'-DEOXYADENOSINE-5'-MONOPHOSPHATE" ? 'C10 H14 N5 O6 P'    331.222 
DC  'DNA linking' y "2'-DEOXYCYTIDINE-5'-MONOPHOSPHATE" ? 'C9 H14 N3 O7 P'     307.197 
DG  'DNA linking' y "2'-DEOXYGUANOSINE-5'-MONOPHOSPHATE" ? 'C10 H14 N5 O7 P'    347.221 
DT  'DNA linking' y "THYMIDINE-5'-MONOPHOSPHATE" ? 'C10 H15 N2 O8 P'    322.208 
HOH non-polymer   . WATER ? 'H2 O'               18.015  
LST 'DNA linking' n 
;[(1R,5R,7R,8S)-2-methyl-7-[5-methyl-2,4-bis(oxidanylidene)pyrimidin-1-yl]-8-oxidanyl-3,3-bis(oxidanylidene)-6-oxa-3$l^{6}-thia-2-azabicyclo[3.2.1]octan-5-yl]methyl dihydrogen phosphate
;
? 'C12 H18 N3 O10 P S' 427.324 
# 
loop_
_pdbx_poly_seq_scheme.asym_id 
_pdbx_poly_seq_scheme.entity_id 
_pdbx_poly_seq_scheme.seq_id 
_pdbx_poly_seq_scheme.mon_id 
_pdbx_poly_seq_scheme.ndb_seq_num 
_pdbx_poly_seq_scheme.pdb_seq_num 
_pdbx_poly_seq_scheme.auth_seq_num 
_pdbx_poly_seq_scheme.pdb_mon_id 
_pdbx_poly_seq_scheme.auth_mon_id 
_pdbx_poly_seq_scheme.pdb_strand_id 
_pdbx_poly_seq_scheme.pdb_ins_code 
_pdbx_poly_seq_scheme.hetero 
A 1 1  DG  1  1  1  DG  DG  A . n 
A 1 2  DC  2  2  2  DC  DC  A . n 
A 1 3  DG  3  3  3  DG  DG  A . n 
A 1 4  DT  4  4  4  DT  DT  A . n 
A 1 5  DA  5  5  5  DA  DA  A . n 
A 1 6  LST 6  6  6  LST LSM A . n 
A 1 7  DA  7  7  7  DA  DA  A . n 
A 1 8  DC  8  8  8  DC  DC  A . n 
A 1 9  DG  9  9  9  DG  DG  A . n 
A 1 10 DC  10 10 10 DC  DC  A . n 
B 1 1  DG  1  11 11 DG  DG  B . n 
B 1 2  DC  2  12 12 DC  DC  B . n 
B 1 3  DG  3  13 13 DG  DG  B . n 
B 1 4  DT  4  14 14 DT  DT  B . n 
B 1 5  DA  5  15 15 DA  DA  B . n 
B 1 6  LST 6  16 16 LST LSM B . n 
B 1 7  DA  7  17 17 DA  DA  B . n 
B 1 8  DC  8  18 18 DC  DC  B . n 
B 1 9  DG  9  19 19 DG  DG  B . n 
B 1 10 DC  10 20 20 DC  DC  B . n 
# 
loop_
_pdbx_nonpoly_scheme.asym_id 
_pdbx_nonpoly_scheme.entity_id 
_pdbx_nonpoly_scheme.mon_id 
_pdbx_nonpoly_scheme.ndb_seq_num 
_pdbx_nonpoly_scheme.pdb_seq_num 
_pdbx_nonpoly_scheme.auth_seq_num 
_pdbx_nonpoly_scheme.pdb_mon_id 
_pdbx_nonpoly_scheme.auth_mon_id 
_pdbx_nonpoly_scheme.pdb_strand_id 
_pdbx_nonpoly_scheme.pdb_ins_code 
C 2 HOH 1  101 105 HOH HOH A . 
C 2 HOH 2  102 68  HOH HOH A . 
C 2 HOH 3  103 7   HOH HOH A . 
C 2 HOH 4  104 111 HOH HOH A . 
C 2 HOH 5  105 36  HOH HOH A . 
C 2 HOH 6  106 43  HOH HOH A . 
C 2 HOH 7  107 40  HOH HOH A . 
C 2 HOH 8  108 45  HOH HOH A . 
C 2 HOH 9  109 24  HOH HOH A . 
C 2 HOH 10 110 6   HOH HOH A . 
C 2 HOH 11 111 113 HOH HOH A . 
C 2 HOH 12 112 52  HOH HOH A . 
C 2 HOH 13 113 2   HOH HOH A . 
C 2 HOH 14 114 55  HOH HOH A . 
C 2 HOH 15 115 116 HOH HOH A . 
C 2 HOH 16 116 42  HOH HOH A . 
C 2 HOH 17 117 75  HOH HOH A . 
C 2 HOH 18 118 11  HOH HOH A . 
C 2 HOH 19 119 109 HOH HOH A . 
C 2 HOH 20 120 37  HOH HOH A . 
C 2 HOH 21 121 5   HOH HOH A . 
C 2 HOH 22 122 10  HOH HOH A . 
C 2 HOH 23 123 4   HOH HOH A . 
C 2 HOH 24 124 19  HOH HOH A . 
C 2 HOH 25 125 77  HOH HOH A . 
C 2 HOH 26 126 33  HOH HOH A . 
C 2 HOH 27 127 98  HOH HOH A . 
C 2 HOH 28 128 20  HOH HOH A . 
C 2 HOH 29 129 129 HOH HOH A . 
C 2 HOH 30 130 76  HOH HOH A . 
C 2 HOH 31 131 1   HOH HOH A . 
C 2 HOH 32 132 23  HOH HOH A . 
C 2 HOH 33 133 57  HOH HOH A . 
C 2 HOH 34 134 12  HOH HOH A . 
C 2 HOH 35 135 30  HOH HOH A . 
C 2 HOH 36 136 28  HOH HOH A . 
C 2 HOH 37 137 114 HOH HOH A . 
C 2 HOH 38 138 83  HOH HOH A . 
C 2 HOH 39 139 41  HOH HOH A . 
C 2 HOH 40 140 89  HOH HOH A . 
C 2 HOH 41 141 69  HOH HOH A . 
C 2 HOH 42 142 26  HOH HOH A . 
C 2 HOH 43 143 79  HOH HOH A . 
C 2 HOH 44 144 62  HOH HOH A . 
C 2 HOH 45 145 82  HOH HOH A . 
C 2 HOH 46 146 65  HOH HOH A . 
C 2 HOH 47 147 22  HOH HOH A . 
C 2 HOH 48 148 8   HOH HOH A . 
C 2 HOH 49 149 13  HOH HOH A . 
C 2 HOH 50 150 112 HOH HOH A . 
C 2 HOH 51 151 117 HOH HOH A . 
C 2 HOH 52 152 56  HOH HOH A . 
C 2 HOH 53 153 74  HOH HOH A . 
C 2 HOH 54 154 50  HOH HOH A . 
C 2 HOH 55 155 88  HOH HOH A . 
C 2 HOH 56 156 119 HOH HOH A . 
C 2 HOH 57 157 127 HOH HOH A . 
C 2 HOH 58 158 59  HOH HOH A . 
C 2 HOH 59 159 38  HOH HOH A . 
C 2 HOH 60 160 107 HOH HOH A . 
C 2 HOH 61 161 101 HOH HOH A . 
C 2 HOH 62 162 61  HOH HOH A . 
C 2 HOH 63 163 58  HOH HOH A . 
C 2 HOH 64 164 103 HOH HOH A . 
C 2 HOH 65 165 99  HOH HOH A . 
C 2 HOH 66 166 60  HOH HOH A . 
C 2 HOH 67 167 91  HOH HOH A . 
C 2 HOH 68 168 54  HOH HOH A . 
C 2 HOH 69 169 87  HOH HOH A . 
C 2 HOH 70 170 128 HOH HOH A . 
C 2 HOH 71 171 100 HOH HOH A . 
C 2 HOH 72 172 110 HOH HOH A . 
C 2 HOH 73 173 73  HOH HOH A . 
D 2 HOH 1  101 97  HOH HOH B . 
D 2 HOH 2  102 123 HOH HOH B . 
D 2 HOH 3  103 94  HOH HOH B . 
D 2 HOH 4  104 85  HOH HOH B . 
D 2 HOH 5  105 124 HOH HOH B . 
D 2 HOH 6  106 81  HOH HOH B . 
D 2 HOH 7  107 122 HOH HOH B . 
D 2 HOH 8  108 44  HOH HOH B . 
D 2 HOH 9  109 126 HOH HOH B . 
D 2 HOH 10 110 102 HOH HOH B . 
D 2 HOH 11 111 17  HOH HOH B . 
D 2 HOH 12 112 130 HOH HOH B . 
D 2 HOH 13 113 47  HOH HOH B . 
D 2 HOH 14 114 25  HOH HOH B . 
D 2 HOH 15 115 70  HOH HOH B . 
D 2 HOH 16 116 34  HOH HOH B . 
D 2 HOH 17 117 9   HOH HOH B . 
D 2 HOH 18 118 16  HOH HOH B . 
D 2 HOH 19 119 78  HOH HOH B . 
D 2 HOH 20 120 31  HOH HOH B . 
D 2 HOH 21 121 66  HOH HOH B . 
D 2 HOH 22 122 51  HOH HOH B . 
D 2 HOH 23 123 106 HOH HOH B . 
D 2 HOH 24 124 15  HOH HOH B . 
D 2 HOH 25 125 96  HOH HOH B . 
D 2 HOH 26 126 32  HOH HOH B . 
D 2 HOH 27 127 29  HOH HOH B . 
D 2 HOH 28 128 71  HOH HOH B . 
D 2 HOH 29 129 108 HOH HOH B . 
D 2 HOH 30 130 18  HOH HOH B . 
D 2 HOH 31 131 3   HOH HOH B . 
D 2 HOH 32 132 14  HOH HOH B . 
D 2 HOH 33 133 95  HOH HOH B . 
D 2 HOH 34 134 39  HOH HOH B . 
D 2 HOH 35 135 92  HOH HOH B . 
D 2 HOH 36 136 120 HOH HOH B . 
D 2 HOH 37 137 53  HOH HOH B . 
D 2 HOH 38 138 35  HOH HOH B . 
D 2 HOH 39 139 27  HOH HOH B . 
D 2 HOH 40 140 48  HOH HOH B . 
D 2 HOH 41 141 49  HOH HOH B . 
D 2 HOH 42 142 90  HOH HOH B . 
D 2 HOH 43 143 84  HOH HOH B . 
D 2 HOH 44 144 21  HOH HOH B . 
D 2 HOH 45 145 115 HOH HOH B . 
D 2 HOH 46 146 67  HOH HOH B . 
D 2 HOH 47 147 63  HOH HOH B . 
D 2 HOH 48 148 64  HOH HOH B . 
D 2 HOH 49 149 125 HOH HOH B . 
D 2 HOH 50 150 80  HOH HOH B . 
D 2 HOH 51 151 72  HOH HOH B . 
D 2 HOH 52 152 93  HOH HOH B . 
D 2 HOH 53 153 46  HOH HOH B . 
D 2 HOH 54 154 121 HOH HOH B . 
D 2 HOH 55 155 131 HOH HOH B . 
D 2 HOH 56 156 104 HOH HOH B . 
D 2 HOH 57 157 86  HOH HOH B . 
D 2 HOH 58 158 118 HOH HOH B . 
# 
loop_
_software.citation_id 
_software.classification 
_software.compiler_name 
_software.compiler_version 
_software.contact_author 
_software.contact_author_email 
_software.date 
_software.description 
_software.dependencies 
_software.hardware 
_software.language 
_software.location 
_software.mods 
_software.name 
_software.os 
_software.os_version 
_software.type 
_software.version 
_software.pdbx_ordinal 
? 'data collection' ? ? ? ? ? ? ? ? ? ? ? MOSFLM      ? ? ? 0.2.17   1 
? 'data scaling'    ? ? ? ? ? ? ? ? ? ? ? Aimless     ? ? ? 0.2.17   2 
? phasing           ? ? ? ? ? ? ? ? ? ? ? PHASER      ? ? ? 2.5.6    3 
? 'model building'  ? ? ? ? ? ? ? ? ? ? ? Coot        ? ? ? .        4 
? refinement        ? ? ? ? ? ? ? ? ? ? ? PHENIX      ? ? ? 1.9_1692 5 
? 'data extraction' ? ? ? ? ? ? ? ? ? ? ? PDB_EXTRACT ? ? ? 3.15     6 
# 
_cell.angle_alpha                  90.000 
_cell.angle_alpha_esd              ? 
_cell.angle_beta                   90.000 
_cell.angle_beta_esd               ? 
_cell.angle_gamma                  90.000 
_cell.angle_gamma_esd              ? 
_cell.entry_id                     5AXF 
_cell.details                      ? 
_cell.formula_units_Z              ? 
_cell.length_a                     24.420 
_cell.length_a_esd                 ? 
_cell.length_b                     45.120 
_cell.length_b_esd                 ? 
_cell.length_c                     45.450 
_cell.length_c_esd                 ? 
_cell.volume                       ? 
_cell.volume_esd                   ? 
_cell.Z_PDB                        8 
_cell.reciprocal_angle_alpha       ? 
_cell.reciprocal_angle_beta        ? 
_cell.reciprocal_angle_gamma       ? 
_cell.reciprocal_angle_alpha_esd   ? 
_cell.reciprocal_angle_beta_esd    ? 
_cell.reciprocal_angle_gamma_esd   ? 
_cell.reciprocal_length_a          ? 
_cell.reciprocal_length_b          ? 
_cell.reciprocal_length_c          ? 
_cell.reciprocal_length_a_esd      ? 
_cell.reciprocal_length_b_esd      ? 
_cell.reciprocal_length_c_esd      ? 
_cell.pdbx_unique_axis             ? 
# 
_symmetry.entry_id                         5AXF 
_symmetry.cell_setting                     ? 
_symmetry.Int_Tables_number                19 
_symmetry.space_group_name_Hall            ? 
_symmetry.space_group_name_H-M             'P 21 21 21' 
_symmetry.pdbx_full_space_group_name_H-M   ? 
# 
_exptl.absorpt_coefficient_mu     ? 
_exptl.absorpt_correction_T_max   ? 
_exptl.absorpt_correction_T_min   ? 
_exptl.absorpt_correction_type    ? 
_exptl.absorpt_process_details    ? 
_exptl.entry_id                   5AXF 
_exptl.crystals_number            1 
_exptl.details                    ? 
_exptl.method                     'X-RAY DIFFRACTION' 
_exptl.method_details             ? 
# 
_exptl_crystal.colour                      ? 
_exptl_crystal.density_diffrn              ? 
_exptl_crystal.density_Matthews            1.90 
_exptl_crystal.density_method              ? 
_exptl_crystal.density_percent_sol         35.23 
_exptl_crystal.description                 'THE ENTRY CONTAINS FRIEDEL PAIRS IN F_PLUS/MINUS AND I_PLUS/MINUS COLUMNS' 
_exptl_crystal.F_000                       ? 
_exptl_crystal.id                          1 
_exptl_crystal.preparation                 ? 
_exptl_crystal.size_max                    ? 
_exptl_crystal.size_mid                    ? 
_exptl_crystal.size_min                    ? 
_exptl_crystal.size_rad                    ? 
_exptl_crystal.colour_lustre               ? 
_exptl_crystal.colour_modifier             ? 
_exptl_crystal.colour_primary              ? 
_exptl_crystal.density_meas                ? 
_exptl_crystal.density_meas_esd            ? 
_exptl_crystal.density_meas_gt             ? 
_exptl_crystal.density_meas_lt             ? 
_exptl_crystal.density_meas_temp           ? 
_exptl_crystal.density_meas_temp_esd       ? 
_exptl_crystal.density_meas_temp_gt        ? 
_exptl_crystal.density_meas_temp_lt        ? 
_exptl_crystal.pdbx_crystal_image_url      ? 
_exptl_crystal.pdbx_crystal_image_format   ? 
_exptl_crystal.pdbx_mosaicity              ? 
_exptl_crystal.pdbx_mosaicity_esd          ? 
# 
_exptl_crystal_grow.apparatus       ? 
_exptl_crystal_grow.atmosphere      ? 
_exptl_crystal_grow.crystal_id      1 
_exptl_crystal_grow.details         ? 
_exptl_crystal_grow.method          'VAPOR DIFFUSION, HANGING DROP' 
_exptl_crystal_grow.method_ref      ? 
_exptl_crystal_grow.pH              6.0 
_exptl_crystal_grow.pressure        ? 
_exptl_crystal_grow.pressure_esd    ? 
_exptl_crystal_grow.seeding         ? 
_exptl_crystal_grow.seeding_ref     ? 
_exptl_crystal_grow.temp            293 
_exptl_crystal_grow.temp_details    ? 
_exptl_crystal_grow.temp_esd        ? 
_exptl_crystal_grow.time            ? 
_exptl_crystal_grow.pdbx_details    MPD 
_exptl_crystal_grow.pdbx_pH_range   ? 
# 
_diffrn.ambient_environment    ? 
_diffrn.ambient_temp           100 
_diffrn.ambient_temp_details   ? 
_diffrn.ambient_temp_esd       ? 
_diffrn.crystal_id             1 
_diffrn.crystal_support        ? 
_diffrn.crystal_treatment      ? 
_diffrn.details                ? 
_diffrn.id                     1 
_diffrn.ambient_pressure       ? 
_diffrn.ambient_pressure_esd   ? 
_diffrn.ambient_pressure_gt    ? 
_diffrn.ambient_pressure_lt    ? 
_diffrn.ambient_temp_gt        ? 
_diffrn.ambient_temp_lt        ? 
# 
_diffrn_detector.details                      mirrors 
_diffrn_detector.detector                     CCD 
_diffrn_detector.diffrn_id                    1 
_diffrn_detector.type                         'RAYONIX MX300HE' 
_diffrn_detector.area_resol_mean              ? 
_diffrn_detector.dtime                        ? 
_diffrn_detector.pdbx_frames_total            ? 
_diffrn_detector.pdbx_collection_time_total   ? 
_diffrn_detector.pdbx_collection_date         2014-05-14 
# 
_diffrn_radiation.collimation                      ? 
_diffrn_radiation.diffrn_id                        1 
_diffrn_radiation.filter_edge                      ? 
_diffrn_radiation.inhomogeneity                    ? 
_diffrn_radiation.monochromator                    ? 
_diffrn_radiation.polarisn_norm                    ? 
_diffrn_radiation.polarisn_ratio                   ? 
_diffrn_radiation.probe                            ? 
_diffrn_radiation.type                             ? 
_diffrn_radiation.xray_symbol                      ? 
_diffrn_radiation.wavelength_id                    1 
_diffrn_radiation.pdbx_monochromatic_or_laue_m_l   M 
_diffrn_radiation.pdbx_wavelength_list             ? 
_diffrn_radiation.pdbx_wavelength                  ? 
_diffrn_radiation.pdbx_diffrn_protocol             'SINGLE WAVELENGTH' 
_diffrn_radiation.pdbx_analyzer                    ? 
_diffrn_radiation.pdbx_scattering_type             x-ray 
# 
_diffrn_radiation_wavelength.id           1 
_diffrn_radiation_wavelength.wavelength   0.9 
_diffrn_radiation_wavelength.wt           1.0 
# 
_diffrn_source.current                     ? 
_diffrn_source.details                     ? 
_diffrn_source.diffrn_id                   1 
_diffrn_source.power                       ? 
_diffrn_source.size                        ? 
_diffrn_source.source                      SYNCHROTRON 
_diffrn_source.target                      ? 
_diffrn_source.type                        'SPRING-8 BEAMLINE BL44XU' 
_diffrn_source.voltage                     ? 
_diffrn_source.take-off_angle              ? 
_diffrn_source.pdbx_wavelength_list        0.9 
_diffrn_source.pdbx_wavelength             ? 
_diffrn_source.pdbx_synchrotron_beamline   BL44XU 
_diffrn_source.pdbx_synchrotron_site       SPring-8 
# 
_reflns.B_iso_Wilson_estimate            8.060 
_reflns.entry_id                         5AXF 
_reflns.data_reduction_details           ? 
_reflns.data_reduction_method            ? 
_reflns.d_resolution_high                1.130 
_reflns.d_resolution_low                 32.020 
_reflns.details                          ? 
_reflns.limit_h_max                      ? 
_reflns.limit_h_min                      ? 
_reflns.limit_k_max                      ? 
_reflns.limit_k_min                      ? 
_reflns.limit_l_max                      ? 
_reflns.limit_l_min                      ? 
_reflns.number_all                       ? 
_reflns.number_obs                       19277 
_reflns.observed_criterion               ? 
_reflns.observed_criterion_F_max         ? 
_reflns.observed_criterion_F_min         ? 
_reflns.observed_criterion_I_max         ? 
_reflns.observed_criterion_I_min         ? 
_reflns.observed_criterion_sigma_F       ? 
_reflns.observed_criterion_sigma_I       ? 
_reflns.percent_possible_obs             98.600 
_reflns.R_free_details                   ? 
_reflns.Rmerge_F_all                     ? 
_reflns.Rmerge_F_obs                     ? 
_reflns.Friedel_coverage                 ? 
_reflns.number_gt                        ? 
_reflns.threshold_expression             ? 
_reflns.pdbx_redundancy                  6.800 
_reflns.pdbx_Rmerge_I_obs                0.061 
_reflns.pdbx_Rmerge_I_all                ? 
_reflns.pdbx_Rsym_value                  ? 
_reflns.pdbx_netI_over_av_sigmaI         ? 
_reflns.pdbx_netI_over_sigmaI            17.100 
_reflns.pdbx_res_netI_over_av_sigmaI_2   ? 
_reflns.pdbx_res_netI_over_sigmaI_2      ? 
_reflns.pdbx_chi_squared                 ? 
_reflns.pdbx_scaling_rejects             45 
_reflns.pdbx_d_res_high_opt              ? 
_reflns.pdbx_d_res_low_opt               ? 
_reflns.pdbx_d_res_opt_method            ? 
_reflns.phase_calculation_details        ? 
_reflns.pdbx_Rrim_I_all                  ? 
_reflns.pdbx_Rpim_I_all                  0.025 
_reflns.pdbx_d_opt                       ? 
_reflns.pdbx_number_measured_all         131157 
_reflns.pdbx_diffrn_id                   1 
_reflns.pdbx_ordinal                     1 
_reflns.pdbx_CC_half                     0.999 
_reflns.pdbx_R_split                     ? 
# 
loop_
_reflns_shell.d_res_high 
_reflns_shell.d_res_low 
_reflns_shell.meanI_over_sigI_all 
_reflns_shell.meanI_over_sigI_obs 
_reflns_shell.number_measured_all 
_reflns_shell.number_measured_obs 
_reflns_shell.number_possible 
_reflns_shell.number_unique_all 
_reflns_shell.number_unique_obs 
_reflns_shell.percent_possible_all 
_reflns_shell.percent_possible_obs 
_reflns_shell.Rmerge_F_all 
_reflns_shell.Rmerge_F_obs 
_reflns_shell.Rmerge_I_all 
_reflns_shell.Rmerge_I_obs 
_reflns_shell.meanI_over_sigI_gt 
_reflns_shell.meanI_over_uI_all 
_reflns_shell.meanI_over_uI_gt 
_reflns_shell.number_measured_gt 
_reflns_shell.number_unique_gt 
_reflns_shell.percent_possible_gt 
_reflns_shell.Rmerge_F_gt 
_reflns_shell.Rmerge_I_gt 
_reflns_shell.pdbx_redundancy 
_reflns_shell.pdbx_Rsym_value 
_reflns_shell.pdbx_chi_squared 
_reflns_shell.pdbx_netI_over_sigmaI_all 
_reflns_shell.pdbx_netI_over_sigmaI_obs 
_reflns_shell.pdbx_Rrim_I_all 
_reflns_shell.pdbx_Rpim_I_all 
_reflns_shell.pdbx_rejects 
_reflns_shell.pdbx_ordinal 
_reflns_shell.pdbx_diffrn_id 
_reflns_shell.pdbx_CC_half 
_reflns_shell.pdbx_R_split 
1.130 1.150  ? 4.600  6485 ? ? 986 ? 98.300 ? ? ? ? 0.378 ? ? ? ? ? ? ? ? 6.600 ? ? ? ? ? 0.157 0 1 1 0.905 ? 
6.080 32.020 ? 24.800 447  ? ? 105 ? 65.400 ? ? ? ? 0.032 ? ? ? ? ? ? ? ? 4.300 ? ? ? ? ? 0.016 0 2 1 0.998 ? 
# 
_refine.aniso_B[1][1]                            ? 
_refine.aniso_B[1][2]                            ? 
_refine.aniso_B[1][3]                            ? 
_refine.aniso_B[2][2]                            ? 
_refine.aniso_B[2][3]                            ? 
_refine.aniso_B[3][3]                            ? 
_refine.B_iso_max                                59.970 
_refine.B_iso_mean                               14.6927 
_refine.B_iso_min                                5.880 
_refine.correlation_coeff_Fo_to_Fc               ? 
_refine.correlation_coeff_Fo_to_Fc_free          ? 
_refine.details                                  'THE ENTRY CONTAINS FRIEDEL PAIRS IN F_PLUS/MINUS AND I_PLUS/MINUS COLUMNS' 
_refine.diff_density_max                         ? 
_refine.diff_density_max_esd                     ? 
_refine.diff_density_min                         ? 
_refine.diff_density_min_esd                     ? 
_refine.diff_density_rms                         ? 
_refine.diff_density_rms_esd                     ? 
_refine.entry_id                                 5AXF 
_refine.pdbx_refine_id                           'X-RAY DIFFRACTION' 
_refine.ls_abs_structure_details                 ? 
_refine.ls_abs_structure_Flack                   ? 
_refine.ls_abs_structure_Flack_esd               ? 
_refine.ls_abs_structure_Rogers                  ? 
_refine.ls_abs_structure_Rogers_esd              ? 
_refine.ls_d_res_high                            1.13 
_refine.ls_d_res_low                             22.7250 
_refine.ls_extinction_coef                       ? 
_refine.ls_extinction_coef_esd                   ? 
_refine.ls_extinction_expression                 ? 
_refine.ls_extinction_method                     ? 
_refine.ls_goodness_of_fit_all                   ? 
_refine.ls_goodness_of_fit_all_esd               ? 
_refine.ls_goodness_of_fit_obs                   ? 
_refine.ls_goodness_of_fit_obs_esd               ? 
_refine.ls_hydrogen_treatment                    ? 
_refine.ls_matrix_type                           ? 
_refine.ls_number_constraints                    ? 
_refine.ls_number_parameters                     ? 
_refine.ls_number_reflns_all                     ? 
_refine.ls_number_reflns_obs                     19277 
_refine.ls_number_reflns_R_free                  1783 
_refine.ls_number_reflns_R_work                  34211 
_refine.ls_number_restraints                     ? 
_refine.ls_percent_reflns_obs                    98.5800 
_refine.ls_percent_reflns_R_free                 4.9500 
_refine.ls_R_factor_all                          ? 
_refine.ls_R_factor_obs                          0.1312 
_refine.ls_R_factor_R_free                       0.1448 
_refine.ls_R_factor_R_free_error                 ? 
_refine.ls_R_factor_R_free_error_details         ? 
_refine.ls_R_factor_R_work                       0.1305 
_refine.ls_R_Fsqd_factor_obs                     ? 
_refine.ls_R_I_factor_obs                        ? 
_refine.ls_redundancy_reflns_all                 ? 
_refine.ls_redundancy_reflns_obs                 ? 
_refine.ls_restrained_S_all                      ? 
_refine.ls_restrained_S_obs                      ? 
_refine.ls_shift_over_esd_max                    ? 
_refine.ls_shift_over_esd_mean                   ? 
_refine.ls_structure_factor_coef                 ? 
_refine.ls_weighting_details                     ? 
_refine.ls_weighting_scheme                      ? 
_refine.ls_wR_factor_all                         ? 
_refine.ls_wR_factor_obs                         ? 
_refine.ls_wR_factor_R_free                      ? 
_refine.ls_wR_factor_R_work                      ? 
_refine.occupancy_max                            ? 
_refine.occupancy_min                            ? 
_refine.solvent_model_details                    'FLAT BULK SOLVENT MODEL' 
_refine.solvent_model_param_bsol                 ? 
_refine.solvent_model_param_ksol                 ? 
_refine.ls_R_factor_gt                           ? 
_refine.ls_goodness_of_fit_gt                    ? 
_refine.ls_goodness_of_fit_ref                   ? 
_refine.ls_shift_over_su_max                     ? 
_refine.ls_shift_over_su_max_lt                  ? 
_refine.ls_shift_over_su_mean                    ? 
_refine.ls_shift_over_su_mean_lt                 ? 
_refine.pdbx_ls_sigma_I                          ? 
_refine.pdbx_ls_sigma_F                          0.000 
_refine.pdbx_ls_sigma_Fsqd                       ? 
_refine.pdbx_data_cutoff_high_absF               ? 
_refine.pdbx_data_cutoff_high_rms_absF           ? 
_refine.pdbx_data_cutoff_low_absF                ? 
_refine.pdbx_isotropic_thermal_model             ? 
_refine.pdbx_ls_cross_valid_method               'FREE R-VALUE' 
_refine.pdbx_method_to_determine_struct          'MOLECULAR REPLACEMENT' 
_refine.pdbx_starting_model                      ? 
_refine.pdbx_stereochemistry_target_values       ML 
_refine.pdbx_R_Free_selection_details            ? 
_refine.pdbx_stereochem_target_val_spec_case     ? 
_refine.pdbx_overall_ESU_R                       ? 
_refine.pdbx_overall_ESU_R_Free                  ? 
_refine.pdbx_solvent_vdw_probe_radii             1.1100 
_refine.pdbx_solvent_ion_probe_radii             ? 
_refine.pdbx_solvent_shrinkage_radii             0.9000 
_refine.pdbx_real_space_R                        ? 
_refine.pdbx_density_correlation                 ? 
_refine.pdbx_pd_number_of_powder_patterns        ? 
_refine.pdbx_pd_number_of_points                 ? 
_refine.pdbx_pd_meas_number_of_points            ? 
_refine.pdbx_pd_proc_ls_prof_R_factor            ? 
_refine.pdbx_pd_proc_ls_prof_wR_factor           ? 
_refine.pdbx_pd_Marquardt_correlation_coeff      ? 
_refine.pdbx_pd_Fsqrd_R_factor                   ? 
_refine.pdbx_pd_ls_matrix_band_width             ? 
_refine.pdbx_overall_phase_error                 11.5800 
_refine.pdbx_overall_SU_R_free_Cruickshank_DPI   ? 
_refine.pdbx_overall_SU_R_free_Blow_DPI          ? 
_refine.pdbx_overall_SU_R_Blow_DPI               ? 
_refine.pdbx_TLS_residual_ADP_flag               ? 
_refine.pdbx_diffrn_id                           1 
_refine.overall_SU_B                             ? 
_refine.overall_SU_ML                            0.0700 
_refine.overall_SU_R_Cruickshank_DPI             ? 
_refine.overall_SU_R_free                        ? 
_refine.overall_FOM_free_R_set                   ? 
_refine.overall_FOM_work_R_set                   ? 
_refine.pdbx_average_fsc_overall                 ? 
_refine.pdbx_average_fsc_work                    ? 
_refine.pdbx_average_fsc_free                    ? 
# 
_refine_hist.cycle_id                         final 
_refine_hist.pdbx_refine_id                   'X-RAY DIFFRACTION' 
_refine_hist.d_res_high                       1.13 
_refine_hist.d_res_low                        22.7250 
_refine_hist.pdbx_number_atoms_ligand         0 
_refine_hist.number_atoms_solvent             131 
_refine_hist.number_atoms_total               547 
_refine_hist.pdbx_number_residues_total       20 
_refine_hist.pdbx_B_iso_mean_solvent          28.58 
_refine_hist.pdbx_number_atoms_protein        0 
_refine_hist.pdbx_number_atoms_nucleic_acid   416 
# 
loop_
_refine_ls_restr.pdbx_refine_id 
_refine_ls_restr.criterion 
_refine_ls_restr.dev_ideal 
_refine_ls_restr.dev_ideal_target 
_refine_ls_restr.number 
_refine_ls_restr.rejects 
_refine_ls_restr.type 
_refine_ls_restr.weight 
_refine_ls_restr.pdbx_restraint_function 
'X-RAY DIFFRACTION' ? 0.018  ? 560 ? f_bond_d           ? ? 
'X-RAY DIFFRACTION' ? 2.096  ? 874 ? f_angle_d          ? ? 
'X-RAY DIFFRACTION' ? 0.081  ? 94  ? f_chiral_restr     ? ? 
'X-RAY DIFFRACTION' ? 0.032  ? 24  ? f_plane_restr      ? ? 
'X-RAY DIFFRACTION' ? 14.742 ? 250 ? f_dihedral_angle_d ? ? 
# 
loop_
_refine_ls_shell.pdbx_refine_id 
_refine_ls_shell.d_res_high 
_refine_ls_shell.d_res_low 
_refine_ls_shell.number_reflns_all 
_refine_ls_shell.number_reflns_obs 
_refine_ls_shell.number_reflns_R_free 
_refine_ls_shell.number_reflns_R_work 
_refine_ls_shell.percent_reflns_obs 
_refine_ls_shell.percent_reflns_R_free 
_refine_ls_shell.R_factor_all 
_refine_ls_shell.R_factor_obs 
_refine_ls_shell.R_factor_R_free 
_refine_ls_shell.R_factor_R_free_error 
_refine_ls_shell.R_factor_R_work 
_refine_ls_shell.redundancy_reflns_all 
_refine_ls_shell.redundancy_reflns_obs 
_refine_ls_shell.wR_factor_all 
_refine_ls_shell.wR_factor_obs 
_refine_ls_shell.wR_factor_R_free 
_refine_ls_shell.wR_factor_R_work 
_refine_ls_shell.pdbx_total_number_of_bins_used 
_refine_ls_shell.pdbx_phase_error 
_refine_ls_shell.pdbx_fsc_work 
_refine_ls_shell.pdbx_fsc_free 
'X-RAY DIFFRACTION' 1.1286 1.1591  2832 . 133 2699 99.0000  . . . 0.2147 . 0.1738 . . . . . . 13 . . . 
'X-RAY DIFFRACTION' 1.1591 1.1932  2770 . 165 2605 100.0000 . . . 0.1757 . 0.1515 . . . . . . 13 . . . 
'X-RAY DIFFRACTION' 1.1932 1.2317  2823 . 176 2647 100.0000 . . . 0.1555 . 0.1368 . . . . . . 13 . . . 
'X-RAY DIFFRACTION' 1.2317 1.2758  2784 . 141 2643 100.0000 . . . 0.1507 . 0.1245 . . . . . . 13 . . . 
'X-RAY DIFFRACTION' 1.2758 1.3268  2818 . 141 2677 100.0000 . . . 0.1323 . 0.1236 . . . . . . 13 . . . 
'X-RAY DIFFRACTION' 1.3268 1.3872  2827 . 135 2692 100.0000 . . . 0.1223 . 0.1236 . . . . . . 13 . . . 
'X-RAY DIFFRACTION' 1.3872 1.4603  2794 . 146 2648 100.0000 . . . 0.1323 . 0.1097 . . . . . . 13 . . . 
'X-RAY DIFFRACTION' 1.4603 1.5518  2803 . 129 2674 100.0000 . . . 0.1393 . 0.1088 . . . . . . 13 . . . 
'X-RAY DIFFRACTION' 1.5518 1.6716  2803 . 140 2663 100.0000 . . . 0.1418 . 0.0987 . . . . . . 13 . . . 
'X-RAY DIFFRACTION' 1.6716 1.8397  2807 . 128 2679 100.0000 . . . 0.1194 . 0.1032 . . . . . . 13 . . . 
'X-RAY DIFFRACTION' 1.8397 2.1058  2781 . 103 2678 100.0000 . . . 0.1471 . 0.1235 . . . . . . 13 . . . 
'X-RAY DIFFRACTION' 2.1058 2.6524  2832 . 144 2688 100.0000 . . . 0.1422 . 0.1502 . . . . . . 13 . . . 
'X-RAY DIFFRACTION' 2.6524 22.7296 2320 . 102 2218 83.0000  . . . 0.1530 . 0.1524 . . . . . . 13 . . . 
# 
_struct.entry_id                     5AXF 
_struct.title                        
'Crystal Structure Analysis of DNA Duplexes containing sulfoamide-bridged nucleic acid (SuNA-NMe)' 
_struct.pdbx_model_details           ? 
_struct.pdbx_formula_weight          ? 
_struct.pdbx_formula_weight_method   ? 
_struct.pdbx_model_type_details      ? 
_struct.pdbx_CASP_flag               ? 
# 
_struct_keywords.entry_id        5AXF 
_struct_keywords.text            'A-FORM DNA, SULFONAMIDE-BRIDGED NUCLEIC ACID, SuNA[NMe], ANTISENSE, DNA' 
_struct_keywords.pdbx_keywords   DNA 
# 
loop_
_struct_asym.id 
_struct_asym.pdbx_blank_PDB_chainid_flag 
_struct_asym.pdbx_modified 
_struct_asym.entity_id 
_struct_asym.details 
A N N 1 ? 
B N N 1 ? 
C N N 2 ? 
D N N 2 ? 
# 
_struct_ref.id                         1 
_struct_ref.db_name                    PDB 
_struct_ref.db_code                    5AXF 
_struct_ref.pdbx_db_accession          5AXF 
_struct_ref.pdbx_db_isoform            ? 
_struct_ref.entity_id                  1 
_struct_ref.pdbx_seq_one_letter_code   ? 
_struct_ref.pdbx_align_begin           1 
# 
loop_
_struct_ref_seq.align_id 
_struct_ref_seq.ref_id 
_struct_ref_seq.pdbx_PDB_id_code 
_struct_ref_seq.pdbx_strand_id 
_struct_ref_seq.seq_align_beg 
_struct_ref_seq.pdbx_seq_align_beg_ins_code 
_struct_ref_seq.seq_align_end 
_struct_ref_seq.pdbx_seq_align_end_ins_code 
_struct_ref_seq.pdbx_db_accession 
_struct_ref_seq.db_align_beg 
_struct_ref_seq.pdbx_db_align_beg_ins_code 
_struct_ref_seq.db_align_end 
_struct_ref_seq.pdbx_db_align_end_ins_code 
_struct_ref_seq.pdbx_auth_seq_align_beg 
_struct_ref_seq.pdbx_auth_seq_align_end 
1 1 5AXF A 1 ? 10 ? 5AXF 1  ? 10 ? 1  10 
2 1 5AXF B 1 ? 10 ? 5AXF 11 ? 20 ? 11 20 
# 
_pdbx_struct_assembly.id                   1 
_pdbx_struct_assembly.details              author_and_software_defined_assembly 
_pdbx_struct_assembly.method_details       PISA 
_pdbx_struct_assembly.oligomeric_details   dimeric 
_pdbx_struct_assembly.oligomeric_count     2 
# 
loop_
_pdbx_struct_assembly_prop.biol_id 
_pdbx_struct_assembly_prop.type 
_pdbx_struct_assembly_prop.value 
_pdbx_struct_assembly_prop.details 
1 'ABSA (A^2)' 960  ? 
1 MORE         -2   ? 
1 'SSA (A^2)'  3810 ? 
# 
_pdbx_struct_assembly_gen.assembly_id       1 
_pdbx_struct_assembly_gen.oper_expression   1 
_pdbx_struct_assembly_gen.asym_id_list      A,B,C,D 
# 
_pdbx_struct_oper_list.id                   1 
_pdbx_struct_oper_list.type                 'identity operation' 
_pdbx_struct_oper_list.name                 1_555 
_pdbx_struct_oper_list.symmetry_operation   x,y,z 
_pdbx_struct_oper_list.matrix[1][1]         1.0000000000 
_pdbx_struct_oper_list.matrix[1][2]         0.0000000000 
_pdbx_struct_oper_list.matrix[1][3]         0.0000000000 
_pdbx_struct_oper_list.vector[1]            0.0000000000 
_pdbx_struct_oper_list.matrix[2][1]         0.0000000000 
_pdbx_struct_oper_list.matrix[2][2]         1.0000000000 
_pdbx_struct_oper_list.matrix[2][3]         0.0000000000 
_pdbx_struct_oper_list.vector[2]            0.0000000000 
_pdbx_struct_oper_list.matrix[3][1]         0.0000000000 
_pdbx_struct_oper_list.matrix[3][2]         0.0000000000 
_pdbx_struct_oper_list.matrix[3][3]         1.0000000000 
_pdbx_struct_oper_list.vector[3]            0.0000000000 
# 
loop_
_struct_conn.id 
_struct_conn.conn_type_id 
_struct_conn.pdbx_leaving_atom_flag 
_struct_conn.pdbx_PDB_id 
_struct_conn.ptnr1_label_asym_id 
_struct_conn.ptnr1_label_comp_id 
_struct_conn.ptnr1_label_seq_id 
_struct_conn.ptnr1_label_atom_id 
_struct_conn.pdbx_ptnr1_label_alt_id 
_struct_conn.pdbx_ptnr1_PDB_ins_code 
_struct_conn.pdbx_ptnr1_standard_comp_id 
_struct_conn.ptnr1_symmetry 
_struct_conn.ptnr2_label_asym_id 
_struct_conn.ptnr2_label_comp_id 
_struct_conn.ptnr2_label_seq_id 
_struct_conn.ptnr2_label_atom_id 
_struct_conn.pdbx_ptnr2_label_alt_id 
_struct_conn.pdbx_ptnr2_PDB_ins_code 
_struct_conn.ptnr1_auth_asym_id 
_struct_conn.ptnr1_auth_comp_id 
_struct_conn.ptnr1_auth_seq_id 
_struct_conn.ptnr2_auth_asym_id 
_struct_conn.ptnr2_auth_comp_id 
_struct_conn.ptnr2_auth_seq_id 
_struct_conn.ptnr2_symmetry 
_struct_conn.pdbx_ptnr3_label_atom_id 
_struct_conn.pdbx_ptnr3_label_seq_id 
_struct_conn.pdbx_ptnr3_label_comp_id 
_struct_conn.pdbx_ptnr3_label_asym_id 
_struct_conn.pdbx_ptnr3_label_alt_id 
_struct_conn.pdbx_ptnr3_PDB_ins_code 
_struct_conn.details 
_struct_conn.pdbx_dist_value 
_struct_conn.pdbx_value_order 
_struct_conn.pdbx_role 
covale1  covale one ? A DA  5  "O3'" ? ? ? 1_555 A LST 6  P  ? ? A DA  5  A LST 6  1_555 ? ? ? ? ? ? ?            1.609 ? ? 
covale2  covale one ? A LST 6  "O3'" ? ? ? 1_555 A DA  7  P  ? ? A LST 6  A DA  7  1_555 ? ? ? ? ? ? ?            1.613 ? ? 
covale3  covale one ? B DA  5  "O3'" ? ? ? 1_555 B LST 6  P  ? ? B DA  15 B LST 16 1_555 ? ? ? ? ? ? ?            1.585 ? ? 
covale4  covale one ? B LST 6  "O3'" ? ? ? 1_555 B DA  7  P  ? ? B LST 16 B DA  17 1_555 ? ? ? ? ? ? ?            1.626 ? ? 
hydrog1  hydrog ?   ? A DG  1  N1    ? ? ? 1_555 B DC  10 N3 ? ? A DG  1  B DC  20 1_555 ? ? ? ? ? ? WATSON-CRICK ?     ? ? 
hydrog2  hydrog ?   ? A DG  1  N2    ? ? ? 1_555 B DC  10 O2 ? ? A DG  1  B DC  20 1_555 ? ? ? ? ? ? WATSON-CRICK ?     ? ? 
hydrog3  hydrog ?   ? A DG  1  O6    ? ? ? 1_555 B DC  10 N4 ? ? A DG  1  B DC  20 1_555 ? ? ? ? ? ? WATSON-CRICK ?     ? ? 
hydrog4  hydrog ?   ? A DC  2  N3    A ? ? 1_555 B DG  9  N1 A ? A DC  2  B DG  19 1_555 ? ? ? ? ? ? WATSON-CRICK ?     ? ? 
hydrog5  hydrog ?   ? A DC  2  N4    A ? ? 1_555 B DG  9  O6 A ? A DC  2  B DG  19 1_555 ? ? ? ? ? ? WATSON-CRICK ?     ? ? 
hydrog6  hydrog ?   ? A DC  2  O2    A ? ? 1_555 B DG  9  N2 A ? A DC  2  B DG  19 1_555 ? ? ? ? ? ? WATSON-CRICK ?     ? ? 
hydrog7  hydrog ?   ? A DG  3  N1    A ? ? 1_555 B DC  8  N3 A ? A DG  3  B DC  18 1_555 ? ? ? ? ? ? WATSON-CRICK ?     ? ? 
hydrog8  hydrog ?   ? A DG  3  N2    A ? ? 1_555 B DC  8  O2 A ? A DG  3  B DC  18 1_555 ? ? ? ? ? ? WATSON-CRICK ?     ? ? 
hydrog9  hydrog ?   ? A DG  3  O6    A ? ? 1_555 B DC  8  N4 A ? A DG  3  B DC  18 1_555 ? ? ? ? ? ? WATSON-CRICK ?     ? ? 
hydrog10 hydrog ?   ? A DT  4  N3    ? ? ? 1_555 B DA  7  N1 ? ? A DT  4  B DA  17 1_555 ? ? ? ? ? ? WATSON-CRICK ?     ? ? 
hydrog11 hydrog ?   ? A DT  4  O4    ? ? ? 1_555 B DA  7  N6 ? ? A DT  4  B DA  17 1_555 ? ? ? ? ? ? WATSON-CRICK ?     ? ? 
hydrog12 hydrog ?   ? A DA  5  N1    ? ? ? 1_555 B LST 6  N3 ? ? A DA  5  B LST 16 1_555 ? ? ? ? ? ? WATSON-CRICK ?     ? ? 
hydrog13 hydrog ?   ? A DA  5  N6    ? ? ? 1_555 B LST 6  O4 ? ? A DA  5  B LST 16 1_555 ? ? ? ? ? ? WATSON-CRICK ?     ? ? 
hydrog14 hydrog ?   ? A LST 6  N3    ? ? ? 1_555 B DA  5  N1 ? ? A LST 6  B DA  15 1_555 ? ? ? ? ? ? WATSON-CRICK ?     ? ? 
hydrog15 hydrog ?   ? A LST 6  O4    ? ? ? 1_555 B DA  5  N6 ? ? A LST 6  B DA  15 1_555 ? ? ? ? ? ? WATSON-CRICK ?     ? ? 
hydrog16 hydrog ?   ? A DA  7  N1    ? ? ? 1_555 B DT  4  N3 ? ? A DA  7  B DT  14 1_555 ? ? ? ? ? ? WATSON-CRICK ?     ? ? 
hydrog17 hydrog ?   ? A DA  7  N6    ? ? ? 1_555 B DT  4  O4 ? ? A DA  7  B DT  14 1_555 ? ? ? ? ? ? WATSON-CRICK ?     ? ? 
hydrog18 hydrog ?   ? A DC  8  N3    ? ? ? 1_555 B DG  3  N1 ? ? A DC  8  B DG  13 1_555 ? ? ? ? ? ? WATSON-CRICK ?     ? ? 
hydrog19 hydrog ?   ? A DC  8  N4    ? ? ? 1_555 B DG  3  O6 ? ? A DC  8  B DG  13 1_555 ? ? ? ? ? ? WATSON-CRICK ?     ? ? 
hydrog20 hydrog ?   ? A DC  8  O2    ? ? ? 1_555 B DG  3  N2 ? ? A DC  8  B DG  13 1_555 ? ? ? ? ? ? WATSON-CRICK ?     ? ? 
hydrog21 hydrog ?   ? A DG  9  N1    ? ? ? 1_555 B DC  2  N3 ? ? A DG  9  B DC  12 1_555 ? ? ? ? ? ? WATSON-CRICK ?     ? ? 
hydrog22 hydrog ?   ? A DG  9  N2    ? ? ? 1_555 B DC  2  O2 ? ? A DG  9  B DC  12 1_555 ? ? ? ? ? ? WATSON-CRICK ?     ? ? 
hydrog23 hydrog ?   ? A DG  9  O6    ? ? ? 1_555 B DC  2  N4 ? ? A DG  9  B DC  12 1_555 ? ? ? ? ? ? WATSON-CRICK ?     ? ? 
hydrog24 hydrog ?   ? A DC  10 N3    ? ? ? 1_555 B DG  1  N1 ? ? A DC  10 B DG  11 1_555 ? ? ? ? ? ? WATSON-CRICK ?     ? ? 
hydrog25 hydrog ?   ? A DC  10 N4    ? ? ? 1_555 B DG  1  O6 ? ? A DC  10 B DG  11 1_555 ? ? ? ? ? ? WATSON-CRICK ?     ? ? 
hydrog26 hydrog ?   ? A DC  10 O2    ? ? ? 1_555 B DG  1  N2 ? ? A DC  10 B DG  11 1_555 ? ? ? ? ? ? WATSON-CRICK ?     ? ? 
# 
loop_
_struct_conn_type.id 
_struct_conn_type.criteria 
_struct_conn_type.reference 
covale ? ? 
hydrog ? ? 
# 
loop_
_pdbx_validate_close_contact.id 
_pdbx_validate_close_contact.PDB_model_num 
_pdbx_validate_close_contact.auth_atom_id_1 
_pdbx_validate_close_contact.auth_asym_id_1 
_pdbx_validate_close_contact.auth_comp_id_1 
_pdbx_validate_close_contact.auth_seq_id_1 
_pdbx_validate_close_contact.PDB_ins_code_1 
_pdbx_validate_close_contact.label_alt_id_1 
_pdbx_validate_close_contact.auth_atom_id_2 
_pdbx_validate_close_contact.auth_asym_id_2 
_pdbx_validate_close_contact.auth_comp_id_2 
_pdbx_validate_close_contact.auth_seq_id_2 
_pdbx_validate_close_contact.PDB_ins_code_2 
_pdbx_validate_close_contact.label_alt_id_2 
_pdbx_validate_close_contact.dist 
1 1 O B HOH 125 ? ? O B HOH 133 ? ? 1.85 
2 1 O B HOH 102 ? ? O B HOH 107 ? ? 2.09 
3 1 O A HOH 132 ? ? O B HOH 143 ? ? 2.09 
4 1 O B HOH 110 ? ? O B HOH 143 ? ? 2.14 
# 
_pdbx_validate_symm_contact.id                1 
_pdbx_validate_symm_contact.PDB_model_num     1 
_pdbx_validate_symm_contact.auth_atom_id_1    O 
_pdbx_validate_symm_contact.auth_asym_id_1    A 
_pdbx_validate_symm_contact.auth_comp_id_1    HOH 
_pdbx_validate_symm_contact.auth_seq_id_1     173 
_pdbx_validate_symm_contact.PDB_ins_code_1    ? 
_pdbx_validate_symm_contact.label_alt_id_1    ? 
_pdbx_validate_symm_contact.site_symmetry_1   1_555 
_pdbx_validate_symm_contact.auth_atom_id_2    O 
_pdbx_validate_symm_contact.auth_asym_id_2    B 
_pdbx_validate_symm_contact.auth_comp_id_2    HOH 
_pdbx_validate_symm_contact.auth_seq_id_2     158 
_pdbx_validate_symm_contact.PDB_ins_code_2    ? 
_pdbx_validate_symm_contact.label_alt_id_2    ? 
_pdbx_validate_symm_contact.site_symmetry_2   1_455 
_pdbx_validate_symm_contact.dist              2.14 
# 
_pdbx_validate_rmsd_bond.id                        1 
_pdbx_validate_rmsd_bond.PDB_model_num             1 
_pdbx_validate_rmsd_bond.auth_atom_id_1            N7 
_pdbx_validate_rmsd_bond.auth_asym_id_1            B 
_pdbx_validate_rmsd_bond.auth_comp_id_1            DG 
_pdbx_validate_rmsd_bond.auth_seq_id_1             13 
_pdbx_validate_rmsd_bond.PDB_ins_code_1            ? 
_pdbx_validate_rmsd_bond.label_alt_id_1            ? 
_pdbx_validate_rmsd_bond.auth_atom_id_2            C8 
_pdbx_validate_rmsd_bond.auth_asym_id_2            B 
_pdbx_validate_rmsd_bond.auth_comp_id_2            DG 
_pdbx_validate_rmsd_bond.auth_seq_id_2             13 
_pdbx_validate_rmsd_bond.PDB_ins_code_2            ? 
_pdbx_validate_rmsd_bond.label_alt_id_2            ? 
_pdbx_validate_rmsd_bond.bond_value                1.347 
_pdbx_validate_rmsd_bond.bond_target_value         1.305 
_pdbx_validate_rmsd_bond.bond_deviation            0.042 
_pdbx_validate_rmsd_bond.bond_standard_deviation   0.006 
_pdbx_validate_rmsd_bond.linker_flag               N 
# 
_pdbx_validate_rmsd_angle.id                         1 
_pdbx_validate_rmsd_angle.PDB_model_num              1 
_pdbx_validate_rmsd_angle.auth_atom_id_1             "O4'" 
_pdbx_validate_rmsd_angle.auth_asym_id_1             A 
_pdbx_validate_rmsd_angle.auth_comp_id_1             DC 
_pdbx_validate_rmsd_angle.auth_seq_id_1              8 
_pdbx_validate_rmsd_angle.PDB_ins_code_1             ? 
_pdbx_validate_rmsd_angle.label_alt_id_1             ? 
_pdbx_validate_rmsd_angle.auth_atom_id_2             "C1'" 
_pdbx_validate_rmsd_angle.auth_asym_id_2             A 
_pdbx_validate_rmsd_angle.auth_comp_id_2             DC 
_pdbx_validate_rmsd_angle.auth_seq_id_2              8 
_pdbx_validate_rmsd_angle.PDB_ins_code_2             ? 
_pdbx_validate_rmsd_angle.label_alt_id_2             ? 
_pdbx_validate_rmsd_angle.auth_atom_id_3             N1 
_pdbx_validate_rmsd_angle.auth_asym_id_3             A 
_pdbx_validate_rmsd_angle.auth_comp_id_3             DC 
_pdbx_validate_rmsd_angle.auth_seq_id_3              8 
_pdbx_validate_rmsd_angle.PDB_ins_code_3             ? 
_pdbx_validate_rmsd_angle.label_alt_id_3             ? 
_pdbx_validate_rmsd_angle.angle_value                110.71 
_pdbx_validate_rmsd_angle.angle_target_value         108.30 
_pdbx_validate_rmsd_angle.angle_deviation            2.41 
_pdbx_validate_rmsd_angle.angle_standard_deviation   0.30 
_pdbx_validate_rmsd_angle.linker_flag                N 
# 
_pdbx_validate_planes.id              1 
_pdbx_validate_planes.PDB_model_num   1 
_pdbx_validate_planes.auth_comp_id    DG 
_pdbx_validate_planes.auth_asym_id    A 
_pdbx_validate_planes.auth_seq_id     3 
_pdbx_validate_planes.PDB_ins_code    ? 
_pdbx_validate_planes.label_alt_id    A 
_pdbx_validate_planes.rmsd            0.053 
_pdbx_validate_planes.type            'SIDE CHAIN' 
# 
_phasing.method   MR 
# 
loop_
_chem_comp_atom.comp_id 
_chem_comp_atom.atom_id 
_chem_comp_atom.type_symbol 
_chem_comp_atom.pdbx_aromatic_flag 
_chem_comp_atom.pdbx_stereo_config 
_chem_comp_atom.pdbx_ordinal 
DA  OP3    O N N 1   
DA  P      P N N 2   
DA  OP1    O N N 3   
DA  OP2    O N N 4   
DA  "O5'"  O N N 5   
DA  "C5'"  C N N 6   
DA  "C4'"  C N R 7   
DA  "O4'"  O N N 8   
DA  "C3'"  C N S 9   
DA  "O3'"  O N N 10  
DA  "C2'"  C N N 11  
DA  "C1'"  C N R 12  
DA  N9     N Y N 13  
DA  C8     C Y N 14  
DA  N7     N Y N 15  
DA  C5     C Y N 16  
DA  C6     C Y N 17  
DA  N6     N N N 18  
DA  N1     N Y N 19  
DA  C2     C Y N 20  
DA  N3     N Y N 21  
DA  C4     C Y N 22  
DA  HOP3   H N N 23  
DA  HOP2   H N N 24  
DA  "H5'"  H N N 25  
DA  "H5''" H N N 26  
DA  "H4'"  H N N 27  
DA  "H3'"  H N N 28  
DA  "HO3'" H N N 29  
DA  "H2'"  H N N 30  
DA  "H2''" H N N 31  
DA  "H1'"  H N N 32  
DA  H8     H N N 33  
DA  H61    H N N 34  
DA  H62    H N N 35  
DA  H2     H N N 36  
DC  OP3    O N N 37  
DC  P      P N N 38  
DC  OP1    O N N 39  
DC  OP2    O N N 40  
DC  "O5'"  O N N 41  
DC  "C5'"  C N N 42  
DC  "C4'"  C N R 43  
DC  "O4'"  O N N 44  
DC  "C3'"  C N S 45  
DC  "O3'"  O N N 46  
DC  "C2'"  C N N 47  
DC  "C1'"  C N R 48  
DC  N1     N N N 49  
DC  C2     C N N 50  
DC  O2     O N N 51  
DC  N3     N N N 52  
DC  C4     C N N 53  
DC  N4     N N N 54  
DC  C5     C N N 55  
DC  C6     C N N 56  
DC  HOP3   H N N 57  
DC  HOP2   H N N 58  
DC  "H5'"  H N N 59  
DC  "H5''" H N N 60  
DC  "H4'"  H N N 61  
DC  "H3'"  H N N 62  
DC  "HO3'" H N N 63  
DC  "H2'"  H N N 64  
DC  "H2''" H N N 65  
DC  "H1'"  H N N 66  
DC  H41    H N N 67  
DC  H42    H N N 68  
DC  H5     H N N 69  
DC  H6     H N N 70  
DG  OP3    O N N 71  
DG  P      P N N 72  
DG  OP1    O N N 73  
DG  OP2    O N N 74  
DG  "O5'"  O N N 75  
DG  "C5'"  C N N 76  
DG  "C4'"  C N R 77  
DG  "O4'"  O N N 78  
DG  "C3'"  C N S 79  
DG  "O3'"  O N N 80  
DG  "C2'"  C N N 81  
DG  "C1'"  C N R 82  
DG  N9     N Y N 83  
DG  C8     C Y N 84  
DG  N7     N Y N 85  
DG  C5     C Y N 86  
DG  C6     C N N 87  
DG  O6     O N N 88  
DG  N1     N N N 89  
DG  C2     C N N 90  
DG  N2     N N N 91  
DG  N3     N N N 92  
DG  C4     C Y N 93  
DG  HOP3   H N N 94  
DG  HOP2   H N N 95  
DG  "H5'"  H N N 96  
DG  "H5''" H N N 97  
DG  "H4'"  H N N 98  
DG  "H3'"  H N N 99  
DG  "HO3'" H N N 100 
DG  "H2'"  H N N 101 
DG  "H2''" H N N 102 
DG  "H1'"  H N N 103 
DG  H8     H N N 104 
DG  H1     H N N 105 
DG  H21    H N N 106 
DG  H22    H N N 107 
DT  OP3    O N N 108 
DT  P      P N N 109 
DT  OP1    O N N 110 
DT  OP2    O N N 111 
DT  "O5'"  O N N 112 
DT  "C5'"  C N N 113 
DT  "C4'"  C N R 114 
DT  "O4'"  O N N 115 
DT  "C3'"  C N S 116 
DT  "O3'"  O N N 117 
DT  "C2'"  C N N 118 
DT  "C1'"  C N R 119 
DT  N1     N N N 120 
DT  C2     C N N 121 
DT  O2     O N N 122 
DT  N3     N N N 123 
DT  C4     C N N 124 
DT  O4     O N N 125 
DT  C5     C N N 126 
DT  C7     C N N 127 
DT  C6     C N N 128 
DT  HOP3   H N N 129 
DT  HOP2   H N N 130 
DT  "H5'"  H N N 131 
DT  "H5''" H N N 132 
DT  "H4'"  H N N 133 
DT  "H3'"  H N N 134 
DT  "HO3'" H N N 135 
DT  "H2'"  H N N 136 
DT  "H2''" H N N 137 
DT  "H1'"  H N N 138 
DT  H3     H N N 139 
DT  H71    H N N 140 
DT  H72    H N N 141 
DT  H73    H N N 142 
DT  H6     H N N 143 
HOH O      O N N 144 
HOH H1     H N N 145 
HOH H2     H N N 146 
LST C2     C N N 147 
LST C4     C N N 148 
LST C5     C N N 149 
LST C6     C N N 150 
LST "C1'"  C N R 151 
LST "C2'"  C N R 152 
LST "C3'"  C N S 153 
LST "O3'"  O N N 154 
LST "C4'"  C N R 155 
LST "C5'"  C N N 156 
LST "O5'"  O N N 157 
LST "C6'"  C N N 158 
LST P      P N N 159 
LST OP1    O N N 160 
LST OP2    O N N 161 
LST "N2'"  N N N 162 
LST "C7'"  C N N 163 
LST S      S N N 164 
LST "O7'"  O N N 165 
LST "O8'"  O N N 166 
LST "O4'"  O N N 167 
LST N1     N N N 168 
LST C7     C N N 169 
LST N3     N N N 170 
LST O2     O N N 171 
LST O4     O N N 172 
LST H1     H N N 173 
LST H2     H N N 174 
LST H3     H N N 175 
LST H4     H N N 176 
LST H5     H N N 177 
LST H6     H N N 178 
LST H7     H N N 179 
LST H8     H N N 180 
LST H9     H N N 181 
LST H11    H N N 182 
LST H12    H N N 183 
LST H13    H N N 184 
LST H14    H N N 185 
LST H15    H N N 186 
LST H16    H N N 187 
LST H17    H N N 188 
LST H18    H N N 189 
LST OP3    O N N 190 
LST H10    H N N 191 
# 
loop_
_chem_comp_bond.comp_id 
_chem_comp_bond.atom_id_1 
_chem_comp_bond.atom_id_2 
_chem_comp_bond.value_order 
_chem_comp_bond.pdbx_aromatic_flag 
_chem_comp_bond.pdbx_stereo_config 
_chem_comp_bond.pdbx_ordinal 
DA  OP3   P      sing N N 1   
DA  OP3   HOP3   sing N N 2   
DA  P     OP1    doub N N 3   
DA  P     OP2    sing N N 4   
DA  P     "O5'"  sing N N 5   
DA  OP2   HOP2   sing N N 6   
DA  "O5'" "C5'"  sing N N 7   
DA  "C5'" "C4'"  sing N N 8   
DA  "C5'" "H5'"  sing N N 9   
DA  "C5'" "H5''" sing N N 10  
DA  "C4'" "O4'"  sing N N 11  
DA  "C4'" "C3'"  sing N N 12  
DA  "C4'" "H4'"  sing N N 13  
DA  "O4'" "C1'"  sing N N 14  
DA  "C3'" "O3'"  sing N N 15  
DA  "C3'" "C2'"  sing N N 16  
DA  "C3'" "H3'"  sing N N 17  
DA  "O3'" "HO3'" sing N N 18  
DA  "C2'" "C1'"  sing N N 19  
DA  "C2'" "H2'"  sing N N 20  
DA  "C2'" "H2''" sing N N 21  
DA  "C1'" N9     sing N N 22  
DA  "C1'" "H1'"  sing N N 23  
DA  N9    C8     sing Y N 24  
DA  N9    C4     sing Y N 25  
DA  C8    N7     doub Y N 26  
DA  C8    H8     sing N N 27  
DA  N7    C5     sing Y N 28  
DA  C5    C6     sing Y N 29  
DA  C5    C4     doub Y N 30  
DA  C6    N6     sing N N 31  
DA  C6    N1     doub Y N 32  
DA  N6    H61    sing N N 33  
DA  N6    H62    sing N N 34  
DA  N1    C2     sing Y N 35  
DA  C2    N3     doub Y N 36  
DA  C2    H2     sing N N 37  
DA  N3    C4     sing Y N 38  
DC  OP3   P      sing N N 39  
DC  OP3   HOP3   sing N N 40  
DC  P     OP1    doub N N 41  
DC  P     OP2    sing N N 42  
DC  P     "O5'"  sing N N 43  
DC  OP2   HOP2   sing N N 44  
DC  "O5'" "C5'"  sing N N 45  
DC  "C5'" "C4'"  sing N N 46  
DC  "C5'" "H5'"  sing N N 47  
DC  "C5'" "H5''" sing N N 48  
DC  "C4'" "O4'"  sing N N 49  
DC  "C4'" "C3'"  sing N N 50  
DC  "C4'" "H4'"  sing N N 51  
DC  "O4'" "C1'"  sing N N 52  
DC  "C3'" "O3'"  sing N N 53  
DC  "C3'" "C2'"  sing N N 54  
DC  "C3'" "H3'"  sing N N 55  
DC  "O3'" "HO3'" sing N N 56  
DC  "C2'" "C1'"  sing N N 57  
DC  "C2'" "H2'"  sing N N 58  
DC  "C2'" "H2''" sing N N 59  
DC  "C1'" N1     sing N N 60  
DC  "C1'" "H1'"  sing N N 61  
DC  N1    C2     sing N N 62  
DC  N1    C6     sing N N 63  
DC  C2    O2     doub N N 64  
DC  C2    N3     sing N N 65  
DC  N3    C4     doub N N 66  
DC  C4    N4     sing N N 67  
DC  C4    C5     sing N N 68  
DC  N4    H41    sing N N 69  
DC  N4    H42    sing N N 70  
DC  C5    C6     doub N N 71  
DC  C5    H5     sing N N 72  
DC  C6    H6     sing N N 73  
DG  OP3   P      sing N N 74  
DG  OP3   HOP3   sing N N 75  
DG  P     OP1    doub N N 76  
DG  P     OP2    sing N N 77  
DG  P     "O5'"  sing N N 78  
DG  OP2   HOP2   sing N N 79  
DG  "O5'" "C5'"  sing N N 80  
DG  "C5'" "C4'"  sing N N 81  
DG  "C5'" "H5'"  sing N N 82  
DG  "C5'" "H5''" sing N N 83  
DG  "C4'" "O4'"  sing N N 84  
DG  "C4'" "C3'"  sing N N 85  
DG  "C4'" "H4'"  sing N N 86  
DG  "O4'" "C1'"  sing N N 87  
DG  "C3'" "O3'"  sing N N 88  
DG  "C3'" "C2'"  sing N N 89  
DG  "C3'" "H3'"  sing N N 90  
DG  "O3'" "HO3'" sing N N 91  
DG  "C2'" "C1'"  sing N N 92  
DG  "C2'" "H2'"  sing N N 93  
DG  "C2'" "H2''" sing N N 94  
DG  "C1'" N9     sing N N 95  
DG  "C1'" "H1'"  sing N N 96  
DG  N9    C8     sing Y N 97  
DG  N9    C4     sing Y N 98  
DG  C8    N7     doub Y N 99  
DG  C8    H8     sing N N 100 
DG  N7    C5     sing Y N 101 
DG  C5    C6     sing N N 102 
DG  C5    C4     doub Y N 103 
DG  C6    O6     doub N N 104 
DG  C6    N1     sing N N 105 
DG  N1    C2     sing N N 106 
DG  N1    H1     sing N N 107 
DG  C2    N2     sing N N 108 
DG  C2    N3     doub N N 109 
DG  N2    H21    sing N N 110 
DG  N2    H22    sing N N 111 
DG  N3    C4     sing N N 112 
DT  OP3   P      sing N N 113 
DT  OP3   HOP3   sing N N 114 
DT  P     OP1    doub N N 115 
DT  P     OP2    sing N N 116 
DT  P     "O5'"  sing N N 117 
DT  OP2   HOP2   sing N N 118 
DT  "O5'" "C5'"  sing N N 119 
DT  "C5'" "C4'"  sing N N 120 
DT  "C5'" "H5'"  sing N N 121 
DT  "C5'" "H5''" sing N N 122 
DT  "C4'" "O4'"  sing N N 123 
DT  "C4'" "C3'"  sing N N 124 
DT  "C4'" "H4'"  sing N N 125 
DT  "O4'" "C1'"  sing N N 126 
DT  "C3'" "O3'"  sing N N 127 
DT  "C3'" "C2'"  sing N N 128 
DT  "C3'" "H3'"  sing N N 129 
DT  "O3'" "HO3'" sing N N 130 
DT  "C2'" "C1'"  sing N N 131 
DT  "C2'" "H2'"  sing N N 132 
DT  "C2'" "H2''" sing N N 133 
DT  "C1'" N1     sing N N 134 
DT  "C1'" "H1'"  sing N N 135 
DT  N1    C2     sing N N 136 
DT  N1    C6     sing N N 137 
DT  C2    O2     doub N N 138 
DT  C2    N3     sing N N 139 
DT  N3    C4     sing N N 140 
DT  N3    H3     sing N N 141 
DT  C4    O4     doub N N 142 
DT  C4    C5     sing N N 143 
DT  C5    C7     sing N N 144 
DT  C5    C6     doub N N 145 
DT  C7    H71    sing N N 146 
DT  C7    H72    sing N N 147 
DT  C7    H73    sing N N 148 
DT  C6    H6     sing N N 149 
HOH O     H1     sing N N 150 
HOH O     H2     sing N N 151 
LST C7    C5     sing N N 152 
LST OP2   P      sing N N 153 
LST O4    C4     doub N N 154 
LST P     OP1    doub N N 155 
LST P     "O5'"  sing N N 156 
LST C5    C4     sing N N 157 
LST C5    C6     doub N N 158 
LST C4    N3     sing N N 159 
LST C6    N1     sing N N 160 
LST "O5'" "C5'"  sing N N 161 
LST N3    C2     sing N N 162 
LST N1    C2     sing N N 163 
LST N1    "C1'"  sing N N 164 
LST "C5'" "C4'"  sing N N 165 
LST "O4'" "C1'"  sing N N 166 
LST "O4'" "C4'"  sing N N 167 
LST C2    O2     doub N N 168 
LST "C1'" "C2'"  sing N N 169 
LST "C4'" "C3'"  sing N N 170 
LST "C4'" "C6'"  sing N N 171 
LST "C3'" "C2'"  sing N N 172 
LST "C3'" "O3'"  sing N N 173 
LST "C6'" S      sing N N 174 
LST "C2'" "N2'"  sing N N 175 
LST "O8'" S      doub N N 176 
LST S     "N2'"  sing N N 177 
LST S     "O7'"  doub N N 178 
LST "N2'" "C7'"  sing N N 179 
LST C6    H1     sing N N 180 
LST "C1'" H2     sing N N 181 
LST "C2'" H3     sing N N 182 
LST "C3'" H4     sing N N 183 
LST "O3'" H5     sing N N 184 
LST "C5'" H6     sing N N 185 
LST "C5'" H7     sing N N 186 
LST "C6'" H8     sing N N 187 
LST "C6'" H9     sing N N 188 
LST OP2   H11    sing N N 189 
LST "C7'" H12    sing N N 190 
LST "C7'" H13    sing N N 191 
LST "C7'" H14    sing N N 192 
LST C7    H15    sing N N 193 
LST C7    H16    sing N N 194 
LST C7    H17    sing N N 195 
LST N3    H18    sing N N 196 
LST P     OP3    sing N N 197 
LST OP3   H10    sing N N 198 
# 
_ndb_struct_conf_na.entry_id   5AXF 
_ndb_struct_conf_na.feature    'a-form double helix' 
# 
loop_
_ndb_struct_na_base_pair.model_number 
_ndb_struct_na_base_pair.i_label_asym_id 
_ndb_struct_na_base_pair.i_label_comp_id 
_ndb_struct_na_base_pair.i_label_seq_id 
_ndb_struct_na_base_pair.i_symmetry 
_ndb_struct_na_base_pair.j_label_asym_id 
_ndb_struct_na_base_pair.j_label_comp_id 
_ndb_struct_na_base_pair.j_label_seq_id 
_ndb_struct_na_base_pair.j_symmetry 
_ndb_struct_na_base_pair.shear 
_ndb_struct_na_base_pair.stretch 
_ndb_struct_na_base_pair.stagger 
_ndb_struct_na_base_pair.buckle 
_ndb_struct_na_base_pair.propeller 
_ndb_struct_na_base_pair.opening 
_ndb_struct_na_base_pair.pair_number 
_ndb_struct_na_base_pair.pair_name 
_ndb_struct_na_base_pair.i_auth_asym_id 
_ndb_struct_na_base_pair.i_auth_seq_id 
_ndb_struct_na_base_pair.i_PDB_ins_code 
_ndb_struct_na_base_pair.j_auth_asym_id 
_ndb_struct_na_base_pair.j_auth_seq_id 
_ndb_struct_na_base_pair.j_PDB_ins_code 
_ndb_struct_na_base_pair.hbond_type_28 
_ndb_struct_na_base_pair.hbond_type_12 
1 A DG  1  1_555 B DC  10 1_555 -0.315 -0.135 0.106  3.054  -6.970  -1.121 1  A_DG1:DC20_B  A 1  ? B 20 ? 19 1 
1 A DC  2  1_555 B DG  9  1_555 0.166  0.009  -0.230 9.935  -12.210 1.513  2  A_DC2:DG19_B  A 2  ? B 19 ? 19 1 
1 A DG  3  1_555 B DC  8  1_555 -0.183 -0.118 0.047  -6.926 -17.949 0.349  3  A_DG3:DC18_B  A 3  ? B 18 ? 19 1 
1 A DT  4  1_555 B DA  7  1_555 -0.135 -0.121 -0.003 -4.255 -17.113 -0.594 4  A_DT4:DA17_B  A 4  ? B 17 ? 20 1 
1 A DA  5  1_555 B LST 6  1_555 0.144  -0.112 0.183  -4.582 -14.346 -2.177 5  A_DA5:LST16_B A 5  ? B 16 ? 20 1 
1 A LST 6  1_555 B DA  5  1_555 -0.093 -0.111 0.152  -1.404 -13.581 -2.044 6  A_LST6:DA15_B A 6  ? B 15 ? 20 1 
1 A DA  7  1_555 B DT  4  1_555 -0.010 -0.168 0.027  3.361  -11.452 1.063  7  A_DA7:DT14_B  A 7  ? B 14 ? 20 1 
1 A DC  8  1_555 B DG  3  1_555 0.218  -0.151 -0.137 11.817 -15.195 0.383  8  A_DC8:DG13_B  A 8  ? B 13 ? 19 1 
1 A DG  9  1_555 B DC  2  1_555 -0.221 -0.184 -0.082 -5.130 -12.227 0.599  9  A_DG9:DC12_B  A 9  ? B 12 ? 19 1 
1 A DC  10 1_555 B DG  1  1_555 0.278  -0.121 0.029  -0.602 2.035   0.072  10 A_DC10:DG11_B A 10 ? B 11 ? 19 1 
# 
loop_
_ndb_struct_na_base_pair_step.model_number 
_ndb_struct_na_base_pair_step.i_label_asym_id_1 
_ndb_struct_na_base_pair_step.i_label_comp_id_1 
_ndb_struct_na_base_pair_step.i_label_seq_id_1 
_ndb_struct_na_base_pair_step.i_symmetry_1 
_ndb_struct_na_base_pair_step.j_label_asym_id_1 
_ndb_struct_na_base_pair_step.j_label_comp_id_1 
_ndb_struct_na_base_pair_step.j_label_seq_id_1 
_ndb_struct_na_base_pair_step.j_symmetry_1 
_ndb_struct_na_base_pair_step.i_label_asym_id_2 
_ndb_struct_na_base_pair_step.i_label_comp_id_2 
_ndb_struct_na_base_pair_step.i_label_seq_id_2 
_ndb_struct_na_base_pair_step.i_symmetry_2 
_ndb_struct_na_base_pair_step.j_label_asym_id_2 
_ndb_struct_na_base_pair_step.j_label_comp_id_2 
_ndb_struct_na_base_pair_step.j_label_seq_id_2 
_ndb_struct_na_base_pair_step.j_symmetry_2 
_ndb_struct_na_base_pair_step.shift 
_ndb_struct_na_base_pair_step.slide 
_ndb_struct_na_base_pair_step.rise 
_ndb_struct_na_base_pair_step.tilt 
_ndb_struct_na_base_pair_step.roll 
_ndb_struct_na_base_pair_step.twist 
_ndb_struct_na_base_pair_step.x_displacement 
_ndb_struct_na_base_pair_step.y_displacement 
_ndb_struct_na_base_pair_step.helical_rise 
_ndb_struct_na_base_pair_step.inclination 
_ndb_struct_na_base_pair_step.tip 
_ndb_struct_na_base_pair_step.helical_twist 
_ndb_struct_na_base_pair_step.step_number 
_ndb_struct_na_base_pair_step.step_name 
_ndb_struct_na_base_pair_step.i_auth_asym_id_1 
_ndb_struct_na_base_pair_step.i_auth_seq_id_1 
_ndb_struct_na_base_pair_step.i_PDB_ins_code_1 
_ndb_struct_na_base_pair_step.j_auth_asym_id_1 
_ndb_struct_na_base_pair_step.j_auth_seq_id_1 
_ndb_struct_na_base_pair_step.j_PDB_ins_code_1 
_ndb_struct_na_base_pair_step.i_auth_asym_id_2 
_ndb_struct_na_base_pair_step.i_auth_seq_id_2 
_ndb_struct_na_base_pair_step.i_PDB_ins_code_2 
_ndb_struct_na_base_pair_step.j_auth_asym_id_2 
_ndb_struct_na_base_pair_step.j_auth_seq_id_2 
_ndb_struct_na_base_pair_step.j_PDB_ins_code_2 
1 A DG  1 1_555 B DC  10 1_555 A DC  2  1_555 B DG  9 1_555 0.678  -1.587 3.133 2.741  0.350  36.558 -2.569 -0.717 3.159 0.558  
-4.362 36.658 1 AA_DG1DC2:DG19DC20_BB   A 1 ? B 20 ? A 2  ? B 19 ? 
1 A DC  2 1_555 B DG  9  1_555 A DG  3  1_555 B DC  8 1_555 -0.223 -1.849 3.453 -1.107 14.025 29.850 -5.504 0.216  2.376 25.519 
2.014  32.931 2 AA_DC2DG3:DC18DG19_BB   A 2 ? B 19 ? A 3  ? B 18 ? 
1 A DG  3 1_555 B DC  8  1_555 A DT  4  1_555 B DA  7 1_555 -1.142 -1.430 3.156 -3.292 2.960  34.297 -2.847 1.432  3.118 4.994  
5.553  34.573 3 AA_DG3DT4:DA17DC18_BB   A 3 ? B 18 ? A 4  ? B 17 ? 
1 A DT  4 1_555 B DA  7  1_555 A DA  5  1_555 B LST 6 1_555 0.817  -1.519 3.160 1.310  19.634 26.506 -5.459 -1.257 1.700 37.025 
-2.470 32.906 4 AA_DT4DA5:LST16DA17_BB  A 4 ? B 17 ? A 5  ? B 16 ? 
1 A DA  5 1_555 B LST 6  1_555 A LST 6  1_555 B DA  5 1_555 -0.058 -1.559 3.243 0.524  6.041  32.629 -3.693 0.185  2.914 10.637 
-0.923 33.173 5 AA_DA5LST6:DA15LST16_BB A 5 ? B 16 ? A 6  ? B 15 ? 
1 A LST 6 1_555 B DA  5  1_555 A DA  7  1_555 B DT  4 1_555 0.212  -1.377 3.059 0.754  13.895 29.515 -4.509 -0.267 2.209 25.560 
-1.386 32.565 6 AA_LST6DA7:DT14DA15_BB  A 6 ? B 15 ? A 7  ? B 14 ? 
1 A DA  7 1_555 B DT  4  1_555 A DC  8  1_555 B DG  3 1_555 0.221  -1.607 3.177 0.711  5.490  30.220 -4.036 -0.287 2.852 10.419 
-1.350 30.711 7 AA_DA7DC8:DG13DT14_BB   A 7 ? B 14 ? A 8  ? B 13 ? 
1 A DC  8 1_555 B DG  3  1_555 A DG  9  1_555 B DC  2 1_555 -0.450 -1.936 3.572 -0.823 14.238 29.825 -5.748 0.657  2.432 25.883 
1.496  32.990 8 AA_DC8DG9:DC12DG13_BB   A 8 ? B 13 ? A 9  ? B 12 ? 
1 A DG  9 1_555 B DC  2  1_555 A DC  10 1_555 B DG  1 1_555 0.275  -1.577 3.251 0.830  1.460  35.795 -2.769 -0.330 3.192 2.373  
-1.349 35.833 9 AA_DG9DC10:DG11DC12_BB  A 9 ? B 12 ? A 10 ? B 11 ? 
# 
_atom_sites.entry_id                    5AXF 
_atom_sites.fract_transf_matrix[1][1]   -0.04023725 
_atom_sites.fract_transf_matrix[1][2]   0.00752887 
_atom_sites.fract_transf_matrix[1][3]   0.00108727 
_atom_sites.fract_transf_matrix[2][1]   0.00369513 
_atom_sites.fract_transf_matrix[2][2]   0.01794788 
_atom_sites.fract_transf_matrix[2][3]   0.01246669 
_atom_sites.fract_transf_matrix[3][1]   0.00180234 
_atom_sites.fract_transf_matrix[3][2]   0.01225811 
_atom_sites.fract_transf_matrix[3][3]   -0.01818181 
_atom_sites.fract_transf_vector[1]      0.152025 
_atom_sites.fract_transf_vector[2]      0.988152 
_atom_sites.fract_transf_vector[3]      0.272354 
# 
loop_
_atom_type.symbol 
C 
N 
O 
P 
S 
# 
loop_
_atom_site.group_PDB 
_atom_site.id 
_atom_site.type_symbol 
_atom_site.label_atom_id 
_atom_site.label_alt_id 
_atom_site.label_comp_id 
_atom_site.label_asym_id 
_atom_site.label_entity_id 
_atom_site.label_seq_id 
_atom_site.pdbx_PDB_ins_code 
_atom_site.Cartn_x 
_atom_site.Cartn_y 
_atom_site.Cartn_z 
_atom_site.occupancy 
_atom_site.B_iso_or_equiv 
_atom_site.pdbx_formal_charge 
_atom_site.auth_seq_id 
_atom_site.auth_comp_id 
_atom_site.auth_asym_id 
_atom_site.auth_atom_id 
_atom_site.pdbx_PDB_model_num 
ATOM   1   O "O5'" . DG  A 1 1  ? -6.844  2.215   9.217   1.00 20.53 ? 1   DG  A "O5'" 1 
ATOM   2   C "C5'" . DG  A 1 1  ? -6.412  2.279   10.544  1.00 18.88 ? 1   DG  A "C5'" 1 
ATOM   3   C "C4'" . DG  A 1 1  ? -6.047  0.915   11.075  1.00 16.61 ? 1   DG  A "C4'" 1 
ATOM   4   O "O4'" . DG  A 1 1  ? -7.210  0.042   11.041  1.00 16.16 ? 1   DG  A "O4'" 1 
ATOM   5   C "C3'" . DG  A 1 1  ? -4.951  0.162   10.307  1.00 14.63 ? 1   DG  A "C3'" 1 
ATOM   6   O "O3'" . DG  A 1 1  ? -3.693  0.625   10.758  1.00 14.58 ? 1   DG  A "O3'" 1 
ATOM   7   C "C2'" . DG  A 1 1  ? -5.257  -1.255  10.782  1.00 14.37 ? 1   DG  A "C2'" 1 
ATOM   8   C "C1'" . DG  A 1 1  ? -6.779  -1.264  10.687  1.00 14.86 ? 1   DG  A "C1'" 1 
ATOM   9   N N9    . DG  A 1 1  ? -7.292  -1.594  9.355   1.00 13.71 ? 1   DG  A N9    1 
ATOM   10  C C8    . DG  A 1 1  ? -7.880  -0.744  8.438   1.00 14.58 ? 1   DG  A C8    1 
ATOM   11  N N7    . DG  A 1 1  ? -8.245  -1.345  7.350   1.00 14.61 ? 1   DG  A N7    1 
ATOM   12  C C5    . DG  A 1 1  ? -7.892  -2.663  7.539   1.00 12.25 ? 1   DG  A C5    1 
ATOM   13  C C6    . DG  A 1 1  ? -8.055  -3.798  6.701   1.00 11.25 ? 1   DG  A C6    1 
ATOM   14  O O6    . DG  A 1 1  ? -8.560  -3.870  5.572   1.00 11.64 ? 1   DG  A O6    1 
ATOM   15  N N1    . DG  A 1 1  ? -7.499  -4.933  7.262   1.00 9.58  ? 1   DG  A N1    1 
ATOM   16  C C2    . DG  A 1 1  ? -6.945  -4.999  8.507   1.00 9.83  ? 1   DG  A C2    1 
ATOM   17  N N2    . DG  A 1 1  ? -6.500  -6.186  8.906   1.00 10.13 ? 1   DG  A N2    1 
ATOM   18  N N3    . DG  A 1 1  ? -6.787  -3.914  9.314   1.00 10.36 ? 1   DG  A N3    1 
ATOM   19  C C4    . DG  A 1 1  ? -7.293  -2.816  8.769   1.00 11.80 ? 1   DG  A C4    1 
ATOM   20  P P     A DC  A 1 2  ? -2.377  0.613   9.846   0.63 13.95 ? 2   DC  A P     1 
ATOM   21  P P     B DC  A 1 2  ? -2.465  0.641   9.739   0.37 14.34 ? 2   DC  A P     1 
ATOM   22  O OP1   A DC  A 1 2  ? -1.259  1.033   10.743  0.63 14.03 ? 2   DC  A OP1   1 
ATOM   23  O OP1   B DC  A 1 2  ? -1.418  1.383   10.460  0.37 14.58 ? 2   DC  A OP1   1 
ATOM   24  O OP2   A DC  A 1 2  ? -2.647  1.308   8.596   0.63 14.42 ? 2   DC  A OP2   1 
ATOM   25  O OP2   B DC  A 1 2  ? -2.910  1.051   8.392   0.37 14.67 ? 2   DC  A OP2   1 
ATOM   26  O "O5'" A DC  A 1 2  ? -2.132  -0.912  9.444   0.63 12.49 ? 2   DC  A "O5'" 1 
ATOM   27  O "O5'" B DC  A 1 2  ? -2.096  -0.909  9.558   0.37 13.37 ? 2   DC  A "O5'" 1 
ATOM   28  C "C5'" A DC  A 1 2  ? -1.527  -1.748  10.422  0.63 11.68 ? 2   DC  A "C5'" 1 
ATOM   29  C "C5'" B DC  A 1 2  ? -2.006  -1.743  10.723  0.37 12.49 ? 2   DC  A "C5'" 1 
ATOM   30  C "C4'" A DC  A 1 2  ? -1.638  -3.199  9.956   0.63 10.19 ? 2   DC  A "C4'" 1 
ATOM   31  C "C4'" B DC  A 1 2  ? -2.092  -3.210  10.321  0.37 11.79 ? 2   DC  A "C4'" 1 
ATOM   32  O "O4'" A DC  A 1 2  ? -3.026  -3.534  9.669   0.63 9.52  ? 2   DC  A "O4'" 1 
ATOM   33  O "O4'" B DC  A 1 2  ? -3.363  -3.459  9.681   0.37 11.41 ? 2   DC  A "O4'" 1 
ATOM   34  C "C3'" A DC  A 1 2  ? -0.945  -3.532  8.656   0.63 10.20 ? 2   DC  A "C3'" 1 
ATOM   35  C "C3'" B DC  A 1 2  ? -1.071  -3.637  9.300   0.37 11.54 ? 2   DC  A "C3'" 1 
ATOM   36  O "O3'" A DC  A 1 2  ? 0.443   -3.706  8.888   0.63 11.86 ? 2   DC  A "O3'" 1 
ATOM   37  O "O3'" B DC  A 1 2  ? 0.139   -4.002  9.959   0.37 12.23 ? 2   DC  A "O3'" 1 
ATOM   38  C "C2'" A DC  A 1 2  ? -1.665  -4.831  8.272   0.63 9.32  ? 2   DC  A "C2'" 1 
ATOM   39  C "C2'" B DC  A 1 2  ? -1.744  -4.836  8.630   0.37 11.00 ? 2   DC  A "C2'" 1 
ATOM   40  C "C1'" A DC  A 1 2  ? -3.078  -4.467  8.615   0.63 8.81  ? 2   DC  A "C1'" 1 
ATOM   41  C "C1'" B DC  A 1 2  ? -3.212  -4.460  8.699   0.37 10.88 ? 2   DC  A "C1'" 1 
ATOM   42  N N1    A DC  A 1 2  ? -3.776  -3.890  7.470   0.63 8.10  ? 2   DC  A N1    1 
ATOM   43  N N1    B DC  A 1 2  ? -3.760  -3.937  7.441   0.37 10.68 ? 2   DC  A N1    1 
ATOM   44  C C2    A DC  A 1 2  ? -4.248  -4.782  6.506   0.63 7.05  ? 2   DC  A C2    1 
ATOM   45  C C2    B DC  A 1 2  ? -4.134  -4.848  6.462   0.37 10.30 ? 2   DC  A C2    1 
ATOM   46  O O2    A DC  A 1 2  ? -3.997  -5.977  6.640   0.63 7.80  ? 2   DC  A O2    1 
ATOM   47  O O2    B DC  A 1 2  ? -3.910  -6.043  6.653   0.37 10.62 ? 2   DC  A O2    1 
ATOM   48  N N3    A DC  A 1 2  ? -4.921  -4.307  5.427   0.63 6.93  ? 2   DC  A N3    1 
ATOM   49  N N3    B DC  A 1 2  ? -4.687  -4.397  5.310   0.37 10.20 ? 2   DC  A N3    1 
ATOM   50  C C4    A DC  A 1 2  ? -5.115  -2.981  5.296   0.63 8.46  ? 2   DC  A C4    1 
ATOM   51  C C4    B DC  A 1 2  ? -4.854  -3.091  5.123   0.37 10.79 ? 2   DC  A C4    1 
ATOM   52  N N4    A DC  A 1 2  ? -5.787  -2.579  4.218   0.63 8.20  ? 2   DC  A N4    1 
ATOM   53  N N4    B DC  A 1 2  ? -5.397  -2.707  3.956   0.37 10.66 ? 2   DC  A N4    1 
ATOM   54  C C5    A DC  A 1 2  ? -4.620  -2.048  6.288   0.63 9.68  ? 2   DC  A C5    1 
ATOM   55  C C5    B DC  A 1 2  ? -4.471  -2.129  6.119   0.37 11.37 ? 2   DC  A C5    1 
ATOM   56  C C6    A DC  A 1 2  ? -3.936  -2.545  7.322   0.63 9.44  ? 2   DC  A C6    1 
ATOM   57  C C6    B DC  A 1 2  ? -3.936  -2.597  7.253   0.37 11.20 ? 2   DC  A C6    1 
ATOM   58  P P     A DG  A 1 3  ? 1.490   -3.522  7.684   0.63 13.07 ? 3   DG  A P     1 
ATOM   59  P P     B DG  A 1 3  ? 1.489   -4.156  9.117   0.37 13.26 ? 3   DG  A P     1 
ATOM   60  O OP1   A DG  A 1 3  ? 2.805   -3.600  8.355   0.63 13.90 ? 3   DG  A OP1   1 
ATOM   61  O OP1   B DG  A 1 3  ? 2.530   -4.559  10.157  0.37 14.07 ? 3   DG  A OP1   1 
ATOM   62  O OP2   A DG  A 1 3  ? 1.124   -2.363  6.886   0.63 14.45 ? 3   DG  A OP2   1 
ATOM   63  O OP2   B DG  A 1 3  ? 1.680   -2.973  8.295   0.37 13.45 ? 3   DG  A OP2   1 
ATOM   64  O "O5'" A DG  A 1 3  ? 1.258   -4.756  6.687   0.63 11.63 ? 3   DG  A "O5'" 1 
ATOM   65  O "O5'" B DG  A 1 3  ? 1.192   -5.372  8.122   0.37 11.73 ? 3   DG  A "O5'" 1 
ATOM   66  C "C5'" A DG  A 1 3  ? 1.584   -6.075  7.142   0.63 10.68 ? 3   DG  A "C5'" 1 
ATOM   67  C "C5'" B DG  A 1 3  ? 1.726   -5.420  6.752   0.37 10.61 ? 3   DG  A "C5'" 1 
ATOM   68  C "C4'" A DG  A 1 3  ? 1.096   -7.091  6.147   0.63 9.37  ? 3   DG  A "C4'" 1 
ATOM   69  C "C4'" B DG  A 1 3  ? 1.145   -6.644  6.084   0.37 9.57  ? 3   DG  A "C4'" 1 
ATOM   70  O "O4'" A DG  A 1 3  ? -0.314  -6.944  5.956   0.63 8.98  ? 3   DG  A "O4'" 1 
ATOM   71  O "O4'" B DG  A 1 3  ? -0.280  -6.487  5.990   0.37 9.44  ? 3   DG  A "O4'" 1 
ATOM   72  C "C3'" A DG  A 1 3  ? 1.680   -7.045  4.732   0.63 8.72  ? 3   DG  A "C3'" 1 
ATOM   73  C "C3'" B DG  A 1 3  ? 1.618   -6.920  4.668   0.37 8.99  ? 3   DG  A "C3'" 1 
ATOM   74  O "O3'" A DG  A 1 3  ? 2.877   -7.757  4.735   0.63 9.23  ? 3   DG  A "O3'" 1 
ATOM   75  O "O3'" B DG  A 1 3  ? 2.824   -7.691  4.716   0.37 9.33  ? 3   DG  A "O3'" 1 
ATOM   76  C "C2'" A DG  A 1 3  ? 0.583   -7.770  3.941   0.63 9.32  ? 3   DG  A "C2'" 1 
ATOM   77  C "C2'" B DG  A 1 3  ? 0.424   -7.706  4.103   0.37 9.09  ? 3   DG  A "C2'" 1 
ATOM   78  C "C1'" A DG  A 1 3  ? -0.639  -7.240  4.631   0.63 8.75  ? 3   DG  A "C1'" 1 
ATOM   79  C "C1'" B DG  A 1 3  ? -0.742  -6.989  4.751   0.37 9.11  ? 3   DG  A "C1'" 1 
ATOM   80  N N9    A DG  A 1 3  ? -1.203  -6.035  3.999   0.63 7.24  ? 3   DG  A N9    1 
ATOM   81  N N9    B DG  A 1 3  ? -1.280  -5.862  3.964   0.37 8.69  ? 3   DG  A N9    1 
ATOM   82  C C8    A DG  A 1 3  ? -1.352  -4.777  4.505   0.63 7.91  ? 3   DG  A C8    1 
ATOM   83  C C8    B DG  A 1 3  ? -1.362  -4.541  4.331   0.37 8.81  ? 3   DG  A C8    1 
ATOM   84  N N7    A DG  A 1 3  ? -2.030  -3.987  3.700   0.63 7.55  ? 3   DG  A N7    1 
ATOM   85  N N7    B DG  A 1 3  ? -1.958  -3.780  3.451   0.37 8.84  ? 3   DG  A N7    1 
ATOM   86  C C5    A DG  A 1 3  ? -2.371  -4.776  2.624   0.63 6.63  ? 3   DG  A C5    1 
ATOM   87  C C5    B DG  A 1 3  ? -2.319  -4.653  2.432   0.37 8.84  ? 3   DG  A C5    1 
ATOM   88  C C6    A DG  A 1 3  ? -3.131  -4.493  1.467   0.63 6.34  ? 3   DG  A C6    1 
ATOM   89  C C6    B DG  A 1 3  ? -3.023  -4.420  1.212   0.37 9.10  ? 3   DG  A C6    1 
ATOM   90  O O6    A DG  A 1 3  ? -3.709  -3.446  1.141   0.63 6.54  ? 3   DG  A O6    1 
ATOM   91  O O6    B DG  A 1 3  ? -3.474  -3.349  0.752   0.37 9.36  ? 3   DG  A O6    1 
ATOM   92  N N1    A DG  A 1 3  ? -3.213  -5.600  0.635   0.63 6.05  ? 3   DG  A N1    1 
ATOM   93  N N1    B DG  A 1 3  ? -3.171  -5.600  0.472   0.37 9.13  ? 3   DG  A N1    1 
ATOM   94  C C2    A DG  A 1 3  ? -2.603  -6.829  0.879   0.63 5.88  ? 3   DG  A C2    1 
ATOM   95  C C2    B DG  A 1 3  ? -2.681  -6.840  0.850   0.37 9.18  ? 3   DG  A C2    1 
ATOM   96  N N2    A DG  A 1 3  ? -2.706  -7.766  -0.069  0.63 6.04  ? 3   DG  A N2    1 
ATOM   97  N N2    B DG  A 1 3  ? -2.892  -7.859  -0.006  0.37 9.29  ? 3   DG  A N2    1 
ATOM   98  N N3    A DG  A 1 3  ? -1.930  -7.112  1.968   0.63 6.15  ? 3   DG  A N3    1 
ATOM   99  N N3    B DG  A 1 3  ? -2.061  -7.074  1.995   0.37 8.98  ? 3   DG  A N3    1 
ATOM   100 C C4    A DG  A 1 3  ? -1.863  -6.041  2.797   0.63 6.48  ? 3   DG  A C4    1 
ATOM   101 C C4    B DG  A 1 3  ? -1.918  -5.943  2.740   0.37 8.81  ? 3   DG  A C4    1 
ATOM   102 P P     . DT  A 1 4  ? 3.893   -7.592  3.526   1.00 9.50  ? 4   DT  A P     1 
ATOM   103 O OP1   . DT  A 1 4  ? 5.021   -8.436  3.899   1.00 10.71 ? 4   DT  A OP1   1 
ATOM   104 O OP2   . DT  A 1 4  ? 4.093   -6.195  3.170   1.00 10.29 ? 4   DT  A OP2   1 
ATOM   105 O "O5'" . DT  A 1 4  ? 3.143   -8.211  2.259   1.00 9.18  ? 4   DT  A "O5'" 1 
ATOM   106 C "C5'" . DT  A 1 4  ? 3.120   -9.606  1.972   1.00 9.41  ? 4   DT  A "C5'" 1 
ATOM   107 C "C4'" . DT  A 1 4  ? 2.661   -9.803  0.526   1.00 8.53  ? 4   DT  A "C4'" 1 
ATOM   108 O "O4'" . DT  A 1 4  ? 1.301   -9.368  0.379   1.00 8.13  ? 4   DT  A "O4'" 1 
ATOM   109 C "C3'" . DT  A 1 4  ? 3.411   -8.988  -0.506  1.00 7.88  ? 4   DT  A "C3'" 1 
ATOM   110 O "O3'" . DT  A 1 4  ? 4.683   -9.656  -0.814  1.00 9.07  ? 4   DT  A "O3'" 1 
ATOM   111 C "C2'" . DT  A 1 4  ? 2.449   -8.957  -1.651  1.00 7.75  ? 4   DT  A "C2'" 1 
ATOM   112 C "C1'" . DT  A 1 4  ? 1.138   -8.824  -0.924  1.00 7.52  ? 4   DT  A "C1'" 1 
ATOM   113 N N1    . DT  A 1 4  ? 0.713   -7.390  -0.766  1.00 6.67  ? 4   DT  A N1    1 
ATOM   114 C C2    . DT  A 1 4  ? -0.049  -6.846  -1.776  1.00 6.86  ? 4   DT  A C2    1 
ATOM   115 O O2    . DT  A 1 4  ? -0.360  -7.459  -2.776  1.00 7.55  ? 4   DT  A O2    1 
ATOM   116 N N3    . DT  A 1 4  ? -0.482  -5.554  -1.565  1.00 6.89  ? 4   DT  A N3    1 
ATOM   117 C C4    . DT  A 1 4  ? -0.167  -4.791  -0.488  1.00 6.74  ? 4   DT  A C4    1 
ATOM   118 O O4    . DT  A 1 4  ? -0.657  -3.675  -0.370  1.00 7.24  ? 4   DT  A O4    1 
ATOM   119 C C5    . DT  A 1 4  ? 0.733   -5.366  0.500   1.00 6.79  ? 4   DT  A C5    1 
ATOM   120 C C7    . DT  A 1 4  ? 1.194   -4.546  1.663   1.00 7.62  ? 4   DT  A C7    1 
ATOM   121 C C6    . DT  A 1 4  ? 1.128   -6.647  0.300   1.00 6.99  ? 4   DT  A C6    1 
ATOM   122 P P     . DA  A 1 5  ? 5.942   -8.783  -1.271  1.00 9.35  ? 5   DA  A P     1 
ATOM   123 O OP1   . DA  A 1 5  ? 7.041   -9.733  -1.451  1.00 10.00 ? 5   DA  A OP1   1 
ATOM   124 O OP2   . DA  A 1 5  ? 6.204   -7.613  -0.353  1.00 10.16 ? 5   DA  A OP2   1 
ATOM   125 O "O5'" . DA  A 1 5  ? 5.429   -8.236  -2.660  1.00 9.11  ? 5   DA  A "O5'" 1 
ATOM   126 C "C5'" . DA  A 1 5  ? 5.760   -6.929  -3.106  1.00 9.17  ? 5   DA  A "C5'" 1 
ATOM   127 C "C4'" . DA  A 1 5  ? 4.938   -6.641  -4.329  1.00 8.67  ? 5   DA  A "C4'" 1 
ATOM   128 O "O4'" . DA  A 1 5  ? 3.540   -6.585  -3.975  1.00 8.80  ? 5   DA  A "O4'" 1 
ATOM   129 C "C3'" . DA  A 1 5  ? 5.193   -5.263  -4.945  1.00 9.33  ? 5   DA  A "C3'" 1 
ATOM   130 O "O3'" . DA  A 1 5  ? 6.317   -5.338  -5.796  1.00 10.29 ? 5   DA  A "O3'" 1 
ATOM   131 C "C2'" . DA  A 1 5  ? 3.893   -5.044  -5.699  1.00 9.06  ? 5   DA  A "C2'" 1 
ATOM   132 C "C1'" . DA  A 1 5  ? 2.870   -5.567  -4.678  1.00 8.67  ? 5   DA  A "C1'" 1 
ATOM   133 N N9    . DA  A 1 5  ? 2.424   -4.534  -3.755  1.00 8.00  ? 5   DA  A N9    1 
ATOM   134 C C8    . DA  A 1 5  ? 2.710   -4.358  -2.426  1.00 8.35  ? 5   DA  A C8    1 
ATOM   135 N N7    . DA  A 1 5  ? 2.105   -3.308  -1.904  1.00 8.13  ? 5   DA  A N7    1 
ATOM   136 C C5    . DA  A 1 5  ? 1.369   -2.802  -2.929  1.00 8.00  ? 5   DA  A C5    1 
ATOM   137 C C6    . DA  A 1 5  ? 0.483   -1.726  -3.005  1.00 8.46  ? 5   DA  A C6    1 
ATOM   138 N N6    . DA  A 1 5  ? 0.208   -0.896  -1.987  1.00 9.05  ? 5   DA  A N6    1 
ATOM   139 N N1    . DA  A 1 5  ? -0.100  -1.472  -4.205  1.00 8.90  ? 5   DA  A N1    1 
ATOM   140 C C2    . DA  A 1 5  ? 0.157   -2.251  -5.232  1.00 9.12  ? 5   DA  A C2    1 
ATOM   141 N N3    . DA  A 1 5  ? 0.970   -3.314  -5.251  1.00 8.92  ? 5   DA  A N3    1 
ATOM   142 C C4    . DA  A 1 5  ? 1.539   -3.526  -4.062  1.00 8.07  ? 5   DA  A C4    1 
HETATM 143 C C2    . LST A 1 6  ? 2.394   0.403   -6.387  1.00 11.22 ? 6   LST A C2    1 
HETATM 144 C C4    . LST A 1 6  ? 3.021   0.252   -4.045  1.00 10.77 ? 6   LST A C4    1 
HETATM 145 C C5    . LST A 1 6  ? 3.959   -0.786  -4.378  1.00 10.49 ? 6   LST A C5    1 
HETATM 146 C C6    . LST A 1 6  ? 4.053   -1.194  -5.658  1.00 10.44 ? 6   LST A C6    1 
HETATM 147 C "C1'" . LST A 1 6  ? 3.305   -1.073  -8.062  1.00 12.01 ? 6   LST A "C1'" 1 
HETATM 148 C "C2'" . LST A 1 6  ? 4.232   -0.216  -8.915  1.00 12.23 ? 6   LST A "C2'" 1 
HETATM 149 C "C3'" . LST A 1 6  ? 5.585   -0.923  -8.607  1.00 11.63 ? 6   LST A "C3'" 1 
HETATM 150 O "O3'" . LST A 1 6  ? 6.637   -0.588  -9.527  1.00 12.42 ? 6   LST A "O3'" 1 
HETATM 151 C "C4'" . LST A 1 6  ? 5.150   -2.383  -8.796  1.00 12.30 ? 6   LST A "C4'" 1 
HETATM 152 C "C5'" . LST A 1 6  ? 6.089   -3.415  -8.263  1.00 11.93 ? 6   LST A "C5'" 1 
HETATM 153 O "O5'" . LST A 1 6  ? 6.325   -3.042  -6.893  1.00 11.30 ? 6   LST A "O5'" 1 
HETATM 154 C "C6'" . LST A 1 6  ? 4.936   -2.662  -10.275 1.00 13.78 ? 6   LST A "C6'" 1 
HETATM 155 P P     . LST A 1 6  ? 7.261   -4.055  -6.025  1.00 11.64 ? 6   LST A P     1 
HETATM 156 O OP2   . LST A 1 6  ? 7.500   -3.318  -4.709  1.00 12.04 ? 6   LST A OP2   1 
HETATM 157 N "N2'" . LST A 1 6  ? 3.861   -0.192  -10.364 1.00 14.13 ? 6   LST A "N2'" 1 
HETATM 158 C "C7'" . LST A 1 6  ? 2.851   0.795   -10.757 1.00 14.86 ? 6   LST A "C7'" 1 
HETATM 159 S S     . LST A 1 6  ? 3.683   -1.674  -11.039 1.00 15.52 ? 6   LST A S     1 
HETATM 160 O "O7'" . LST A 1 6  ? 4.007   -1.499  -12.448 1.00 16.97 ? 6   LST A "O7'" 1 
HETATM 161 O "O8'" . LST A 1 6  ? 2.410   -2.213  -10.696 1.00 16.06 ? 6   LST A "O8'" 1 
HETATM 162 O "O4'" . LST A 1 6  ? 3.872   -2.392  -8.097  1.00 12.11 ? 6   LST A "O4'" 1 
HETATM 163 N N1    . LST A 1 6  ? 3.280   -0.634  -6.658  1.00 11.22 ? 6   LST A N1    1 
HETATM 164 C C7    . LST A 1 6  ? 4.789   -1.354  -3.283  1.00 11.29 ? 6   LST A C7    1 
HETATM 165 N N3    . LST A 1 6  ? 2.306   0.763   -5.096  1.00 10.61 ? 6   LST A N3    1 
HETATM 166 O O2    . LST A 1 6  ? 1.732   0.934   -7.278  1.00 12.36 ? 6   LST A O2    1 
HETATM 167 O O4    . LST A 1 6  ? 2.853   0.693   -2.911  1.00 11.84 ? 6   LST A O4    1 
HETATM 168 O OP3   . LST A 1 6  ? 8.389   -4.559  -6.801  1.00 13.28 ? 6   LST A OP3   1 
ATOM   169 P P     . DA  A 1 7  ? 7.757   0.473   -9.057  1.00 13.27 ? 7   DA  A P     1 
ATOM   170 O OP1   . DA  A 1 7  ? 8.751   0.432   -10.171 1.00 15.15 ? 7   DA  A OP1   1 
ATOM   171 O OP2   . DA  A 1 7  ? 8.166   0.237   -7.654  1.00 13.99 ? 7   DA  A OP2   1 
ATOM   172 O "O5'" . DA  A 1 7  ? 6.992   1.848   -9.055  1.00 11.52 ? 7   DA  A "O5'" 1 
ATOM   173 C "C5'" . DA  A 1 7  ? 6.541   2.437   -10.299 1.00 11.35 ? 7   DA  A "C5'" 1 
ATOM   174 C "C4'" . DA  A 1 7  ? 5.763   3.676   -10.006 1.00 10.80 ? 7   DA  A "C4'" 1 
ATOM   175 O "O4'" . DA  A 1 7  ? 4.577   3.295   -9.279  1.00 10.34 ? 7   DA  A "O4'" 1 
ATOM   176 C "C3'" . DA  A 1 7  ? 6.411   4.684   -9.100  1.00 10.18 ? 7   DA  A "C3'" 1 
ATOM   177 O "O3'" . DA  A 1 7  ? 7.355   5.463   -9.824  1.00 10.78 ? 7   DA  A "O3'" 1 
ATOM   178 C "C2'" . DA  A 1 7  ? 5.184   5.481   -8.656  1.00 9.90  ? 7   DA  A "C2'" 1 
ATOM   179 C "C1'" . DA  A 1 7  ? 4.175   4.356   -8.417  1.00 10.25 ? 7   DA  A "C1'" 1 
ATOM   180 N N9    . DA  A 1 7  ? 4.230   3.910   -7.040  1.00 9.36  ? 7   DA  A N9    1 
ATOM   181 C C8    . DA  A 1 7  ? 5.036   2.932   -6.479  1.00 9.62  ? 7   DA  A C8    1 
ATOM   182 N N7    . DA  A 1 7  ? 4.901   2.800   -5.171  1.00 9.76  ? 7   DA  A N7    1 
ATOM   183 C C5    . DA  A 1 7  ? 3.986   3.801   -4.861  1.00 9.25  ? 7   DA  A C5    1 
ATOM   184 C C6    . DA  A 1 7  ? 3.427   4.204   -3.658  1.00 9.48  ? 7   DA  A C6    1 
ATOM   185 N N6    . DA  A 1 7  ? 3.741   3.647   -2.489  1.00 10.03 ? 7   DA  A N6    1 
ATOM   186 N N1    . DA  A 1 7  ? 2.579   5.267   -3.704  1.00 9.50  ? 7   DA  A N1    1 
ATOM   187 C C2    . DA  A 1 7  ? 2.310   5.827   -4.891  1.00 9.95  ? 7   DA  A C2    1 
ATOM   188 N N3    . DA  A 1 7  ? 2.726   5.527   -6.071  1.00 9.82  ? 7   DA  A N3    1 
ATOM   189 C C4    . DA  A 1 7  ? 3.571   4.477   -6.001  1.00 9.26  ? 7   DA  A C4    1 
ATOM   190 P P     . DC  A 1 8  ? 8.597   6.168   -9.097  1.00 10.85 ? 8   DC  A P     1 
ATOM   191 O OP1   . DC  A 1 8  ? 9.460   6.649   -10.169 1.00 12.53 ? 8   DC  A OP1   1 
ATOM   192 O OP2   . DC  A 1 8  ? 9.150   5.298   -8.062  1.00 12.30 ? 8   DC  A OP2   1 
ATOM   193 O "O5'" . DC  A 1 8  ? 7.939   7.411   -8.318  1.00 9.38  ? 8   DC  A "O5'" 1 
ATOM   194 C "C5'" . DC  A 1 8  ? 7.367   8.492   -9.052  1.00 9.35  ? 8   DC  A "C5'" 1 
ATOM   195 C "C4'" . DC  A 1 8  ? 6.544   9.319   -8.107  1.00 8.13  ? 8   DC  A "C4'" 1 
ATOM   196 O "O4'" . DC  A 1 8  ? 5.502   8.515   -7.482  1.00 7.72  ? 8   DC  A "O4'" 1 
ATOM   197 C "C3'" . DC  A 1 8  ? 7.255   9.948   -6.902  1.00 7.71  ? 8   DC  A "C3'" 1 
ATOM   198 O "O3'" . DC  A 1 8  ? 7.917   11.111  -7.343  1.00 7.94  ? 8   DC  A "O3'" 1 
ATOM   199 C "C2'" . DC  A 1 8  ? 6.060   10.247  -6.001  1.00 7.63  ? 8   DC  A "C2'" 1 
ATOM   200 C "C1'" . DC  A 1 8  ? 5.228   8.962   -6.202  1.00 8.12  ? 8   DC  A "C1'" 1 
ATOM   201 N N1    . DC  A 1 8  ? 5.560   7.932   -5.211  1.00 7.30  ? 8   DC  A N1    1 
ATOM   202 C C2    . DC  A 1 8  ? 4.988   8.076   -3.953  1.00 7.55  ? 8   DC  A C2    1 
ATOM   203 O O2    . DC  A 1 8  ? 4.204   8.995   -3.760  1.00 8.54  ? 8   DC  A O2    1 
ATOM   204 N N3    . DC  A 1 8  ? 5.297   7.188   -2.988  1.00 7.78  ? 8   DC  A N3    1 
ATOM   205 C C4    . DC  A 1 8  ? 6.187   6.220   -3.231  1.00 7.82  ? 8   DC  A C4    1 
ATOM   206 N N4    . DC  A 1 8  ? 6.521   5.407   -2.248  1.00 8.87  ? 8   DC  A N4    1 
ATOM   207 C C5    . DC  A 1 8  ? 6.799   6.078   -4.487  1.00 8.11  ? 8   DC  A C5    1 
ATOM   208 C C6    . DC  A 1 8  ? 6.461   6.962   -5.458  1.00 7.55  ? 8   DC  A C6    1 
ATOM   209 P P     . DG  A 1 9  ? 9.085   11.773  -6.482  1.00 8.36  ? 9   DG  A P     1 
ATOM   210 O OP1   . DG  A 1 9  ? 9.605   12.884  -7.328  1.00 9.98  ? 9   DG  A OP1   1 
ATOM   211 O OP2   . DG  A 1 9  ? 10.015  10.750  -5.954  1.00 9.91  ? 9   DG  A OP2   1 
ATOM   212 O "O5'" . DG  A 1 9  ? 8.368   12.346  -5.186  1.00 7.23  ? 9   DG  A "O5'" 1 
ATOM   213 C "C5'" . DG  A 1 9  ? 7.564   13.513  -5.237  1.00 7.28  ? 9   DG  A "C5'" 1 
ATOM   214 C "C4'" . DG  A 1 9  ? 7.082   13.839  -3.864  1.00 6.96  ? 9   DG  A "C4'" 1 
ATOM   215 O "O4'" . DG  A 1 9  ? 6.197   12.782  -3.384  1.00 7.49  ? 9   DG  A "O4'" 1 
ATOM   216 C "C3'" . DG  A 1 9  ? 8.120   13.910  -2.772  1.00 7.40  ? 9   DG  A "C3'" 1 
ATOM   217 O "O3'" . DG  A 1 9  ? 8.824   15.140  -2.849  1.00 7.52  ? 9   DG  A "O3'" 1 
ATOM   218 C "C2'" . DG  A 1 9  ? 7.252   13.785  -1.534  1.00 7.58  ? 9   DG  A "C2'" 1 
ATOM   219 C "C1'" . DG  A 1 9  ? 6.347   12.644  -1.984  1.00 7.52  ? 9   DG  A "C1'" 1 
ATOM   220 N N9    . DG  A 1 9  ? 6.904   11.338  -1.702  1.00 7.07  ? 9   DG  A N9    1 
ATOM   221 C C8    . DG  A 1 9  ? 7.498   10.451  -2.559  1.00 7.26  ? 9   DG  A C8    1 
ATOM   222 N N7    . DG  A 1 9  ? 7.824   9.333   -1.975  1.00 7.46  ? 9   DG  A N7    1 
ATOM   223 C C5    . DG  A 1 9  ? 7.460   9.521   -0.634  1.00 7.35  ? 9   DG  A C5    1 
ATOM   224 C C6    . DG  A 1 9  ? 7.598   8.670   0.491   1.00 7.55  ? 9   DG  A C6    1 
ATOM   225 O O6    . DG  A 1 9  ? 8.001   7.506   0.544   1.00 8.31  ? 9   DG  A O6    1 
ATOM   226 N N1    . DG  A 1 9  ? 7.138   9.274   1.652   1.00 7.69  ? 9   DG  A N1    1 
ATOM   227 C C2    . DG  A 1 9  ? 6.634   10.551  1.735   1.00 7.73  ? 9   DG  A C2    1 
ATOM   228 N N2    . DG  A 1 9  ? 6.262   10.995  2.922   1.00 8.73  ? 9   DG  A N2    1 
ATOM   229 N N3    . DG  A 1 9  ? 6.479   11.333  0.665   1.00 7.73  ? 9   DG  A N3    1 
ATOM   230 C C4    . DG  A 1 9  ? 6.899   10.744  -0.464  1.00 7.06  ? 9   DG  A C4    1 
ATOM   231 P P     . DC  A 1 10 ? 10.332  15.208  -2.387  1.00 8.12  ? 10  DC  A P     1 
ATOM   232 O OP1   . DC  A 1 10 ? 10.745  16.559  -2.799  1.00 10.00 ? 10  DC  A OP1   1 
ATOM   233 O OP2   . DC  A 1 10 ? 11.095  14.047  -2.883  1.00 8.50  ? 10  DC  A OP2   1 
ATOM   234 O "O5'" . DC  A 1 10 ? 10.235  15.034  -0.782  1.00 7.68  ? 10  DC  A "O5'" 1 
ATOM   235 C "C5'" . DC  A 1 10 ? 9.601   16.039  -0.010  1.00 7.66  ? 10  DC  A "C5'" 1 
ATOM   236 C "C4'" . DC  A 1 10 ? 9.607   15.603  1.477   1.00 7.28  ? 10  DC  A "C4'" 1 
ATOM   237 O "O4'" . DC  A 1 10 ? 8.893   14.376  1.648   1.00 7.79  ? 10  DC  A "O4'" 1 
ATOM   238 C "C3'" . DC  A 1 10 ? 10.994  15.307  2.037   1.00 7.46  ? 10  DC  A "C3'" 1 
ATOM   239 O "O3'" . DC  A 1 10 ? 11.663  16.491  2.508   1.00 7.91  ? 10  DC  A "O3'" 1 
ATOM   240 C "C2'" . DC  A 1 10 ? 10.683  14.397  3.198   1.00 7.27  ? 10  DC  A "C2'" 1 
ATOM   241 C "C1'" . DC  A 1 10 ? 9.490   13.601  2.688   1.00 6.85  ? 10  DC  A "C1'" 1 
ATOM   242 N N1    . DC  A 1 10 ? 9.891   12.304  2.116   1.00 7.02  ? 10  DC  A N1    1 
ATOM   243 C C2    . DC  A 1 10 ? 10.049  11.233  2.972   1.00 7.05  ? 10  DC  A C2    1 
ATOM   244 O O2    . DC  A 1 10 ? 9.902   11.459  4.187   1.00 7.75  ? 10  DC  A O2    1 
ATOM   245 N N3    . DC  A 1 10 ? 10.405  10.032  2.481   1.00 7.42  ? 10  DC  A N3    1 
ATOM   246 C C4    . DC  A 1 10 ? 10.641  9.897   1.162   1.00 7.30  ? 10  DC  A C4    1 
ATOM   247 N N4    . DC  A 1 10 ? 10.998  8.692   0.701   1.00 8.43  ? 10  DC  A N4    1 
ATOM   248 C C5    . DC  A 1 10 ? 10.529  11.001  0.262   1.00 7.48  ? 10  DC  A C5    1 
ATOM   249 C C6    . DC  A 1 10 ? 10.155  12.181  0.757   1.00 7.46  ? 10  DC  A C6    1 
ATOM   250 O "O5'" . DG  B 1 1  ? 9.903   1.118   7.319   1.00 20.24 ? 11  DG  B "O5'" 1 
ATOM   251 C "C5'" . DG  B 1 1  ? 10.028  1.168   8.693   1.00 18.63 ? 11  DG  B "C5'" 1 
ATOM   252 C "C4'" . DG  B 1 1  ? 9.968   2.603   9.199   1.00 16.06 ? 11  DG  B "C4'" 1 
ATOM   253 O "O4'" . DG  B 1 1  ? 11.130  3.339   8.716   1.00 14.96 ? 11  DG  B "O4'" 1 
ATOM   254 C "C3'" . DG  B 1 1  ? 8.780   3.428   8.758   1.00 14.39 ? 11  DG  B "C3'" 1 
ATOM   255 O "O3'" . DG  B 1 1  ? 7.676   3.162   9.670   1.00 13.25 ? 11  DG  B "O3'" 1 
ATOM   256 C "C2'" . DG  B 1 1  ? 9.331   4.838   8.936   1.00 14.10 ? 11  DG  B "C2'" 1 
ATOM   257 C "C1'" . DG  B 1 1  ? 10.716  4.650   8.378   1.00 13.40 ? 11  DG  B "C1'" 1 
ATOM   258 N N9    . DG  B 1 1  ? 10.856  4.786   6.915   1.00 12.65 ? 11  DG  B N9    1 
ATOM   259 C C8    . DG  B 1 1  ? 11.306  3.841   6.021   1.00 13.27 ? 11  DG  B C8    1 
ATOM   260 N N7    . DG  B 1 1  ? 11.410  4.277   4.778   1.00 13.32 ? 11  DG  B N7    1 
ATOM   261 C C5    . DG  B 1 1  ? 11.031  5.637   4.884   1.00 11.59 ? 11  DG  B C5    1 
ATOM   262 C C6    . DG  B 1 1  ? 10.974  6.648   3.883   1.00 10.23 ? 11  DG  B C6    1 
ATOM   263 O O6    . DG  B 1 1  ? 11.287  6.556   2.672   1.00 10.34 ? 11  DG  B O6    1 
ATOM   264 N N1    . DG  B 1 1  ? 10.590  7.867   4.405   1.00 8.96  ? 11  DG  B N1    1 
ATOM   265 C C2    . DG  B 1 1  ? 10.255  8.063   5.734   1.00 8.91  ? 11  DG  B C2    1 
ATOM   266 N N2    . DG  B 1 1  ? 9.865   9.302   6.047   1.00 8.51  ? 11  DG  B N2    1 
ATOM   267 N N3    . DG  B 1 1  ? 10.307  7.127   6.677   1.00 9.79  ? 11  DG  B N3    1 
ATOM   268 C C4    . DG  B 1 1  ? 10.703  5.959   6.178   1.00 10.98 ? 11  DG  B C4    1 
ATOM   269 P P     . DC  B 1 2  ? 6.175   3.258   9.211   1.00 12.75 ? 12  DC  B P     1 
ATOM   270 O OP1   . DC  B 1 2  ? 5.377   2.804   10.347  1.00 14.41 ? 12  DC  B OP1   1 
ATOM   271 O OP2   . DC  B 1 2  ? 5.994   2.604   7.896   1.00 14.29 ? 12  DC  B OP2   1 
ATOM   272 O "O5'" . DC  B 1 2  ? 5.951   4.796   8.937   1.00 11.50 ? 12  DC  B "O5'" 1 
ATOM   273 C "C5'" . DC  B 1 2  ? 5.940   5.753   10.030  1.00 11.55 ? 12  DC  B "C5'" 1 
ATOM   274 C "C4'" . DC  B 1 2  ? 5.799   7.144   9.468   1.00 10.27 ? 12  DC  B "C4'" 1 
ATOM   275 O "O4'" . DC  B 1 2  ? 6.988   7.500   8.707   1.00 10.12 ? 12  DC  B "O4'" 1 
ATOM   276 C "C3'" . DC  B 1 2  ? 4.635   7.358   8.512   1.00 9.82  ? 12  DC  B "C3'" 1 
ATOM   277 O "O3'" . DC  B 1 2  ? 3.382   7.527   9.250   1.00 10.99 ? 12  DC  B "O3'" 1 
ATOM   278 C "C2'" . DC  B 1 2  ? 5.097   8.596   7.774   1.00 9.94  ? 12  DC  B "C2'" 1 
ATOM   279 C "C1'" . DC  B 1 2  ? 6.583   8.299   7.617   1.00 9.38  ? 12  DC  B "C1'" 1 
ATOM   280 N N1    . DC  B 1 2  ? 6.900   7.580   6.341   1.00 8.43  ? 12  DC  B N1    1 
ATOM   281 C C2    . DC  B 1 2  ? 6.954   8.299   5.181   1.00 7.91  ? 12  DC  B C2    1 
ATOM   282 O O2    . DC  B 1 2  ? 6.678   9.502   5.246   1.00 8.23  ? 12  DC  B O2    1 
ATOM   283 N N3    . DC  B 1 2  ? 7.281   7.690   4.023   1.00 7.70  ? 12  DC  B N3    1 
ATOM   284 C C4    . DC  B 1 2  ? 7.511   6.375   3.989   1.00 8.60  ? 12  DC  B C4    1 
ATOM   285 N N4    . DC  B 1 2  ? 7.851   5.839   2.819   1.00 9.29  ? 12  DC  B N4    1 
ATOM   286 C C5    . DC  B 1 2  ? 7.389   5.590   5.174   1.00 9.20  ? 12  DC  B C5    1 
ATOM   287 C C6    . DC  B 1 2  ? 7.102   6.227   6.312   1.00 9.37  ? 12  DC  B C6    1 
ATOM   288 P P     . DG  B 1 3  ? 2.044   7.036   8.536   1.00 12.13 ? 13  DG  B P     1 
ATOM   289 O OP1   . DG  B 1 3  ? 0.985   7.386   9.490   1.00 12.98 ? 13  DG  B OP1   1 
ATOM   290 O OP2   . DG  B 1 3  ? 2.198   5.620   8.121   1.00 13.66 ? 13  DG  B OP2   1 
ATOM   291 O "O5'" . DG  B 1 3  ? 1.937   7.870   7.209   1.00 10.73 ? 13  DG  B "O5'" 1 
ATOM   292 C "C5'" . DG  B 1 3  ? 1.647   9.258   7.338   1.00 10.33 ? 13  DG  B "C5'" 1 
ATOM   293 C "C4'" . DG  B 1 3  ? 1.678   9.899   5.981   1.00 9.46  ? 13  DG  B "C4'" 1 
ATOM   294 O "O4'" . DG  B 1 3  ? 2.989   9.826   5.406   1.00 9.57  ? 13  DG  B "O4'" 1 
ATOM   295 C "C3'" . DG  B 1 3  ? 0.806   9.251   4.931   1.00 9.44  ? 13  DG  B "C3'" 1 
ATOM   296 O "O3'" . DG  B 1 3  ? -0.550  9.569   5.182   1.00 9.87  ? 13  DG  B "O3'" 1 
ATOM   297 C "C2'" . DG  B 1 3  ? 1.373   9.929   3.680   1.00 10.15 ? 13  DG  B "C2'" 1 
ATOM   298 C "C1'" . DG  B 1 3  ? 2.863   9.891   4.006   1.00 9.69  ? 13  DG  B "C1'" 1 
ATOM   299 N N9    . DG  B 1 3  ? 3.485   8.693   3.416   1.00 8.76  ? 13  DG  B N9    1 
ATOM   300 C C8    . DG  B 1 3  ? 3.841   7.525   4.021   1.00 9.07  ? 13  DG  B C8    1 
ATOM   301 N N7    . DG  B 1 3  ? 4.331   6.606   3.168   1.00 9.06  ? 13  DG  B N7    1 
ATOM   302 C C5    . DG  B 1 3  ? 4.281   7.261   1.920   1.00 8.36  ? 13  DG  B C5    1 
ATOM   303 C C6    . DG  B 1 3  ? 4.657   6.836   0.618   1.00 8.05  ? 13  DG  B C6    1 
ATOM   304 O O6    . DG  B 1 3  ? 5.123   5.748   0.284   1.00 8.41  ? 13  DG  B O6    1 
ATOM   305 N N1    . DG  B 1 3  ? 4.383   7.802   -0.355  1.00 7.57  ? 13  DG  B N1    1 
ATOM   306 C C2    . DG  B 1 3  ? 3.858   9.040   -0.087  1.00 7.66  ? 13  DG  B C2    1 
ATOM   307 N N2    . DG  B 1 3  ? 3.661   9.834   -1.141  1.00 7.96  ? 13  DG  B N2    1 
ATOM   308 N N3    . DG  B 1 3  ? 3.523   9.439   1.116   1.00 8.18  ? 13  DG  B N3    1 
ATOM   309 C C4    . DG  B 1 3  ? 3.790   8.544   2.075   1.00 8.18  ? 13  DG  B C4    1 
ATOM   310 P P     . DT  B 1 4  ? -1.718  8.647   4.583   1.00 10.54 ? 14  DT  B P     1 
ATOM   311 O OP1   . DT  B 1 4  ? -2.971  9.204   5.159   1.00 11.35 ? 14  DT  B OP1   1 
ATOM   312 O OP2   . DT  B 1 4  ? -1.417  7.243   4.757   1.00 10.95 ? 14  DT  B OP2   1 
ATOM   313 O "O5'" . DT  B 1 4  ? -1.664  8.906   3.001   1.00 10.45 ? 14  DT  B "O5'" 1 
ATOM   314 C "C5'" . DT  B 1 4  ? -2.034  10.191  2.515   1.00 11.20 ? 14  DT  B "C5'" 1 
ATOM   315 C "C4'" . DT  B 1 4  ? -1.901  10.177  1.014   1.00 11.56 ? 14  DT  B "C4'" 1 
ATOM   316 O "O4'" . DT  B 1 4  ? -0.508  10.025  0.631   1.00 11.78 ? 14  DT  B "O4'" 1 
ATOM   317 C "C3'" . DT  B 1 4  ? -2.564  9.020   0.296   1.00 11.72 ? 14  DT  B "C3'" 1 
ATOM   318 O "O3'" . DT  B 1 4  ? -4.023  9.237   0.227   1.00 12.30 ? 14  DT  B "O3'" 1 
ATOM   319 C "C2'" . DT  B 1 4  ? -1.896  9.147   -1.067  1.00 12.04 ? 14  DT  B "C2'" 1 
ATOM   320 C "C1'" . DT  B 1 4  ? -0.429  9.376   -0.605  1.00 11.51 ? 14  DT  B "C1'" 1 
ATOM   321 N N1    . DT  B 1 4  ? 0.281   8.106   -0.430  1.00 10.41 ? 14  DT  B N1    1 
ATOM   322 C C2    . DT  B 1 4  ? 0.848   7.554   -1.567  1.00 10.79 ? 14  DT  B C2    1 
ATOM   323 O O2    . DT  B 1 4  ? 0.743   8.042   -2.661  1.00 12.21 ? 14  DT  B O2    1 
ATOM   324 N N3    . DT  B 1 4  ? 1.475   6.376   -1.378  1.00 10.04 ? 14  DT  B N3    1 
ATOM   325 C C4    . DT  B 1 4  ? 1.578   5.696   -0.210  1.00 9.46  ? 14  DT  B C4    1 
ATOM   326 O O4    . DT  B 1 4  ? 2.164   4.621   -0.172  1.00 10.60 ? 14  DT  B O4    1 
ATOM   327 C C5    . DT  B 1 4  ? 0.938   6.302   0.965   1.00 9.88  ? 14  DT  B C5    1 
ATOM   328 C C7    . DT  B 1 4  ? 1.005   5.619   2.302   1.00 10.25 ? 14  DT  B C7    1 
ATOM   329 C C6    . DT  B 1 4  ? 0.323   7.480   0.800   1.00 9.95  ? 14  DT  B C6    1 
ATOM   330 P P     . DA  B 1 5  ? -4.985  7.956   0.120   1.00 13.38 ? 15  DA  B P     1 
ATOM   331 O OP1   . DA  B 1 5  ? -6.349  8.478   0.337   1.00 14.60 ? 15  DA  B OP1   1 
ATOM   332 O OP2   . DA  B 1 5  ? -4.500  6.836   0.938   1.00 14.32 ? 15  DA  B OP2   1 
ATOM   333 O "O5'" . DA  B 1 5  ? -4.806  7.500   -1.385  1.00 13.12 ? 15  DA  B "O5'" 1 
ATOM   334 C "C5'" . DA  B 1 5  ? -5.269  8.344   -2.428  1.00 13.66 ? 15  DA  B "C5'" 1 
ATOM   335 C "C4'" . DA  B 1 5  ? -4.761  7.845   -3.763  1.00 13.80 ? 15  DA  B "C4'" 1 
ATOM   336 O "O4'" . DA  B 1 5  ? -3.327  7.802   -3.739  1.00 14.02 ? 15  DA  B "O4'" 1 
ATOM   337 C "C3'" . DA  B 1 5  ? -5.134  6.414   -4.120  1.00 13.85 ? 15  DA  B "C3'" 1 
ATOM   338 O "O3'" . DA  B 1 5  ? -6.462  6.433   -4.647  1.00 14.58 ? 15  DA  B "O3'" 1 
ATOM   339 C "C2'" . DA  B 1 5  ? -4.110  6.106   -5.164  1.00 13.62 ? 15  DA  B "C2'" 1 
ATOM   340 C "C1'" . DA  B 1 5  ? -2.885  6.734   -4.542  1.00 13.39 ? 15  DA  B "C1'" 1 
ATOM   341 N N9    . DA  B 1 5  ? -2.138  5.794   -3.680  1.00 12.08 ? 15  DA  B N9    1 
ATOM   342 C C8    . DA  B 1 5  ? -2.191  5.669   -2.322  1.00 11.60 ? 15  DA  B C8    1 
ATOM   343 N N7    . DA  B 1 5  ? -1.403  4.729   -1.858  1.00 10.78 ? 15  DA  B N7    1 
ATOM   344 C C5    . DA  B 1 5  ? -0.835  4.184   -2.990  1.00 10.78 ? 15  DA  B C5    1 
ATOM   345 C C6    . DA  B 1 5  ? 0.084   3.133   -3.190  1.00 10.84 ? 15  DA  B C6    1 
ATOM   346 N N6    . DA  B 1 5  ? 0.608   2.411   -2.182  1.00 11.11 ? 15  DA  B N6    1 
ATOM   347 N N1    . DA  B 1 5  ? 0.422   2.855   -4.461  1.00 10.93 ? 15  DA  B N1    1 
ATOM   348 C C2    . DA  B 1 5  ? -0.075  3.573   -5.460  1.00 11.64 ? 15  DA  B C2    1 
ATOM   349 N N3    . DA  B 1 5  ? -0.928  4.565   -5.397  1.00 12.51 ? 15  DA  B N3    1 
ATOM   350 C C4    . DA  B 1 5  ? -1.282  4.841   -4.110  1.00 11.78 ? 15  DA  B C4    1 
HETATM 351 C C2    . LST B 1 6  ? -2.531  0.790   -5.854  1.00 10.35 ? 16  LST B C2    1 
HETATM 352 C C4    . LST B 1 6  ? -2.643  1.062   -3.438  1.00 9.48  ? 16  LST B C4    1 
HETATM 353 C C5    . LST B 1 6  ? -3.681  2.053   -3.632  1.00 10.05 ? 16  LST B C5    1 
HETATM 354 C C6    . LST B 1 6  ? -4.051  2.346   -4.895  1.00 10.42 ? 16  LST B C6    1 
HETATM 355 C "C1'" . LST B 1 6  ? -3.837  2.162   -7.386  1.00 11.32 ? 16  LST B "C1'" 1 
HETATM 356 C "C2'" . LST B 1 6  ? -4.896  1.269   -8.009  1.00 12.41 ? 16  LST B "C2'" 1 
HETATM 357 C "C3'" . LST B 1 6  ? -6.140  1.989   -7.514  1.00 12.41 ? 16  LST B "C3'" 1 
HETATM 358 O "O3'" . LST B 1 6  ? -7.311  1.665   -8.201  1.00 12.68 ? 16  LST B "O3'" 1 
HETATM 359 C "C4'" . LST B 1 6  ? -5.759  3.462   -7.784  1.00 12.54 ? 16  LST B "C4'" 1 
HETATM 360 C "C5'" . LST B 1 6  ? -6.611  4.501   -7.078  1.00 13.65 ? 16  LST B "C5'" 1 
HETATM 361 O "O5'" . LST B 1 6  ? -6.592  4.148   -5.685  1.00 14.44 ? 16  LST B "O5'" 1 
HETATM 362 C "C6'" . LST B 1 6  ? -5.827  3.685   -9.310  1.00 13.69 ? 16  LST B "C6'" 1 
HETATM 363 P P     . LST B 1 6  ? -7.362  5.128   -4.644  1.00 15.19 ? 16  LST B P     1 
HETATM 364 O OP2   . LST B 1 6  ? -7.223  4.426   -3.238  1.00 16.75 ? 16  LST B OP2   1 
HETATM 365 N "N2'" . LST B 1 6  ? -4.767  1.235   -9.492  1.00 13.59 ? 16  LST B "N2'" 1 
HETATM 366 C "C7'" . LST B 1 6  ? -3.872  0.204   -10.003 1.00 13.88 ? 16  LST B "C7'" 1 
HETATM 367 S S     . LST B 1 6  ? -4.676  2.707   -10.229 1.00 14.83 ? 16  LST B S     1 
HETATM 368 O "O7'" . LST B 1 6  ? -5.165  2.569   -11.564 1.00 16.02 ? 16  LST B "O7'" 1 
HETATM 369 O "O8'" . LST B 1 6  ? -3.364  3.246   -10.057 1.00 14.82 ? 16  LST B "O8'" 1 
HETATM 370 O "O4'" . LST B 1 6  ? -4.385  3.471   -7.317  1.00 11.93 ? 16  LST B "O4'" 1 
HETATM 371 N N1    . LST B 1 6  ? -3.488  1.795   -5.997  1.00 10.24 ? 16  LST B N1    1 
HETATM 372 C C7    . LST B 1 6  ? -4.299  2.675   -2.411  1.00 11.20 ? 16  LST B C7    1 
HETATM 373 N N3    . LST B 1 6  ? -2.123  0.512   -4.587  1.00 9.52  ? 16  LST B N3    1 
HETATM 374 O O2    . LST B 1 6  ? -2.031  0.243   -6.823  1.00 11.72 ? 16  LST B O2    1 
HETATM 375 O O4    . LST B 1 6  ? -2.238  0.682   -2.338  1.00 10.21 ? 16  LST B O4    1 
HETATM 376 O OP3   . LST B 1 6  ? -8.670  5.496   -5.177  1.00 16.51 ? 16  LST B OP3   1 
ATOM   377 P P     . DA  B 1 7  ? -8.363  0.642   -7.499  1.00 13.82 ? 17  DA  B P     1 
ATOM   378 O OP1   . DA  B 1 7  ? -9.559  0.709   -8.349  1.00 15.86 ? 17  DA  B OP1   1 
ATOM   379 O OP2   . DA  B 1 7  ? -8.461  0.862   -6.051  1.00 14.87 ? 17  DA  B OP2   1 
ATOM   380 O "O5'" . DA  B 1 7  ? -7.685  -0.787  -7.648  1.00 12.90 ? 17  DA  B "O5'" 1 
ATOM   381 C "C5'" . DA  B 1 7  ? -7.617  -1.364  -8.893  1.00 12.56 ? 17  DA  B "C5'" 1 
ATOM   382 C "C4'" . DA  B 1 7  ? -6.774  -2.596  -8.805  1.00 12.08 ? 17  DA  B "C4'" 1 
ATOM   383 O "O4'" . DA  B 1 7  ? -5.431  -2.227  -8.404  1.00 12.08 ? 17  DA  B "O4'" 1 
ATOM   384 C "C3'" . DA  B 1 7  ? -7.162  -3.641  -7.799  1.00 12.16 ? 17  DA  B "C3'" 1 
ATOM   385 O "O3'" . DA  B 1 7  ? -8.321  -4.403  -8.253  1.00 13.18 ? 17  DA  B "O3'" 1 
ATOM   386 C "C2'" . DA  B 1 7  ? -5.867  -4.468  -7.789  1.00 12.01 ? 17  DA  B "C2'" 1 
ATOM   387 C "C1'" . DA  B 1 7  ? -4.844  -3.338  -7.764  1.00 11.00 ? 17  DA  B "C1'" 1 
ATOM   388 N N9    . DA  B 1 7  ? -4.520  -2.914  -6.395  1.00 9.76  ? 17  DA  B N9    1 
ATOM   389 C C8    . DA  B 1 7  ? -5.033  -1.860  -5.693  1.00 9.31  ? 17  DA  B C8    1 
ATOM   390 N N7    . DA  B 1 7  ? -4.545  -1.743  -4.486  1.00 8.75  ? 17  DA  B N7    1 
ATOM   391 C C5    . DA  B 1 7  ? -3.641  -2.789  -4.385  1.00 7.97  ? 17  DA  B C5    1 
ATOM   392 C C6    . DA  B 1 7  ? -2.808  -3.227  -3.353  1.00 7.44  ? 17  DA  B C6    1 
ATOM   393 N N6    . DA  B 1 7  ? -2.688  -2.599  -2.176  1.00 7.98  ? 17  DA  B N6    1 
ATOM   394 N N1    . DA  B 1 7  ? -2.062  -4.322  -3.564  1.00 7.63  ? 17  DA  B N1    1 
ATOM   395 C C2    . DA  B 1 7  ? -2.129  -4.928  -4.754  1.00 8.46  ? 17  DA  B C2    1 
ATOM   396 N N3    . DA  B 1 7  ? -2.867  -4.587  -5.797  1.00 8.27  ? 17  DA  B N3    1 
ATOM   397 C C4    . DA  B 1 7  ? -3.599  -3.513  -5.549  1.00 8.77  ? 17  DA  B C4    1 
ATOM   398 P P     A DC  B 1 8  ? -9.391  -4.830  -7.102  0.37 12.50 ? 18  DC  B P     1 
ATOM   399 P P     B DC  B 1 8  ? -9.407  -4.987  -7.266  0.63 13.76 ? 18  DC  B P     1 
ATOM   400 O OP1   A DC  B 1 8  ? -10.608 -5.198  -7.847  0.37 12.39 ? 18  DC  B OP1   1 
ATOM   401 O OP1   B DC  B 1 8  ? -10.374 -5.717  -8.107  0.63 14.73 ? 18  DC  B OP1   1 
ATOM   402 O OP2   A DC  B 1 8  ? -9.542  -3.867  -5.958  0.37 12.25 ? 18  DC  B OP2   1 
ATOM   403 O OP2   B DC  B 1 8  ? -9.828  -3.849  -6.437  0.63 14.44 ? 18  DC  B OP2   1 
ATOM   404 O "O5'" A DC  B 1 8  ? -8.726  -6.153  -6.464  0.37 11.98 ? 18  DC  B "O5'" 1 
ATOM   405 O "O5'" B DC  B 1 8  ? -8.575  -6.028  -6.360  0.63 12.32 ? 18  DC  B "O5'" 1 
ATOM   406 C "C5'" A DC  B 1 8  ? -8.009  -7.096  -7.293  0.37 11.32 ? 18  DC  B "C5'" 1 
ATOM   407 C "C5'" B DC  B 1 8  ? -8.306  -7.288  -6.891  0.63 11.71 ? 18  DC  B "C5'" 1 
ATOM   408 C "C4'" A DC  B 1 8  ? -7.017  -7.862  -6.442  0.37 10.68 ? 18  DC  B "C4'" 1 
ATOM   409 C "C4'" B DC  B 1 8  ? -7.287  -8.005  -6.057  0.63 10.29 ? 18  DC  B "C4'" 1 
ATOM   410 O "O4'" A DC  B 1 8  ? -6.003  -6.947  -5.966  0.37 9.76  ? 18  DC  B "O4'" 1 
ATOM   411 O "O4'" B DC  B 1 8  ? -6.098  -7.183  -5.890  0.63 9.24  ? 18  DC  B "O4'" 1 
ATOM   412 C "C3'" A DC  B 1 8  ? -7.590  -8.486  -5.188  0.37 10.62 ? 18  DC  B "C3'" 1 
ATOM   413 C "C3'" B DC  B 1 8  ? -7.692  -8.330  -4.636  0.63 9.58  ? 18  DC  B "C3'" 1 
ATOM   414 O "O3'" A DC  B 1 8  ? -8.132  -9.770  -5.523  0.37 11.58 ? 18  DC  B "O3'" 1 
ATOM   415 O "O3'" B DC  B 1 8  ? -8.530  -9.451  -4.650  0.63 10.18 ? 18  DC  B "O3'" 1 
ATOM   416 C "C2'" A DC  B 1 8  ? -6.338  -8.594  -4.308  0.37 9.70  ? 18  DC  B "C2'" 1 
ATOM   417 C "C2'" B DC  B 1 8  ? -6.302  -8.611  -4.047  0.63 8.70  ? 18  DC  B "C2'" 1 
ATOM   418 C "C1'" A DC  B 1 8  ? -5.506  -7.370  -4.732  0.37 9.19  ? 18  DC  B "C1'" 1 
ATOM   419 C "C1'" B DC  B 1 8  ? -5.487  -7.460  -4.650  0.63 8.58  ? 18  DC  B "C1'" 1 
ATOM   420 N N1    A DC  B 1 8  ? -5.622  -6.262  -3.768  0.37 8.10  ? 18  DC  B N1    1 
ATOM   421 N N1    B DC  B 1 8  ? -5.569  -6.233  -3.774  0.63 7.98  ? 18  DC  B N1    1 
ATOM   422 C C2    A DC  B 1 8  ? -4.779  -6.303  -2.681  0.37 7.81  ? 18  DC  B C2    1 
ATOM   423 C C2    B DC  B 1 8  ? -4.791  -6.248  -2.641  0.63 7.71  ? 18  DC  B C2    1 
ATOM   424 O O2    A DC  B 1 8  ? -3.975  -7.228  -2.613  0.37 8.35  ? 18  DC  B O2    1 
ATOM   425 O O2    B DC  B 1 8  ? -4.080  -7.235  -2.436  0.63 8.41  ? 18  DC  B O2    1 
ATOM   426 N N3    A DC  B 1 8  ? -4.855  -5.341  -1.742  0.37 7.41  ? 18  DC  B N3    1 
ATOM   427 N N3    B DC  B 1 8  ? -4.846  -5.206  -1.779  0.63 7.50  ? 18  DC  B N3    1 
ATOM   428 C C4    A DC  B 1 8  ? -5.766  -4.386  -1.858  0.37 7.47  ? 18  DC  B C4    1 
ATOM   429 C C4    B DC  B 1 8  ? -5.688  -4.206  -2.012  0.63 8.34  ? 18  DC  B C4    1 
ATOM   430 N N4    A DC  B 1 8  ? -5.817  -3.469  -0.902  0.37 7.61  ? 18  DC  B N4    1 
ATOM   431 N N4    B DC  B 1 8  ? -5.697  -3.190  -1.153  0.63 8.76  ? 18  DC  B N4    1 
ATOM   432 C C5    A DC  B 1 8  ? -6.678  -4.334  -2.956  0.37 7.42  ? 18  DC  B C5    1 
ATOM   433 C C5    B DC  B 1 8  ? -6.510  -4.161  -3.171  0.63 8.63  ? 18  DC  B C5    1 
ATOM   434 C C6    A DC  B 1 8  ? -6.578  -5.299  -3.886  0.37 7.68  ? 18  DC  B C6    1 
ATOM   435 C C6    B DC  B 1 8  ? -6.456  -5.229  -4.001  0.63 8.37  ? 18  DC  B C6    1 
ATOM   436 P P     A DG  B 1 9  ? -9.024  -10.580 -4.488  0.37 11.86 ? 19  DG  B P     1 
ATOM   437 P P     B DG  B 1 9  ? -9.476  -9.787  -3.405  0.63 9.84  ? 19  DG  B P     1 
ATOM   438 O OP1   A DG  B 1 9  ? -9.435  -11.757 -5.233  0.37 13.12 ? 19  DG  B OP1   1 
ATOM   439 O OP1   B DG  B 1 9  ? -10.362 -10.852 -3.879  0.63 11.43 ? 19  DG  B OP1   1 
ATOM   440 O OP2   A DG  B 1 9  ? -10.037 -9.650  -3.935  0.37 11.51 ? 19  DG  B OP2   1 
ATOM   441 O OP2   B DG  B 1 9  ? -10.063 -8.547  -2.892  0.63 10.64 ? 19  DG  B OP2   1 
ATOM   442 O "O5'" A DG  B 1 9  ? -7.958  -11.007 -3.412  0.37 10.55 ? 19  DG  B "O5'" 1 
ATOM   443 O "O5'" B DG  B 1 9  ? -8.510  -10.288 -2.256  0.63 8.31  ? 19  DG  B "O5'" 1 
ATOM   444 C "C5'" A DG  B 1 9  ? -8.301  -11.129 -2.053  0.37 9.71  ? 19  DG  B "C5'" 1 
ATOM   445 C "C5'" B DG  B 1 9  ? -7.676  -11.480 -2.399  0.63 8.01  ? 19  DG  B "C5'" 1 
ATOM   446 C "C4'" A DG  B 1 9  ? -7.051  -11.404 -1.255  0.37 8.30  ? 19  DG  B "C4'" 1 
ATOM   447 C "C4'" B DG  B 1 9  ? -6.711  -11.545 -1.272  0.63 7.07  ? 19  DG  B "C4'" 1 
ATOM   448 O "O4'" A DG  B 1 9  ? -6.135  -10.300 -1.401  0.37 8.03  ? 19  DG  B "O4'" 1 
ATOM   449 O "O4'" B DG  B 1 9  ? -5.933  -10.327 -1.275  0.63 7.52  ? 19  DG  B "O4'" 1 
ATOM   450 C "C3'" A DG  B 1 9  ? -7.278  -11.538 0.228   0.37 8.12  ? 19  DG  B "C3'" 1 
ATOM   451 C "C3'" B DG  B 1 9  ? -7.276  -11.616 0.114   0.63 6.91  ? 19  DG  B "C3'" 1 
ATOM   452 O "O3'" A DG  B 1 9  ? -7.495  -12.907 0.515   0.37 8.32  ? 19  DG  B "O3'" 1 
ATOM   453 O "O3'" B DG  B 1 9  ? -7.538  -12.987 0.452   0.63 7.06  ? 19  DG  B "O3'" 1 
ATOM   454 C "C2'" A DG  B 1 9  ? -5.943  -11.056 0.812   0.37 8.00  ? 19  DG  B "C2'" 1 
ATOM   455 C "C2'" B DG  B 1 9  ? -6.098  -11.097 0.941   0.63 7.25  ? 19  DG  B "C2'" 1 
ATOM   456 C "C1'" A DG  B 1 9  ? -5.611  -9.937  -0.150  0.37 7.82  ? 19  DG  B "C1'" 1 
ATOM   457 C "C1'" B DG  B 1 9  ? -5.623  -9.979  0.064   0.63 7.00  ? 19  DG  B "C1'" 1 
ATOM   458 N N9    A DG  B 1 9  ? -6.143  -8.639  0.164   0.37 7.33  ? 19  DG  B N9    1 
ATOM   459 N N9    B DG  B 1 9  ? -6.201  -8.669  0.371   0.63 6.38  ? 19  DG  B N9    1 
ATOM   460 C C8    A DG  B 1 9  ? -6.913  -7.826  -0.647  0.37 7.90  ? 19  DG  B C8    1 
ATOM   461 C C8    B DG  B 1 9  ? -7.059  -7.874  -0.390  0.63 6.73  ? 19  DG  B C8    1 
ATOM   462 N N7    A DG  B 1 9  ? -7.127  -6.652  -0.115  0.37 7.69  ? 19  DG  B N7    1 
ATOM   463 N N7    B DG  B 1 9  ? -7.259  -6.702  0.167   0.63 6.67  ? 19  DG  B N7    1 
ATOM   464 C C5    A DG  B 1 9  ? -6.437  -6.680  1.096   0.37 7.07  ? 19  DG  B C5    1 
ATOM   465 C C5    B DG  B 1 9  ? -6.489  -6.715  1.339   0.63 6.52  ? 19  DG  B C5    1 
ATOM   466 C C6    A DG  B 1 9  ? -6.288  -5.704  2.103   0.37 6.58  ? 19  DG  B C6    1 
ATOM   467 C C6    B DG  B 1 9  ? -6.279  -5.745  2.343   0.63 7.08  ? 19  DG  B C6    1 
ATOM   468 O O6    A DG  B 1 9  ? -6.701  -4.521  2.127   0.37 6.94  ? 19  DG  B O6    1 
ATOM   469 O O6    B DG  B 1 9  ? -6.704  -4.589  2.422   0.63 7.88  ? 19  DG  B O6    1 
ATOM   470 N N1    A DG  B 1 9  ? -5.500  -6.175  3.164   0.37 6.18  ? 19  DG  B N1    1 
ATOM   471 N N1    B DG  B 1 9  ? -5.476  -6.204  3.388   0.63 6.77  ? 19  DG  B N1    1 
ATOM   472 C C2    A DG  B 1 9  ? -4.974  -7.451  3.240   0.37 6.24  ? 19  DG  B C2    1 
ATOM   473 C C2    B DG  B 1 9  ? -4.917  -7.459  3.436   0.63 6.24  ? 19  DG  B C2    1 
ATOM   474 N N2    A DG  B 1 9  ? -4.290  -7.763  4.360   0.37 6.53  ? 19  DG  B N2    1 
ATOM   475 N N2    B DG  B 1 9  ? -4.203  -7.712  4.548   0.63 7.03  ? 19  DG  B N2    1 
ATOM   476 N N3    A DG  B 1 9  ? -5.096  -8.351  2.300   0.37 6.34  ? 19  DG  B N3    1 
ATOM   477 N N3    B DG  B 1 9  ? -5.062  -8.384  2.482   0.63 6.40  ? 19  DG  B N3    1 
ATOM   478 C C4    A DG  B 1 9  ? -5.841  -7.906  1.274   0.37 6.82  ? 19  DG  B C4    1 
ATOM   479 C C4    B DG  B 1 9  ? -5.851  -7.929  1.465   0.63 6.23  ? 19  DG  B C4    1 
ATOM   480 P P     . DC  B 1 10 ? -8.567  -13.324 1.626   1.00 8.57  ? 20  DC  B P     1 
ATOM   481 O OP1   . DC  B 1 10 ? -8.656  -14.777 1.615   1.00 10.34 ? 20  DC  B OP1   1 
ATOM   482 O OP2   . DC  B 1 10 ? -9.814  -12.549 1.483   1.00 10.38 ? 20  DC  B OP2   1 
ATOM   483 O "O5'" . DC  B 1 10 ? -7.873  -12.813 2.954   1.00 8.14  ? 20  DC  B "O5'" 1 
ATOM   484 C "C5'" . DC  B 1 10 ? -6.721  -13.505 3.494   1.00 8.20  ? 20  DC  B "C5'" 1 
ATOM   485 C "C4'" . DC  B 1 10 ? -6.396  -12.855 4.841   1.00 8.00  ? 20  DC  B "C4'" 1 
ATOM   486 O "O4'" . DC  B 1 10 ? -6.013  -11.485 4.606   1.00 7.99  ? 20  DC  B "O4'" 1 
ATOM   487 C "C3'" . DC  B 1 10 ? -7.515  -12.754 5.844   1.00 8.18  ? 20  DC  B "C3'" 1 
ATOM   488 O "O3'" . DC  B 1 10 ? -7.617  -13.926 6.676   1.00 9.15  ? 20  DC  B "O3'" 1 
ATOM   489 C "C2'" . DC  B 1 10 ? -7.109  -11.560 6.690   1.00 8.83  ? 20  DC  B "C2'" 1 
ATOM   490 C "C1'" . DC  B 1 10 ? -6.383  -10.695 5.709   1.00 8.07  ? 20  DC  B "C1'" 1 
ATOM   491 N N1    . DC  B 1 10 ? -7.154  -9.567  5.229   1.00 7.44  ? 20  DC  B N1    1 
ATOM   492 C C2    . DC  B 1 10 ? -7.123  -8.399  6.008   1.00 7.43  ? 20  DC  B C2    1 
ATOM   493 O O2    . DC  B 1 10 ? -6.591  -8.427  7.117   1.00 8.14  ? 20  DC  B O2    1 
ATOM   494 N N3    . DC  B 1 10 ? -7.760  -7.299  5.562   1.00 8.04  ? 20  DC  B N3    1 
ATOM   495 C C4    . DC  B 1 10 ? -8.407  -7.316  4.381   1.00 7.95  ? 20  DC  B C4    1 
ATOM   496 N N4    . DC  B 1 10 ? -8.985  -6.193  3.955   1.00 8.95  ? 20  DC  B N4    1 
ATOM   497 C C5    . DC  B 1 10 ? -8.498  -8.535  3.602   1.00 7.99  ? 20  DC  B C5    1 
ATOM   498 C C6    . DC  B 1 10 ? -7.828  -9.613  4.061   1.00 7.51  ? 20  DC  B C6    1 
HETATM 499 O O     . HOH C 2 .  ? -5.174  2.391   7.473   1.00 37.39 ? 101 HOH A O     1 
HETATM 500 O O     . HOH C 2 .  ? 8.021   -0.350  -12.536 1.00 51.55 ? 102 HOH A O     1 
HETATM 501 O O     . HOH C 2 .  ? 13.221  17.197  -2.162  1.00 12.82 ? 103 HOH A O     1 
HETATM 502 O O     . HOH C 2 .  ? -9.230  3.387   9.224   1.00 49.07 ? 104 HOH A O     1 
HETATM 503 O O     . HOH C 2 .  ? 4.298   -3.781  4.288   1.00 22.94 ? 105 HOH A O     1 
HETATM 504 O O     . HOH C 2 .  ? 11.392  8.609   -6.761  1.00 20.16 ? 106 HOH A O     1 
HETATM 505 O O     . HOH C 2 .  ? 3.678   0.684   -0.357  1.00 18.16 ? 107 HOH A O     1 
HETATM 506 O O     . HOH C 2 .  ? 8.426   -6.174  -0.842  1.00 21.46 ? 108 HOH A O     1 
HETATM 507 O O     . HOH C 2 .  ? 9.619   5.738   -0.727  1.00 21.91 ? 109 HOH A O     1 
HETATM 508 O O     . HOH C 2 .  ? 11.217  11.390  -3.428  1.00 11.91 ? 110 HOH A O     1 
HETATM 509 O O     . HOH C 2 .  ? 10.258  -3.381  -8.393  1.00 50.95 ? 111 HOH A O     1 
HETATM 510 O O     . HOH C 2 .  ? 7.752   -3.847  -2.041  1.00 21.77 ? 112 HOH A O     1 
HETATM 511 O O     . HOH C 2 .  ? 4.543   -5.585  0.428   1.00 11.39 ? 113 HOH A O     1 
HETATM 512 O O     . HOH C 2 .  ? -1.541  0.335   6.131   1.00 26.46 ? 114 HOH A O     1 
HETATM 513 O O     . HOH C 2 .  ? 10.459  1.337   -6.632  1.00 46.54 ? 115 HOH A O     1 
HETATM 514 O O     . HOH C 2 .  ? -1.671  0.730   13.440  1.00 22.26 ? 116 HOH A O     1 
HETATM 515 O O     . HOH C 2 .  ? 6.749   -12.146 -0.172  1.00 19.53 ? 117 HOH A O     1 
HETATM 516 O O     . HOH C 2 .  ? 8.657   -9.513  -3.664  1.00 15.07 ? 118 HOH A O     1 
HETATM 517 O O     . HOH C 2 .  ? 10.651  -1.489  -9.666  1.00 44.72 ? 119 HOH A O     1 
HETATM 518 O O     . HOH C 2 .  ? -2.304  -1.074  3.805   1.00 19.76 ? 120 HOH A O     1 
HETATM 519 O O     . HOH C 2 .  ? 7.950   -0.611  -5.020  1.00 15.53 ? 121 HOH A O     1 
HETATM 520 O O     . HOH C 2 .  ? 6.774   1.444   -3.653  1.00 13.39 ? 122 HOH A O     1 
HETATM 521 O O     . HOH C 2 .  ? -3.186  -7.844  8.629   1.00 14.44 ? 123 HOH A O     1 
HETATM 522 O O     . HOH C 2 .  ? 9.009   18.629  -2.184  1.00 15.71 ? 124 HOH A O     1 
HETATM 523 O O     . HOH C 2 .  ? 0.254   -6.873  10.257  1.00 54.94 ? 125 HOH A O     1 
HETATM 524 O O     . HOH C 2 .  ? -0.352  -1.392  1.180   1.00 19.19 ? 126 HOH A O     1 
HETATM 525 O O     . HOH C 2 .  ? 11.335  8.614   -9.523  1.00 30.79 ? 127 HOH A O     1 
HETATM 526 O O     . HOH C 2 .  ? 12.732  14.314  -5.131  1.00 17.43 ? 128 HOH A O     1 
HETATM 527 O O     . HOH C 2 .  ? 11.008  15.295  -7.532  1.00 15.58 ? 129 HOH A O     1 
HETATM 528 O O     . HOH C 2 .  ? 10.248  16.978  -5.522  1.00 12.96 ? 130 HOH A O     1 
HETATM 529 O O     . HOH C 2 .  ? 12.482  18.094  0.355   1.00 11.46 ? 131 HOH A O     1 
HETATM 530 O O     . HOH C 2 .  ? -3.867  -0.717  1.801   1.00 20.92 ? 132 HOH A O     1 
HETATM 531 O O     . HOH C 2 .  ? 9.126   12.885  -10.108 1.00 22.16 ? 133 HOH A O     1 
HETATM 532 O O     . HOH C 2 .  ? 5.617   13.813  1.702   1.00 14.43 ? 134 HOH A O     1 
HETATM 533 O O     . HOH C 2 .  ? 9.513   7.332   -3.037  1.00 14.69 ? 135 HOH A O     1 
HETATM 534 O O     . HOH C 2 .  ? 10.134  6.398   -5.649  1.00 17.83 ? 136 HOH A O     1 
HETATM 535 O O     . HOH C 2 .  ? 10.861  2.312   -10.488 1.00 47.92 ? 137 HOH A O     1 
HETATM 536 O O     . HOH C 2 .  ? 8.175   -6.253  -9.079  1.00 54.92 ? 138 HOH A O     1 
HETATM 537 O O     . HOH C 2 .  ? 8.721   3.053   -6.361  1.00 24.71 ? 139 HOH A O     1 
HETATM 538 O O     . HOH C 2 .  ? 11.322  3.455   -8.475  1.00 42.29 ? 140 HOH A O     1 
HETATM 539 O O     . HOH C 2 .  ? 5.198   -4.297  6.872   1.00 42.63 ? 141 HOH A O     1 
HETATM 540 O O     . HOH C 2 .  ? 3.351   -1.892  0.300   1.00 18.27 ? 142 HOH A O     1 
HETATM 541 O O     . HOH C 2 .  ? -9.342  -2.120  3.369   1.00 36.72 ? 143 HOH A O     1 
HETATM 542 O O     . HOH C 2 .  ? 1.148   -4.995  -7.651  1.00 16.87 ? 144 HOH A O     1 
HETATM 543 O O     . HOH C 2 .  ? 2.703   -0.012  7.665   1.00 40.50 ? 145 HOH A O     1 
HETATM 544 O O     . HOH C 2 .  ? -5.908  0.350   3.991   1.00 33.45 ? 146 HOH A O     1 
HETATM 545 O O     . HOH C 2 .  ? 11.652  8.779   -2.196  1.00 15.28 ? 147 HOH A O     1 
HETATM 546 O O     . HOH C 2 .  ? -5.250  -4.509  11.790  1.00 14.39 ? 148 HOH A O     1 
HETATM 547 O O     . HOH C 2 .  ? 8.605   3.431   -3.025  1.00 17.26 ? 149 HOH A O     1 
HETATM 548 O O     . HOH C 2 .  ? 7.299   -10.004 2.708   1.00 37.17 ? 150 HOH A O     1 
HETATM 549 O O     . HOH C 2 .  ? -8.237  0.201   4.750   1.00 45.40 ? 151 HOH A O     1 
HETATM 550 O O     . HOH C 2 .  ? 4.920   -11.410 4.627   1.00 22.22 ? 152 HOH A O     1 
HETATM 551 O O     . HOH C 2 .  ? -0.249  2.104   -9.304  1.00 23.94 ? 153 HOH A O     1 
HETATM 552 O O     . HOH C 2 .  ? 12.598  12.192  -6.884  1.00 24.07 ? 154 HOH A O     1 
HETATM 553 O O     . HOH C 2 .  ? 3.187   -7.593  10.156  1.00 59.97 ? 155 HOH A O     1 
HETATM 554 O O     . HOH C 2 .  ? -0.943  4.386   11.456  1.00 46.68 ? 156 HOH A O     1 
HETATM 555 O O     . HOH C 2 .  ? 1.445   -0.412  -14.049 1.00 51.72 ? 157 HOH A O     1 
HETATM 556 O O     . HOH C 2 .  ? 1.633   -10.495 5.963   1.00 24.00 ? 158 HOH A O     1 
HETATM 557 O O     . HOH C 2 .  ? -0.644  -8.464  8.836   1.00 21.91 ? 159 HOH A O     1 
HETATM 558 O O     . HOH C 2 .  ? 6.237   0.074   -14.276 1.00 52.58 ? 160 HOH A O     1 
HETATM 559 O O     . HOH C 2 .  ? 5.991   1.640   -1.128  1.00 20.76 ? 161 HOH A O     1 
HETATM 560 O O     . HOH C 2 .  ? 3.218   -5.449  -9.465  1.00 19.65 ? 162 HOH A O     1 
HETATM 561 O O     . HOH C 2 .  ? 6.289   16.585  1.524   1.00 17.06 ? 163 HOH A O     1 
HETATM 562 O O     . HOH C 2 .  ? -0.906  -1.525  -11.218 1.00 32.95 ? 164 HOH A O     1 
HETATM 563 O O     . HOH C 2 .  ? 7.477   -5.753  3.697   1.00 38.41 ? 165 HOH A O     1 
HETATM 564 O O     . HOH C 2 .  ? -4.016  -0.634  14.232  1.00 21.47 ? 166 HOH A O     1 
HETATM 565 O O     . HOH C 2 .  ? 3.578   0.443   5.660   1.00 36.43 ? 167 HOH A O     1 
HETATM 566 O O     . HOH C 2 .  ? 5.726   -3.307  -0.136  1.00 21.60 ? 168 HOH A O     1 
HETATM 567 O O     . HOH C 2 .  ? -4.082  5.284   8.679   1.00 38.49 ? 169 HOH A O     1 
HETATM 568 O O     . HOH C 2 .  ? 3.718   -2.036  2.740   1.00 33.99 ? 170 HOH A O     1 
HETATM 569 O O     . HOH C 2 .  ? -12.550 -3.515  3.928   1.00 33.89 ? 171 HOH A O     1 
HETATM 570 O O     . HOH C 2 .  ? 10.075  -6.865  -3.024  1.00 47.35 ? 172 HOH A O     1 
HETATM 571 O O     . HOH C 2 .  ? 11.142  -7.147  -0.118  1.00 26.72 ? 173 HOH A O     1 
HETATM 572 O O     . HOH D 2 .  ? -7.572  4.601   -0.786  1.00 30.77 ? 101 HOH B O     1 
HETATM 573 O O     . HOH D 2 .  ? -11.460 -10.985 0.363   1.00 20.52 ? 102 HOH B O     1 
HETATM 574 O O     . HOH D 2 .  ? -8.376  -2.794  1.204   1.00 27.17 ? 103 HOH B O     1 
HETATM 575 O O     . HOH D 2 .  ? -9.360  1.626   -10.752 1.00 46.36 ? 104 HOH B O     1 
HETATM 576 O O     . HOH D 2 .  ? -12.062 -11.391 -2.005  1.00 30.36 ? 105 HOH B O     1 
HETATM 577 O O     . HOH D 2 .  ? -11.700 -0.719  -8.686  1.00 37.44 ? 106 HOH B O     1 
HETATM 578 O O     . HOH D 2 .  ? -11.774 -12.979 -0.171  1.00 32.07 ? 107 HOH B O     1 
HETATM 579 O O     . HOH D 2 .  ? -5.498  8.407   5.206   1.00 19.25 ? 108 HOH B O     1 
HETATM 580 O O     . HOH D 2 .  ? -6.632  10.979  1.177   1.00 36.77 ? 109 HOH B O     1 
HETATM 581 O O     . HOH D 2 .  ? -2.465  0.937   0.301   1.00 27.91 ? 110 HOH B O     1 
HETATM 582 O O     . HOH D 2 .  ? 4.592   3.991   3.742   1.00 16.88 ? 111 HOH B O     1 
HETATM 583 O O     . HOH D 2 .  ? -2.743  11.245  6.920   1.00 17.44 ? 112 HOH B O     1 
HETATM 584 O O     . HOH D 2 .  ? -8.712  -1.697  -4.569  1.00 23.51 ? 113 HOH B O     1 
HETATM 585 O O     . HOH D 2 .  ? -8.654  -16.034 5.317   1.00 16.45 ? 114 HOH B O     1 
HETATM 586 O O     . HOH D 2 .  ? -8.646  7.298   -0.546  1.00 43.14 ? 115 HOH B O     1 
HETATM 587 O O     . HOH D 2 .  ? -1.575  3.733   0.677   1.00 21.19 ? 116 HOH B O     1 
HETATM 588 O O     . HOH D 2 .  ? 0.293   9.320   -5.054  1.00 11.36 ? 117 HOH B O     1 
HETATM 589 O O     . HOH D 2 .  ? -11.073 -15.993 2.156   1.00 15.33 ? 118 HOH B O     1 
HETATM 590 O O     . HOH D 2 .  ? 7.629   1.667   5.823   1.00 45.12 ? 119 HOH B O     1 
HETATM 591 O O     . HOH D 2 .  ? -7.559  1.676   -3.553  1.00 17.48 ? 120 HOH B O     1 
HETATM 592 O O     . HOH D 2 .  ? -0.073  5.026   5.759   1.00 32.14 ? 121 HOH B O     1 
HETATM 593 O O     . HOH D 2 .  ? 2.697   3.485   10.029  1.00 25.18 ? 122 HOH B O     1 
HETATM 594 O O     . HOH D 2 .  ? -5.428  4.208   0.774   1.00 33.90 ? 123 HOH B O     1 
HETATM 595 O O     . HOH D 2 .  ? 6.956   3.625   0.459   1.00 18.60 ? 124 HOH B O     1 
HETATM 596 O O     . HOH D 2 .  ? -9.113  -4.677  -0.468  1.00 21.95 ? 125 HOH B O     1 
HETATM 597 O O     . HOH D 2 .  ? -2.500  5.696   2.569   1.00 20.57 ? 126 HOH B O     1 
HETATM 598 O O     . HOH D 2 .  ? 3.871   3.869   6.533   1.00 19.82 ? 127 HOH B O     1 
HETATM 599 O O     . HOH D 2 .  ? -11.994 -2.038  -6.439  1.00 33.96 ? 128 HOH B O     1 
HETATM 600 O O     . HOH D 2 .  ? -8.410  -16.163 -0.834  1.00 35.67 ? 129 HOH B O     1 
HETATM 601 O O     . HOH D 2 .  ? -1.652  -5.254  -8.260  1.00 17.64 ? 130 HOH B O     1 
HETATM 602 O O     . HOH D 2 .  ? -6.048  -0.421  -2.484  1.00 15.46 ? 131 HOH B O     1 
HETATM 603 O O     . HOH D 2 .  ? -7.645  -17.061 2.959   1.00 17.49 ? 132 HOH B O     1 
HETATM 604 O O     . HOH D 2 .  ? -9.477  -6.053  -1.644  1.00 24.65 ? 133 HOH B O     1 
HETATM 605 O O     . HOH D 2 .  ? 0.258   10.011  10.327  1.00 17.35 ? 134 HOH B O     1 
HETATM 606 O O     . HOH D 2 .  ? -10.203 -4.556  -3.243  1.00 28.08 ? 135 HOH B O     1 
HETATM 607 O O     . HOH D 2 .  ? -1.846  6.777   9.791   1.00 42.00 ? 136 HOH B O     1 
HETATM 608 O O     . HOH D 2 .  ? 1.874   11.857  1.002   1.00 19.89 ? 137 HOH B O     1 
HETATM 609 O O     . HOH D 2 .  ? -10.522 -6.046  1.466   1.00 19.27 ? 138 HOH B O     1 
HETATM 610 O O     . HOH D 2 .  ? -2.012  5.744   -7.867  1.00 22.99 ? 139 HOH B O     1 
HETATM 611 O O     . HOH D 2 .  ? 2.165   7.003   12.172  1.00 26.90 ? 140 HOH B O     1 
HETATM 612 O O     . HOH D 2 .  ? -1.096  -1.877  -8.659  1.00 30.16 ? 141 HOH B O     1 
HETATM 613 O O     . HOH D 2 .  ? 13.307  4.923   1.253   1.00 52.99 ? 142 HOH B O     1 
HETATM 614 O O     . HOH D 2 .  ? -4.092  -0.336  -0.242  1.00 46.79 ? 143 HOH B O     1 
HETATM 615 O O     . HOH D 2 .  ? 2.954   2.479   1.750   1.00 17.38 ? 144 HOH B O     1 
HETATM 616 O O     . HOH D 2 .  ? -11.422 -8.514  -8.029  1.00 45.46 ? 145 HOH B O     1 
HETATM 617 O O     . HOH D 2 .  ? 5.029   3.615   13.225  1.00 34.58 ? 146 HOH B O     1 
HETATM 618 O O     . HOH D 2 .  ? 7.497   2.800   3.120   1.00 29.21 ? 147 HOH B O     1 
HETATM 619 O O     . HOH D 2 .  ? 0.176   1.707   0.785   1.00 32.97 ? 148 HOH B O     1 
HETATM 620 O O     . HOH D 2 .  ? -10.232 -8.650  0.258   1.00 20.05 ? 149 HOH B O     1 
HETATM 621 O O     . HOH D 2 .  ? -9.563  -7.055  -10.947 1.00 41.09 ? 150 HOH B O     1 
HETATM 622 O O     . HOH D 2 .  ? -6.240  -0.306  0.606   1.00 36.83 ? 151 HOH B O     1 
HETATM 623 O O     . HOH D 2 .  ? -8.818  -1.901  -1.713  1.00 32.94 ? 152 HOH B O     1 
HETATM 624 O O     . HOH D 2 .  ? -4.178  11.101  -4.135  1.00 21.13 ? 153 HOH B O     1 
HETATM 625 O O     . HOH D 2 .  ? -3.183  8.706   8.606   1.00 49.05 ? 154 HOH B O     1 
HETATM 626 O O     . HOH D 2 .  ? -2.063  12.815  5.251   1.00 19.55 ? 155 HOH B O     1 
HETATM 627 O O     . HOH D 2 .  ? -3.061  -2.624  -11.668 1.00 45.40 ? 156 HOH B O     1 
HETATM 628 O O     . HOH D 2 .  ? -3.762  1.989   1.797   1.00 48.35 ? 157 HOH B O     1 
HETATM 629 O O     . HOH D 2 .  ? -11.765 -4.479  0.231   1.00 49.15 ? 158 HOH B O     1 
# 
loop_
_atom_site_anisotrop.id 
_atom_site_anisotrop.type_symbol 
_atom_site_anisotrop.pdbx_label_atom_id 
_atom_site_anisotrop.pdbx_label_alt_id 
_atom_site_anisotrop.pdbx_label_comp_id 
_atom_site_anisotrop.pdbx_label_asym_id 
_atom_site_anisotrop.pdbx_label_seq_id 
_atom_site_anisotrop.pdbx_PDB_ins_code 
_atom_site_anisotrop.U[1][1] 
_atom_site_anisotrop.U[2][2] 
_atom_site_anisotrop.U[3][3] 
_atom_site_anisotrop.U[1][2] 
_atom_site_anisotrop.U[1][3] 
_atom_site_anisotrop.U[2][3] 
_atom_site_anisotrop.pdbx_auth_seq_id 
_atom_site_anisotrop.pdbx_auth_comp_id 
_atom_site_anisotrop.pdbx_auth_asym_id 
_atom_site_anisotrop.pdbx_auth_atom_id 
1   O "O5'" . DG  A 1  ? 0.3142 0.1890 0.2771 0.0258  -0.0073 -0.0226 1  DG  A "O5'" 
2   C "C5'" . DG  A 1  ? 0.2768 0.1820 0.2585 0.0174  0.0056  -0.0314 1  DG  A "C5'" 
3   C "C4'" . DG  A 1  ? 0.2359 0.1569 0.2382 0.0070  0.0208  -0.0408 1  DG  A "C4'" 
4   O "O4'" . DG  A 1  ? 0.2299 0.1527 0.2313 0.0138  0.0255  -0.0464 1  DG  A "O4'" 
5   C "C3'" . DG  A 1  ? 0.2029 0.1356 0.2175 -0.0021 0.0144  -0.0363 1  DG  A "C3'" 
6   O "O3'" . DG  A 1  ? 0.2190 0.1358 0.1992 -0.0181 0.0104  -0.0276 1  DG  A "O3'" 
7   C "C2'" . DG  A 1  ? 0.2021 0.1363 0.2075 -0.0016 0.0115  -0.0343 1  DG  A "C2'" 
8   C "C1'" . DG  A 1  ? 0.2150 0.1427 0.2067 0.0008  0.0129  -0.0386 1  DG  A "C1'" 
9   N N9    . DG  A 1  ? 0.1903 0.1377 0.1927 0.0057  -0.0065 -0.0234 1  DG  A N9    
10  C C8    . DG  A 1  ? 0.2075 0.1441 0.2023 0.0078  -0.0145 -0.0155 1  DG  A C8    
11  N N7    . DG  A 1  ? 0.2131 0.1347 0.2071 0.0140  -0.0204 -0.0104 1  DG  A N7    
12  C C5    . DG  A 1  ? 0.1628 0.1184 0.1842 0.0082  -0.0070 -0.0107 1  DG  A C5    
13  C C6    . DG  A 1  ? 0.1449 0.1145 0.1681 -0.0072 -0.0003 -0.0034 1  DG  A C6    
14  O O6    . DG  A 1  ? 0.1597 0.1079 0.1747 -0.0104 -0.0260 0.0090  1  DG  A O6    
15  N N1    . DG  A 1  ? 0.0974 0.1185 0.1482 -0.0038 0.0151  -0.0106 1  DG  A N1    
16  C C2    . DG  A 1  ? 0.1044 0.1255 0.1437 -0.0036 0.0118  -0.0182 1  DG  A C2    
17  N N2    . DG  A 1  ? 0.1092 0.1319 0.1437 0.0053  0.0046  -0.0161 1  DG  A N2    
18  N N3    . DG  A 1  ? 0.1138 0.1267 0.1530 0.0102  0.0187  -0.0235 1  DG  A N3    
19  C C4    . DG  A 1  ? 0.1482 0.1251 0.1752 -0.0006 0.0064  -0.0186 1  DG  A C4    
20  P P     A DC  A 2  ? 0.2167 0.1356 0.1778 -0.0373 0.0103  -0.0191 2  DC  A P     
21  P P     B DC  A 2  ? 0.2172 0.1280 0.1996 -0.0178 -0.0022 -0.0194 2  DC  A P     
22  O OP1   A DC  A 2  ? 0.2209 0.1378 0.1743 -0.0549 0.0111  -0.0236 2  DC  A OP1   
23  O OP1   B DC  A 2  ? 0.2228 0.1246 0.2064 -0.0285 -0.0073 -0.0150 2  DC  A OP1   
24  O OP2   A DC  A 2  ? 0.2257 0.1480 0.1742 -0.0554 0.0098  -0.0121 2  DC  A OP2   
25  O OP2   B DC  A 2  ? 0.2304 0.1240 0.2030 -0.0282 -0.0034 -0.0175 2  DC  A OP2   
26  O "O5'" A DC  A 2  ? 0.1928 0.1066 0.1752 -0.0249 -0.0132 -0.0140 2  DC  A "O5'" 
27  O "O5'" B DC  A 2  ? 0.1915 0.1275 0.1892 -0.0090 -0.0112 -0.0192 2  DC  A "O5'" 
28  C "C5'" A DC  A 2  ? 0.1756 0.1030 0.1651 -0.0093 -0.0152 -0.0185 2  DC  A "C5'" 
29  C "C5'" B DC  A 2  ? 0.1638 0.1383 0.1725 -0.0008 -0.0095 -0.0244 2  DC  A "C5'" 
30  C "C4'" A DC  A 2  ? 0.1236 0.1087 0.1548 -0.0066 -0.0074 -0.0253 2  DC  A "C4'" 
31  C "C4'" B DC  A 2  ? 0.1336 0.1561 0.1584 0.0004  -0.0102 -0.0314 2  DC  A "C4'" 
32  O "O4'" A DC  A 2  ? 0.1129 0.1070 0.1417 -0.0090 -0.0046 -0.0254 2  DC  A "O4'" 
33  O "O4'" B DC  A 2  ? 0.1264 0.1582 0.1489 -0.0019 -0.0010 -0.0333 2  DC  A "O4'" 
34  C "C3'" A DC  A 2  ? 0.1038 0.1243 0.1596 -0.0092 -0.0016 -0.0323 2  DC  A "C3'" 
35  C "C3'" B DC  A 2  ? 0.1074 0.1753 0.1557 -0.0057 -0.0124 -0.0345 2  DC  A "C3'" 
36  O "O3'" A DC  A 2  ? 0.1225 0.1482 0.1800 -0.0134 0.0124  -0.0436 2  DC  A "O3'" 
37  O "O3'" B DC  A 2  ? 0.1069 0.2055 0.1522 -0.0098 -0.0193 -0.0399 2  DC  A "O3'" 
38  C "C2'" A DC  A 2  ? 0.0923 0.1126 0.1490 -0.0045 -0.0038 -0.0241 2  DC  A "C2'" 
39  C "C2'" B DC  A 2  ? 0.1024 0.1621 0.1532 0.0020  -0.0012 -0.0343 2  DC  A "C2'" 
40  C "C1'" A DC  A 2  ? 0.1000 0.0981 0.1366 -0.0003 -0.0023 -0.0219 2  DC  A "C1'" 
41  C "C1'" B DC  A 2  ? 0.1109 0.1543 0.1481 0.0047  0.0039  -0.0318 2  DC  A "C1'" 
42  N N1    A DC  A 2  ? 0.0965 0.0836 0.1276 0.0025  0.0011  -0.0138 2  DC  A N1    
43  N N1    B DC  A 2  ? 0.1097 0.1485 0.1477 0.0033  0.0106  -0.0261 2  DC  A N1    
44  C C2    A DC  A 2  ? 0.0737 0.0803 0.1137 0.0048  0.0049  -0.0078 2  DC  A C2    
45  C C2    B DC  A 2  ? 0.0997 0.1475 0.1445 0.0017  0.0187  -0.0233 2  DC  A C2    
46  O O2    A DC  A 2  ? 0.1059 0.0779 0.1125 0.0080  -0.0034 -0.0023 2  DC  A O2    
47  O O2    B DC  A 2  ? 0.1137 0.1466 0.1431 0.0003  0.0244  -0.0227 2  DC  A O2    
48  N N3    A DC  A 2  ? 0.0688 0.0789 0.1154 0.0122  0.0009  -0.0032 2  DC  A N3    
49  N N3    B DC  A 2  ? 0.0941 0.1446 0.1490 0.0046  0.0136  -0.0189 2  DC  A N3    
50  C C4    A DC  A 2  ? 0.1017 0.0837 0.1362 0.0090  0.0100  -0.0060 2  DC  A C4    
51  C C4    B DC  A 2  ? 0.1078 0.1455 0.1566 -0.0009 0.0239  -0.0195 2  DC  A C4    
52  N N4    A DC  A 2  ? 0.0889 0.0710 0.1517 0.0183  0.0135  -0.0003 2  DC  A N4    
53  N N4    B DC  A 2  ? 0.0998 0.1426 0.1628 -0.0045 0.0349  -0.0182 2  DC  A N4    
54  C C5    A DC  A 2  ? 0.1342 0.0892 0.1445 0.0057  0.0092  -0.0091 2  DC  A C5    
55  C C5    B DC  A 2  ? 0.1263 0.1465 0.1591 0.0017  0.0173  -0.0201 2  DC  A C5    
56  C C6    A DC  A 2  ? 0.1275 0.0902 0.1411 0.0037  0.0096  -0.0121 2  DC  A C6    
57  C C6    B DC  A 2  ? 0.1230 0.1489 0.1538 0.0037  0.0150  -0.0239 2  DC  A C6    
58  P P     A DG  A 3  ? 0.1286 0.1630 0.2049 -0.0347 0.0133  -0.0494 3  DG  A P     
59  P P     B DG  A 3  ? 0.1192 0.2290 0.1555 -0.0090 -0.0246 -0.0455 3  DG  A P     
60  O OP1   A DG  A 3  ? 0.1392 0.1710 0.2180 -0.0317 -0.0044 -0.0521 3  DG  A OP1   
61  O OP1   B DG  A 3  ? 0.1276 0.2401 0.1667 -0.0062 -0.0197 -0.0500 3  DG  A OP1   
62  O OP2   A DG  A 3  ? 0.1727 0.1548 0.2218 -0.0471 0.0484  -0.0487 3  DG  A OP2   
63  O OP2   B DG  A 3  ? 0.1172 0.2337 0.1603 -0.0097 -0.0255 -0.0485 3  DG  A OP2   
64  O "O5'" A DG  A 3  ? 0.1087 0.1606 0.1727 -0.0332 0.0121  -0.0369 3  DG  A "O5'" 
65  O "O5'" B DG  A 3  ? 0.0975 0.2118 0.1364 0.0056  -0.0229 -0.0354 3  DG  A "O5'" 
66  C "C5'" A DG  A 3  ? 0.1016 0.1611 0.1434 -0.0164 0.0146  -0.0293 3  DG  A "C5'" 
67  C "C5'" B DG  A 3  ? 0.0816 0.1906 0.1309 0.0020  -0.0171 -0.0249 3  DG  A "C5'" 
68  C "C4'" A DG  A 3  ? 0.0782 0.1628 0.1151 -0.0212 0.0106  -0.0139 3  DG  A "C4'" 
69  C "C4'" B DG  A 3  ? 0.0683 0.1755 0.1197 0.0030  -0.0144 -0.0139 3  DG  A "C4'" 
70  O "O4'" A DG  A 3  ? 0.0793 0.1535 0.1085 -0.0224 0.0071  -0.0070 3  DG  A "O4'" 
71  O "O4'" B DG  A 3  ? 0.0729 0.1686 0.1171 0.0048  -0.0142 -0.0084 3  DG  A "O4'" 
72  C "C3'" A DG  A 3  ? 0.0616 0.1644 0.1053 -0.0105 0.0098  -0.0071 3  DG  A "C3'" 
73  C "C3'" B DG  A 3  ? 0.0546 0.1721 0.1149 0.0087  -0.0080 -0.0080 3  DG  A "C3'" 
74  O "O3'" A DG  A 3  ? 0.0650 0.1733 0.1124 -0.0034 0.0012  0.0033  3  DG  A "O3'" 
75  O "O3'" B DG  A 3  ? 0.0619 0.1756 0.1170 0.0089  -0.0079 0.0003  3  DG  A "O3'" 
76  C "C2'" A DG  A 3  ? 0.0774 0.1629 0.1139 -0.0177 0.0057  -0.0085 3  DG  A "C2'" 
77  C "C2'" B DG  A 3  ? 0.0564 0.1682 0.1208 0.0046  -0.0085 -0.0081 3  DG  A "C2'" 
78  C "C1'" A DG  A 3  ? 0.0814 0.1446 0.1064 -0.0214 0.0071  -0.0059 3  DG  A "C1'" 
79  C "C1'" B DG  A 3  ? 0.0678 0.1591 0.1193 0.0008  -0.0005 -0.0081 3  DG  A "C1'" 
80  N N9    A DG  A 3  ? 0.0444 0.1219 0.1089 -0.0181 -0.0080 -0.0014 3  DG  A N9    
81  N N9    B DG  A 3  ? 0.0695 0.1363 0.1244 -0.0017 0.0059  -0.0067 3  DG  A N9    
82  C C8    A DG  A 3  ? 0.0617 0.1260 0.1129 -0.0261 0.0069  -0.0050 3  DG  A C8    
83  C C8    B DG  A 3  ? 0.0767 0.1318 0.1264 -0.0097 0.0141  -0.0058 3  DG  A C8    
84  N N7    A DG  A 3  ? 0.0623 0.1218 0.1027 -0.0265 0.0042  -0.0084 3  DG  A N7    
85  N N7    B DG  A 3  ? 0.0857 0.1318 0.1185 -0.0077 0.0188  -0.0076 3  DG  A N7    
86  C C5    A DG  A 3  ? 0.0364 0.1083 0.1071 -0.0144 0.0019  -0.0026 3  DG  A C5    
87  C C5    B DG  A 3  ? 0.0852 0.1248 0.1259 -0.0016 0.0170  -0.0061 3  DG  A C5    
88  C C6    A DG  A 3  ? 0.0308 0.1020 0.1080 -0.0037 0.0150  -0.0017 3  DG  A C6    
89  C C6    B DG  A 3  ? 0.0888 0.1233 0.1336 0.0053  0.0169  -0.0075 3  DG  A C6    
90  O O6    A DG  A 3  ? 0.0379 0.0965 0.1142 0.0012  0.0194  -0.0051 3  DG  A O6    
91  O O6    B DG  A 3  ? 0.0904 0.1250 0.1400 0.0034  0.0127  -0.0083 3  DG  A O6    
92  N N1    A DG  A 3  ? 0.0267 0.0991 0.1043 -0.0005 0.0053  0.0020  3  DG  A N1    
93  N N1    B DG  A 3  ? 0.0906 0.1204 0.1359 0.0073  0.0130  -0.0063 3  DG  A N1    
94  C C2    A DG  A 3  ? 0.0255 0.0989 0.0991 -0.0067 -0.0007 -0.0003 3  DG  A C2    
95  C C2    B DG  A 3  ? 0.0903 0.1219 0.1365 0.0000  0.0130  -0.0069 3  DG  A C2    
96  N N2    A DG  A 3  ? 0.0283 0.1019 0.0994 -0.0109 0.0076  0.0001  3  DG  A N2    
97  N N2    B DG  A 3  ? 0.0968 0.1219 0.1342 -0.0052 0.0152  -0.0106 3  DG  A N2    
98  N N3    A DG  A 3  ? 0.0293 0.0955 0.1087 -0.0091 -0.0028 0.0070  3  DG  A N3    
99  N N3    B DG  A 3  ? 0.0873 0.1226 0.1313 -0.0020 0.0130  -0.0057 3  DG  A N3    
100 C C4    A DG  A 3  ? 0.0330 0.1056 0.1077 -0.0162 -0.0092 0.0042  3  DG  A C4    
101 C C4    B DG  A 3  ? 0.0819 0.1264 0.1266 -0.0026 0.0103  -0.0051 3  DG  A C4    
102 P P     . DT  A 4  ? 0.0619 0.1752 0.1239 0.0030  -0.0067 0.0019  4  DT  A P     
103 O OP1   . DT  A 4  ? 0.0801 0.2008 0.1260 0.0149  -0.0151 0.0047  4  DT  A OP1   
104 O OP2   . DT  A 4  ? 0.0787 0.1697 0.1428 -0.0191 0.0081  -0.0175 4  DT  A OP2   
105 O "O5'" . DT  A 4  ? 0.0740 0.1584 0.1163 0.0204  -0.0014 0.0023  4  DT  A "O5'" 
106 C "C5'" . DT  A 4  ? 0.0941 0.1398 0.1234 0.0235  -0.0020 0.0087  4  DT  A "C5'" 
107 C "C4'" . DT  A 4  ? 0.0754 0.1316 0.1172 0.0130  0.0019  0.0136  4  DT  A "C4'" 
108 O "O4'" . DT  A 4  ? 0.0756 0.1119 0.1215 0.0060  -0.0014 0.0203  4  DT  A "O4'" 
109 C "C3'" . DT  A 4  ? 0.0623 0.1238 0.1132 0.0174  0.0114  0.0110  4  DT  A "C3'" 
110 O "O3'" . DT  A 4  ? 0.0858 0.1345 0.1243 0.0228  -0.0046 0.0100  4  DT  A "O3'" 
111 C "C2'" . DT  A 4  ? 0.0717 0.1100 0.1129 0.0213  -0.0016 0.0091  4  DT  A "C2'" 
112 C "C1'" . DT  A 4  ? 0.0696 0.1041 0.1119 0.0118  -0.0049 0.0178  4  DT  A "C1'" 
113 N N1    . DT  A 4  ? 0.0415 0.1034 0.1086 0.0033  0.0026  0.0096  4  DT  A N1    
114 C C2    . DT  A 4  ? 0.0535 0.0947 0.1124 0.0043  0.0107  0.0045  4  DT  A C2    
115 O O2    . DT  A 4  ? 0.0590 0.1088 0.1190 0.0124  0.0048  0.0036  4  DT  A O2    
116 N N3    . DT  A 4  ? 0.0403 0.1013 0.1204 -0.0018 0.0041  0.0022  4  DT  A N3    
117 C C4    . DT  A 4  ? 0.0482 0.0909 0.1170 -0.0073 0.0041  0.0024  4  DT  A C4    
118 O O4    . DT  A 4  ? 0.0582 0.0959 0.1211 0.0009  0.0069  -0.0035 4  DT  A O4    
119 C C5    . DT  A 4  ? 0.0486 0.1033 0.1061 -0.0105 0.0042  0.0048  4  DT  A C5    
120 C C7    . DT  A 4  ? 0.0647 0.1081 0.1167 -0.0108 -0.0008 -0.0003 4  DT  A C7    
121 C C6    . DT  A 4  ? 0.0535 0.1056 0.1065 -0.0092 0.0131  0.0067  4  DT  A C6    
122 P P     . DA  A 5  ? 0.0738 0.1426 0.1389 0.0243  0.0083  0.0113  5  DA  A P     
123 O OP1   . DA  A 5  ? 0.0790 0.1575 0.1436 0.0428  0.0164  0.0154  5  DA  A OP1   
124 O OP2   . DA  A 5  ? 0.0737 0.1673 0.1449 -0.0033 0.0034  -0.0029 5  DA  A OP2   
125 O "O5'" . DA  A 5  ? 0.0867 0.1233 0.1362 0.0183  -0.0012 0.0166  5  DA  A "O5'" 
126 C "C5'" . DA  A 5  ? 0.0835 0.1135 0.1515 0.0085  -0.0049 0.0237  5  DA  A "C5'" 
127 C "C4'" . DA  A 5  ? 0.0628 0.1117 0.1550 0.0044  0.0083  0.0213  5  DA  A "C4'" 
128 O "O4'" . DA  A 5  ? 0.0799 0.1092 0.1452 0.0169  0.0090  0.0192  5  DA  A "O4'" 
129 C "C3'" . DA  A 5  ? 0.0771 0.1172 0.1601 0.0081  0.0299  0.0189  5  DA  A "C3'" 
130 O "O3'" . DA  A 5  ? 0.0907 0.1191 0.1810 0.0176  0.0475  0.0137  5  DA  A "O3'" 
131 C "C2'" . DA  A 5  ? 0.0906 0.1069 0.1466 0.0129  0.0156  0.0220  5  DA  A "C2'" 
132 C "C1'" . DA  A 5  ? 0.0837 0.1085 0.1374 0.0126  0.0082  0.0189  5  DA  A "C1'" 
133 N N9    . DA  A 5  ? 0.0614 0.1081 0.1345 0.0047  0.0079  0.0181  5  DA  A N9    
134 C C8    . DA  A 5  ? 0.0684 0.1106 0.1381 0.0076  0.0030  0.0198  5  DA  A C8    
135 N N7    . DA  A 5  ? 0.0584 0.1079 0.1426 0.0083  0.0032  0.0163  5  DA  A N7    
136 C C5    . DA  A 5  ? 0.0499 0.1098 0.1443 -0.0020 0.0045  0.0200  5  DA  A C5    
137 C C6    . DA  A 5  ? 0.0590 0.1003 0.1624 -0.0027 0.0078  0.0200  5  DA  A C6    
138 N N6    . DA  A 5  ? 0.0674 0.1015 0.1751 0.0065  0.0035  0.0082  5  DA  A N6    
139 N N1    . DA  A 5  ? 0.0758 0.1050 0.1575 0.0018  0.0081  0.0259  5  DA  A N1    
140 C C2    . DA  A 5  ? 0.0730 0.1223 0.1513 0.0013  0.0048  0.0253  5  DA  A C2    
141 N N3    . DA  A 5  ? 0.0702 0.1205 0.1484 -0.0017 -0.0006 0.0279  5  DA  A N3    
142 C C4    . DA  A 5  ? 0.0536 0.1151 0.1377 0.0015  0.0044  0.0230  5  DA  A C4    
143 C C2    . LST A 6  ? 0.1013 0.1280 0.1971 -0.0168 0.0214  -0.0111 6  LST A C2    
144 C C4    . LST A 6  ? 0.0882 0.1372 0.1837 -0.0278 0.0401  -0.0176 6  LST A C4    
145 C C5    . LST A 6  ? 0.1034 0.1128 0.1823 -0.0304 0.0331  -0.0053 6  LST A C5    
146 C C6    . LST A 6  ? 0.1078 0.1029 0.1861 -0.0177 0.0312  -0.0042 6  LST A C6    
147 C "C1'" . LST A 6  ? 0.1627 0.1099 0.1838 -0.0089 0.0290  -0.0073 6  LST A "C1'" 
148 C "C2'" . LST A 6  ? 0.1599 0.1174 0.1875 -0.0056 0.0330  -0.0046 6  LST A "C2'" 
149 C "C3'" . LST A 6  ? 0.1483 0.1025 0.1913 0.0030  0.0554  0.0018  6  LST A "C3'" 
150 O "O3'" . LST A 6  ? 0.1619 0.1103 0.1997 0.0023  0.0623  0.0079  6  LST A "O3'" 
151 C "C4'" . LST A 6  ? 0.1723 0.1141 0.1810 0.0013  0.0445  -0.0055 6  LST A "C4'" 
152 C "C5'" . LST A 6  ? 0.1527 0.1147 0.1859 0.0125  0.0485  0.0029  6  LST A "C5'" 
153 O "O5'" . LST A 6  ? 0.1195 0.1154 0.1944 0.0190  0.0471  0.0170  6  LST A "O5'" 
154 C "C6'" . LST A 6  ? 0.2120 0.1279 0.1837 -0.0074 0.0300  -0.0074 6  LST A "C6'" 
155 P P     . LST A 6  ? 0.0918 0.1425 0.2079 0.0063  0.0501  0.0158  6  LST A P     
156 O OP2   . LST A 6  ? 0.0936 0.1533 0.2105 0.0023  0.0297  0.0133  6  LST A OP2   
157 N "N2'" . LST A 6  ? 0.2174 0.1244 0.1949 -0.0046 0.0094  -0.0037 6  LST A "N2'" 
158 C "C7'" . LST A 6  ? 0.2300 0.1270 0.2079 0.0032  -0.0136 -0.0002 6  LST A "C7'" 
159 S S     . LST A 6  ? 0.2614 0.1362 0.1921 -0.0134 0.0030  -0.0050 6  LST A S     
160 O "O7'" . LST A 6  ? 0.2960 0.1549 0.1938 -0.0080 -0.0088 -0.0065 6  LST A "O7'" 
161 O "O8'" . LST A 6  ? 0.2717 0.1395 0.1988 -0.0299 -0.0122 -0.0118 6  LST A "O8'" 
162 O "O4'" . LST A 6  ? 0.1731 0.1155 0.1717 -0.0106 0.0288  -0.0073 6  LST A "O4'" 
163 N N1    . LST A 6  ? 0.1173 0.1176 0.1914 -0.0140 0.0277  -0.0068 6  LST A N1    
164 C C7    . LST A 6  ? 0.1243 0.1187 0.1858 -0.0330 0.0374  -0.0032 6  LST A C7    
165 N N3    . LST A 6  ? 0.0818 0.1322 0.1891 -0.0266 0.0255  -0.0119 6  LST A N3    
166 O O2    . LST A 6  ? 0.1163 0.1364 0.2167 -0.0068 0.0099  -0.0135 6  LST A O2    
167 O O4    . LST A 6  ? 0.1015 0.1525 0.1957 -0.0141 0.0516  -0.0247 6  LST A O4    
168 O OP3   . LST A 6  ? 0.1085 0.1783 0.2176 0.0117  0.0568  0.0122  6  LST A OP3   
169 P P     . DA  A 7  ? 0.1537 0.1311 0.2194 0.0074  0.0756  0.0169  7  DA  A P     
170 O OP1   . DA  A 7  ? 0.1831 0.1433 0.2491 0.0091  0.0776  0.0214  7  DA  A OP1   
171 O OP2   . DA  A 7  ? 0.1390 0.1597 0.2327 -0.0069 0.0432  0.0265  7  DA  A OP2   
172 O "O5'" . DA  A 7  ? 0.1436 0.1074 0.1866 0.0066  0.0575  0.0069  7  DA  A "O5'" 
173 C "C5'" . DA  A 7  ? 0.1454 0.1204 0.1653 -0.0008 0.0500  -0.0018 7  DA  A "C5'" 
174 C "C4'" . DA  A 7  ? 0.1274 0.1222 0.1608 -0.0053 0.0349  -0.0111 7  DA  A "C4'" 
175 O "O4'" . DA  A 7  ? 0.1192 0.1233 0.1501 -0.0016 0.0134  -0.0160 7  DA  A "O4'" 
176 C "C3'" . DA  A 7  ? 0.0977 0.1194 0.1697 -0.0103 0.0340  -0.0116 7  DA  A "C3'" 
177 O "O3'" . DA  A 7  ? 0.1102 0.1309 0.1683 0.0002  0.0363  -0.0185 7  DA  A "O3'" 
178 C "C2'" . DA  A 7  ? 0.0952 0.1239 0.1571 -0.0003 0.0180  -0.0129 7  DA  A "C2'" 
179 C "C1'" . DA  A 7  ? 0.1136 0.1280 0.1476 0.0035  0.0089  -0.0115 7  DA  A "C1'" 
180 N N9    . DA  A 7  ? 0.0865 0.1306 0.1386 0.0047  0.0049  -0.0085 7  DA  A N9    
181 C C8    . DA  A 7  ? 0.0879 0.1334 0.1440 -0.0174 0.0108  -0.0009 7  DA  A C8    
182 N N7    . DA  A 7  ? 0.0851 0.1449 0.1411 -0.0237 0.0176  -0.0009 7  DA  A N7    
183 C C5    . DA  A 7  ? 0.0805 0.1338 0.1372 -0.0217 0.0212  -0.0045 7  DA  A C5    
184 C C6    . DA  A 7  ? 0.0775 0.1444 0.1385 -0.0229 0.0112  -0.0021 7  DA  A C6    
185 N N6    . DA  A 7  ? 0.0898 0.1519 0.1395 -0.0155 0.0177  0.0116  7  DA  A N6    
186 N N1    . DA  A 7  ? 0.0803 0.1441 0.1368 -0.0148 0.0126  -0.0140 7  DA  A N1    
187 C C2    . DA  A 7  ? 0.0907 0.1475 0.1400 -0.0301 0.0080  -0.0157 7  DA  A C2    
188 N N3    . DA  A 7  ? 0.0947 0.1380 0.1404 -0.0139 0.0032  -0.0155 7  DA  A N3    
189 C C4    . DA  A 7  ? 0.0840 0.1329 0.1347 -0.0094 0.0112  -0.0104 7  DA  A C4    
190 P P     . DC  A 8  ? 0.0996 0.1348 0.1776 0.0067  0.0404  -0.0136 8  DC  A P     
191 O OP1   . DC  A 8  ? 0.1230 0.1541 0.1992 -0.0052 0.0607  -0.0199 8  DC  A OP1   
192 O OP2   . DC  A 8  ? 0.1177 0.1391 0.2105 0.0315  0.0083  0.0017  8  DC  A OP2   
193 O "O5'" . DC  A 8  ? 0.0923 0.1255 0.1384 0.0180  0.0154  -0.0073 8  DC  A "O5'" 
194 C "C5'" . DC  A 8  ? 0.1058 0.1215 0.1281 0.0142  0.0107  -0.0032 8  DC  A "C5'" 
195 C "C4'" . DC  A 8  ? 0.0871 0.1182 0.1037 0.0041  0.0073  -0.0115 8  DC  A "C4'" 
196 O "O4'" . DC  A 8  ? 0.0710 0.1228 0.0996 0.0037  -0.0033 -0.0172 8  DC  A "O4'" 
197 C "C3'" . DC  A 8  ? 0.0751 0.1103 0.1076 -0.0038 -0.0021 -0.0080 8  DC  A "C3'" 
198 O "O3'" . DC  A 8  ? 0.0736 0.1141 0.1140 0.0006  -0.0089 -0.0059 8  DC  A "O3'" 
199 C "C2'" . DC  A 8  ? 0.0702 0.1048 0.1148 0.0023  -0.0030 -0.0075 8  DC  A "C2'" 
200 C "C1'" . DC  A 8  ? 0.0837 0.1193 0.1057 0.0028  0.0006  -0.0134 8  DC  A "C1'" 
201 N N1    . DC  A 8  ? 0.0556 0.1142 0.1077 0.0091  -0.0046 -0.0068 8  DC  A N1    
202 C C2    . DC  A 8  ? 0.0583 0.1109 0.1177 0.0082  0.0005  -0.0031 8  DC  A C2    
203 O O2    . DC  A 8  ? 0.0851 0.1150 0.1243 0.0136  0.0067  0.0045  8  DC  A O2    
204 N N3    . DC  A 8  ? 0.0641 0.1123 0.1192 0.0012  0.0070  0.0011  8  DC  A N3    
205 C C4    . DC  A 8  ? 0.0608 0.1166 0.1195 0.0001  0.0071  0.0041  8  DC  A C4    
206 N N4    . DC  A 8  ? 0.0978 0.1016 0.1376 0.0040  0.0071  0.0121  8  DC  A N4    
207 C C5    . DC  A 8  ? 0.0655 0.1195 0.1232 0.0056  0.0181  -0.0012 8  DC  A C5    
208 C C6    . DC  A 8  ? 0.0519 0.1162 0.1190 0.0156  0.0047  -0.0014 8  DC  A C6    
209 P P     . DG  A 9  ? 0.0664 0.1263 0.1249 0.0031  0.0125  -0.0117 9  DG  A P     
210 O OP1   . DG  A 9  ? 0.1100 0.1296 0.1396 -0.0279 0.0362  -0.0139 9  DG  A OP1   
211 O OP2   . DG  A 9  ? 0.0799 0.1504 0.1464 0.0215  0.0008  -0.0232 9  DG  A OP2   
212 O "O5'" . DG  A 9  ? 0.0567 0.1111 0.1070 0.0138  -0.0065 -0.0046 9  DG  A "O5'" 
213 C "C5'" . DG  A 9  ? 0.0676 0.1131 0.0961 0.0280  -0.0063 -0.0022 9  DG  A "C5'" 
214 C "C4'" . DG  A 9  ? 0.0484 0.1191 0.0971 -0.0004 -0.0100 -0.0014 9  DG  A "C4'" 
215 O "O4'" . DG  A 9  ? 0.0547 0.1299 0.0999 -0.0060 -0.0064 0.0008  9  DG  A "O4'" 
216 C "C3'" . DG  A 9  ? 0.0610 0.1163 0.1041 -0.0049 -0.0059 0.0038  9  DG  A "C3'" 
217 O "O3'" . DG  A 9  ? 0.0591 0.1191 0.1077 -0.0041 -0.0034 0.0066  9  DG  A "O3'" 
218 C "C2'" . DG  A 9  ? 0.0637 0.1154 0.1089 -0.0020 0.0007  0.0083  9  DG  A "C2'" 
219 C "C1'" . DG  A 9  ? 0.0639 0.1233 0.0982 -0.0003 -0.0105 0.0078  9  DG  A "C1'" 
220 N N9    . DG  A 9  ? 0.0478 0.1214 0.0995 0.0018  -0.0077 0.0084  9  DG  A N9    
221 C C8    . DG  A 9  ? 0.0641 0.1024 0.1091 0.0042  -0.0135 0.0027  9  DG  A C8    
222 N N7    . DG  A 9  ? 0.0694 0.1101 0.1039 -0.0042 -0.0028 -0.0024 9  DG  A N7    
223 C C5    . DG  A 9  ? 0.0608 0.1149 0.1037 -0.0115 0.0009  -0.0015 9  DG  A C5    
224 C C6    . DG  A 9  ? 0.0611 0.1142 0.1115 -0.0191 -0.0032 -0.0001 9  DG  A C6    
225 O O6    . DG  A 9  ? 0.0909 0.1013 0.1232 -0.0143 0.0075  -0.0008 9  DG  A O6    
226 N N1    . DG  A 9  ? 0.0626 0.1277 0.1019 -0.0096 -0.0028 -0.0041 9  DG  A N1    
227 C C2    . DG  A 9  ? 0.0681 0.1285 0.0972 -0.0070 0.0004  0.0005  9  DG  A C2    
228 N N2    . DG  A 9  ? 0.1062 0.1327 0.0927 -0.0091 0.0127  -0.0027 9  DG  A N2    
229 N N3    . DG  A 9  ? 0.0568 0.1317 0.1052 -0.0136 0.0037  0.0048  9  DG  A N3    
230 C C4    . DG  A 9  ? 0.0406 0.1241 0.1034 -0.0073 -0.0026 0.0044  9  DG  A C4    
231 P P     . DC  A 10 ? 0.0683 0.1238 0.1166 -0.0109 0.0002  -0.0019 10 DC  A P     
232 O OP1   . DC  A 10 ? 0.1027 0.1317 0.1456 -0.0206 0.0085  0.0017  10 DC  A OP1   
233 O OP2   . DC  A 10 ? 0.0672 0.1318 0.1240 0.0119  0.0125  -0.0110 10 DC  A OP2   
234 O "O5'" . DC  A 10 ? 0.0641 0.1145 0.1130 0.0030  -0.0159 -0.0122 10 DC  A "O5'" 
235 C "C5'" . DC  A 10 ? 0.0641 0.1108 0.1165 0.0094  -0.0195 -0.0127 10 DC  A "C5'" 
236 C "C4'" . DC  A 10 ? 0.0538 0.1017 0.1211 0.0049  -0.0095 -0.0090 10 DC  A "C4'" 
237 O "O4'" . DC  A 10 ? 0.0609 0.1094 0.1259 0.0085  -0.0076 -0.0041 10 DC  A "O4'" 
238 C "C3'" . DC  A 10 ? 0.0689 0.1021 0.1123 0.0021  -0.0138 -0.0067 10 DC  A "C3'" 
239 O "O3'" . DC  A 10 ? 0.0706 0.1121 0.1178 -0.0059 -0.0167 -0.0113 10 DC  A "O3'" 
240 C "C2'" . DC  A 10 ? 0.0622 0.1121 0.1020 0.0076  -0.0118 -0.0078 10 DC  A "C2'" 
241 C "C1'" . DC  A 10 ? 0.0512 0.0982 0.1110 0.0134  -0.0068 -0.0061 10 DC  A "C1'" 
242 N N1    . DC  A 10 ? 0.0543 0.1064 0.1058 0.0056  -0.0079 -0.0100 10 DC  A N1    
243 C C2    . DC  A 10 ? 0.0534 0.1060 0.1084 -0.0059 0.0014  -0.0137 10 DC  A C2    
244 O O2    . DC  A 10 ? 0.0729 0.1130 0.1087 0.0057  0.0085  -0.0183 10 DC  A O2    
245 N N3    . DC  A 10 ? 0.0537 0.1077 0.1206 -0.0006 0.0003  -0.0094 10 DC  A N3    
246 C C4    . DC  A 10 ? 0.0454 0.1079 0.1243 0.0015  -0.0135 -0.0104 10 DC  A C4    
247 N N4    . DC  A 10 ? 0.0781 0.1083 0.1337 0.0040  -0.0046 -0.0159 10 DC  A N4    
248 C C5    . DC  A 10 ? 0.0475 0.1129 0.1238 0.0009  -0.0199 -0.0106 10 DC  A C5    
249 C C6    . DC  A 10 ? 0.0504 0.1141 0.1190 -0.0047 -0.0155 -0.0132 10 DC  A C6    
250 O "O5'" . DG  B 1  ? 0.2968 0.1846 0.2875 0.0037  0.0250  0.0216  11 DG  B "O5'" 
251 C "C5'" . DG  B 1  ? 0.2710 0.1669 0.2699 0.0091  0.0158  0.0329  11 DG  B "C5'" 
252 C "C4'" . DG  B 1  ? 0.2145 0.1542 0.2415 0.0116  0.0057  0.0408  11 DG  B "C4'" 
253 O "O4'" . DG  B 1  ? 0.1807 0.1566 0.2312 0.0184  -0.0054 0.0438  11 DG  B "O4'" 
254 C "C3'" . DG  B 1  ? 0.1874 0.1463 0.2129 0.0116  0.0003  0.0415  11 DG  B "C3'" 
255 O "O3'" . DG  B 1  ? 0.1826 0.1330 0.1880 0.0054  0.0022  0.0454  11 DG  B "O3'" 
256 C "C2'" . DG  B 1  ? 0.1761 0.1533 0.2065 0.0079  0.0011  0.0392  11 DG  B "C2'" 
257 C "C1'" . DG  B 1  ? 0.1597 0.1406 0.2089 0.0276  -0.0033 0.0379  11 DG  B "C1'" 
258 N N9    . DG  B 1  ? 0.1422 0.1368 0.2016 0.0121  0.0066  0.0247  11 DG  B N9    
259 C C8    . DG  B 1  ? 0.1595 0.1396 0.2053 0.0223  0.0118  0.0191  11 DG  B C8    
260 N N7    . DG  B 1  ? 0.1710 0.1362 0.1990 0.0265  0.0118  0.0119  11 DG  B N7    
261 C C5    . DG  B 1  ? 0.1361 0.1259 0.1785 0.0193  0.0110  0.0038  11 DG  B C5    
262 C C6    . DG  B 1  ? 0.1059 0.1244 0.1582 0.0168  0.0123  -0.0071 11 DG  B C6    
263 O O6    . DG  B 1  ? 0.1146 0.1204 0.1577 0.0162  0.0156  -0.0138 11 DG  B O6    
264 N N1    . DG  B 1  ? 0.0841 0.1213 0.1353 0.0136  0.0072  -0.0093 11 DG  B N1    
265 C C2    . DG  B 1  ? 0.0783 0.1269 0.1336 0.0076  -0.0031 0.0026  11 DG  B C2    
266 N N2    . DG  B 1  ? 0.0761 0.1210 0.1261 0.0156  -0.0040 0.0032  11 DG  B N2    
267 N N3    . DG  B 1  ? 0.0992 0.1187 0.1542 0.0121  0.0038  0.0060  11 DG  B N3    
268 C C4    . DG  B 1  ? 0.1151 0.1248 0.1773 0.0219  0.0024  0.0155  11 DG  B C4    
269 P P     . DC  B 2  ? 0.1860 0.1287 0.1698 -0.0157 -0.0042 0.0322  12 DC  B P     
270 O OP1   . DC  B 2  ? 0.2213 0.1427 0.1837 -0.0146 0.0213  0.0392  12 DC  B OP1   
271 O OP2   . DC  B 2  ? 0.2212 0.1311 0.1906 -0.0221 -0.0036 0.0149  12 DC  B OP2   
272 O "O5'" . DC  B 2  ? 0.1711 0.1301 0.1356 -0.0107 -0.0012 0.0190  12 DC  B "O5'" 
273 C "C5'" . DC  B 2  ? 0.1804 0.1270 0.1316 -0.0141 0.0001  0.0108  12 DC  B "C5'" 
274 C "C4'" . DC  B 2  ? 0.1469 0.1287 0.1147 -0.0138 -0.0024 0.0115  12 DC  B "C4'" 
275 O "O4'" . DC  B 2  ? 0.1437 0.1273 0.1134 -0.0211 -0.0119 0.0139  12 DC  B "O4'" 
276 C "C3'" . DC  B 2  ? 0.1225 0.1325 0.1183 -0.0048 0.0075  0.0087  12 DC  B "C3'" 
277 O "O3'" . DC  B 2  ? 0.1278 0.1539 0.1360 0.0111  0.0216  0.0091  12 DC  B "O3'" 
278 C "C2'" . DC  B 2  ? 0.1327 0.1245 0.1204 -0.0153 0.0054  0.0098  12 DC  B "C2'" 
279 C "C1'" . DC  B 2  ? 0.1285 0.1244 0.1034 -0.0121 -0.0189 0.0118  12 DC  B "C1'" 
280 N N1    . DC  B 2  ? 0.1051 0.1105 0.1049 -0.0202 -0.0124 0.0157  12 DC  B N1    
281 C C2    . DC  B 2  ? 0.0866 0.1128 0.1013 -0.0194 -0.0080 0.0100  12 DC  B C2    
282 O O2    . DC  B 2  ? 0.1055 0.1091 0.0983 -0.0113 -0.0068 0.0045  12 DC  B O2    
283 N N3    . DC  B 2  ? 0.0724 0.1116 0.1086 -0.0064 -0.0095 0.0043  12 DC  B N3    
284 C C4    . DC  B 2  ? 0.0993 0.1169 0.1105 -0.0012 -0.0021 0.0021  12 DC  B C4    
285 N N4    . DC  B 2  ? 0.1198 0.1204 0.1129 0.0052  -0.0032 -0.0062 12 DC  B N4    
286 C C5    . DC  B 2  ? 0.1104 0.1311 0.1080 -0.0023 0.0026  0.0044  12 DC  B C5    
287 C C6    . DC  B 2  ? 0.1200 0.1264 0.1097 -0.0090 -0.0067 0.0072  12 DC  B C6    
288 P P     . DG  B 3  ? 0.1260 0.1569 0.1781 -0.0146 0.0166  0.0229  13 DG  B P     
289 O OP1   . DG  B 3  ? 0.1214 0.1962 0.1754 -0.0168 0.0343  0.0240  13 DG  B OP1   
290 O OP2   . DG  B 3  ? 0.1591 0.1429 0.2170 -0.0137 0.0067  0.0331  13 DG  B OP2   
291 O "O5'" . DG  B 3  ? 0.1095 0.1472 0.1508 -0.0046 0.0008  0.0164  13 DG  B "O5'" 
292 C "C5'" . DG  B 3  ? 0.1090 0.1443 0.1392 0.0033  0.0093  0.0089  13 DG  B "C5'" 
293 C "C4'" . DG  B 3  ? 0.0843 0.1627 0.1124 -0.0093 0.0223  -0.0088 13 DG  B "C4'" 
294 O "O4'" . DG  B 3  ? 0.0902 0.1601 0.1133 -0.0084 0.0054  -0.0132 13 DG  B "O4'" 
295 C "C3'" . DG  B 3  ? 0.0777 0.1648 0.1160 0.0024  0.0109  -0.0130 13 DG  B "C3'" 
296 O "O3'" . DG  B 3  ? 0.0874 0.1621 0.1256 -0.0023 0.0110  -0.0186 13 DG  B "O3'" 
297 C "C2'" . DG  B 3  ? 0.0992 0.1560 0.1303 -0.0098 0.0233  -0.0107 13 DG  B "C2'" 
298 C "C1'" . DG  B 3  ? 0.1036 0.1487 0.1158 -0.0082 0.0150  -0.0155 13 DG  B "C1'" 
299 N N9    . DG  B 3  ? 0.0748 0.1293 0.1289 0.0003  0.0039  -0.0004 13 DG  B N9    
300 C C8    . DG  B 3  ? 0.0777 0.1376 0.1293 -0.0059 -0.0002 0.0032  13 DG  B C8    
301 N N7    . DG  B 3  ? 0.0828 0.1315 0.1300 -0.0085 0.0037  0.0080  13 DG  B N7    
302 C C5    . DG  B 3  ? 0.0659 0.1254 0.1264 -0.0143 0.0051  0.0032  13 DG  B C5    
303 C C6    . DG  B 3  ? 0.0642 0.1181 0.1235 -0.0140 0.0089  0.0046  13 DG  B C6    
304 O O6    . DG  B 3  ? 0.0854 0.1106 0.1236 -0.0092 0.0008  0.0067  13 DG  B O6    
305 N N1    . DG  B 3  ? 0.0648 0.1057 0.1174 -0.0114 0.0029  0.0012  13 DG  B N1    
306 C C2    . DG  B 3  ? 0.0653 0.1091 0.1167 -0.0035 0.0076  -0.0024 13 DG  B C2    
307 N N2    . DG  B 3  ? 0.0678 0.1196 0.1151 -0.0053 0.0149  0.0003  13 DG  B N2    
308 N N3    . DG  B 3  ? 0.0737 0.1183 0.1189 0.0044  0.0107  0.0003  13 DG  B N3    
309 C C4    . DG  B 3  ? 0.0668 0.1245 0.1196 -0.0095 0.0096  -0.0026 13 DG  B C4    
310 P P     . DT  B 4  ? 0.0897 0.1594 0.1516 0.0082  0.0141  -0.0124 14 DT  B P     
311 O OP1   . DT  B 4  ? 0.0761 0.1860 0.1690 0.0097  0.0276  -0.0166 14 DT  B OP1   
312 O OP2   . DT  B 4  ? 0.1019 0.1474 0.1668 0.0149  0.0084  -0.0041 14 DT  B OP2   
313 O "O5'" . DT  B 4  ? 0.1076 0.1463 0.1432 0.0223  -0.0068 -0.0157 14 DT  B "O5'" 
314 C "C5'" . DT  B 4  ? 0.1347 0.1417 0.1491 0.0140  -0.0136 -0.0199 14 DT  B "C5'" 
315 C "C4'" . DT  B 4  ? 0.1475 0.1363 0.1553 0.0080  -0.0051 -0.0221 14 DT  B "C4'" 
316 O "O4'" . DT  B 4  ? 0.1538 0.1452 0.1485 -0.0135 -0.0005 -0.0225 14 DT  B "O4'" 
317 C "C3'" . DT  B 4  ? 0.1402 0.1471 0.1581 0.0090  -0.0191 -0.0262 14 DT  B "C3'" 
318 O "O3'" . DT  B 4  ? 0.1348 0.1546 0.1780 0.0158  -0.0211 -0.0346 14 DT  B "O3'" 
319 C "C2'" . DT  B 4  ? 0.1542 0.1563 0.1471 -0.0018 -0.0207 -0.0234 14 DT  B "C2'" 
320 C "C1'" . DT  B 4  ? 0.1498 0.1514 0.1361 -0.0089 -0.0077 -0.0194 14 DT  B "C1'" 
321 N N1    . DT  B 4  ? 0.1151 0.1498 0.1306 -0.0184 -0.0034 -0.0078 14 DT  B N1    
322 C C2    . DT  B 4  ? 0.1201 0.1580 0.1320 -0.0255 0.0021  -0.0039 14 DT  B C2    
323 O O2    . DT  B 4  ? 0.1492 0.1793 0.1356 -0.0321 0.0113  0.0013  14 DT  B O2    
324 N N3    . DT  B 4  ? 0.0817 0.1554 0.1445 -0.0153 -0.0039 -0.0046 14 DT  B N3    
325 C C4    . DT  B 4  ? 0.0617 0.1524 0.1451 -0.0166 0.0006  -0.0117 14 DT  B C4    
326 O O4    . DT  B 4  ? 0.0760 0.1748 0.1521 -0.0029 -0.0064 -0.0163 14 DT  B O4    
327 C C5    . DT  B 4  ? 0.0846 0.1545 0.1365 -0.0128 -0.0022 -0.0110 14 DT  B C5    
328 C C7    . DT  B 4  ? 0.0954 0.1586 0.1355 -0.0082 0.0054  -0.0116 14 DT  B C7    
329 C C6    . DT  B 4  ? 0.1045 0.1446 0.1291 -0.0109 -0.0093 -0.0085 14 DT  B C6    
330 P P     . DA  B 5  ? 0.1259 0.1820 0.2004 0.0155  -0.0145 -0.0297 15 DA  B P     
331 O OP1   . DA  B 5  ? 0.1394 0.2137 0.2018 0.0096  -0.0050 -0.0396 15 DA  B OP1   
332 O OP2   . DA  B 5  ? 0.1399 0.1923 0.2120 0.0056  -0.0207 -0.0157 15 DA  B OP2   
333 O "O5'" . DA  B 5  ? 0.1343 0.1700 0.1943 0.0336  -0.0378 -0.0356 15 DA  B "O5'" 
334 C "C5'" . DA  B 5  ? 0.1641 0.1592 0.1956 0.0406  -0.0451 -0.0359 15 DA  B "C5'" 
335 C "C4'" . DA  B 5  ? 0.1611 0.1532 0.2099 0.0349  -0.0454 -0.0381 15 DA  B "C4'" 
336 O "O4'" . DA  B 5  ? 0.1674 0.1617 0.2037 0.0278  -0.0395 -0.0346 15 DA  B "O4'" 
337 C "C3'" . DA  B 5  ? 0.1455 0.1587 0.2221 0.0433  -0.0441 -0.0460 15 DA  B "C3'" 
338 O "O3'" . DA  B 5  ? 0.1489 0.1535 0.2516 0.0711  -0.0539 -0.0497 15 DA  B "O3'" 
339 C "C2'" . DA  B 5  ? 0.1351 0.1716 0.2109 0.0288  -0.0449 -0.0409 15 DA  B "C2'" 
340 C "C1'" . DA  B 5  ? 0.1419 0.1653 0.2015 0.0335  -0.0428 -0.0342 15 DA  B "C1'" 
341 N N9    . DA  B 5  ? 0.1150 0.1546 0.1894 0.0216  -0.0137 -0.0324 15 DA  B N9    
342 C C8    . DA  B 5  ? 0.1039 0.1464 0.1905 0.0095  -0.0105 -0.0272 15 DA  B C8    
343 N N7    . DA  B 5  ? 0.0773 0.1504 0.1818 0.0043  0.0016  -0.0356 15 DA  B N7    
344 C C5    . DA  B 5  ? 0.0670 0.1612 0.1814 -0.0102 -0.0001 -0.0358 15 DA  B C5    
345 C C6    . DA  B 5  ? 0.0656 0.1625 0.1839 -0.0132 0.0033  -0.0353 15 DA  B C6    
346 N N6    . DA  B 5  ? 0.0797 0.1461 0.1960 -0.0215 0.0032  -0.0273 15 DA  B N6    
347 N N1    . DA  B 5  ? 0.0700 0.1666 0.1786 -0.0026 0.0042  -0.0408 15 DA  B N1    
348 C C2    . DA  B 5  ? 0.0790 0.1858 0.1774 -0.0082 -0.0144 -0.0403 15 DA  B C2    
349 N N3    . DA  B 5  ? 0.1161 0.1829 0.1764 -0.0095 0.0015  -0.0417 15 DA  B N3    
350 C C4    . DA  B 5  ? 0.1009 0.1692 0.1774 -0.0019 -0.0035 -0.0383 15 DA  B C4    
351 C C2    . LST B 6  ? 0.1163 0.1103 0.1665 0.0143  0.0139  0.0059  16 LST B C2    
352 C C4    . LST B 6  ? 0.0746 0.1129 0.1726 0.0124  -0.0051 0.0064  16 LST B C4    
353 C C5    . LST B 6  ? 0.0952 0.1210 0.1657 0.0204  -0.0083 -0.0018 16 LST B C5    
354 C C6    . LST B 6  ? 0.1154 0.1203 0.1603 0.0253  -0.0118 -0.0055 16 LST B C6    
355 C "C1'" . LST B 6  ? 0.1403 0.1102 0.1797 0.0273  -0.0238 0.0052  16 LST B "C1'" 
356 C "C2'" . LST B 6  ? 0.1619 0.1327 0.1771 0.0179  -0.0278 0.0066  16 LST B "C2'" 
357 C "C3'" . LST B 6  ? 0.1347 0.1394 0.1975 0.0088  -0.0395 0.0046  16 LST B "C3'" 
358 O "O3'" . LST B 6  ? 0.1190 0.1488 0.2141 0.0017  -0.0411 0.0048  16 LST B "O3'" 
359 C "C4'" . LST B 6  ? 0.1453 0.1353 0.1960 0.0201  -0.0518 0.0056  16 LST B "C4'" 
360 C "C5'" . LST B 6  ? 0.1551 0.1473 0.2162 0.0466  -0.0640 -0.0136 16 LST B "C5'" 
361 O "O5'" . LST B 6  ? 0.1436 0.1624 0.2429 0.0556  -0.0625 -0.0348 16 LST B "O5'" 
362 C "C6'" . LST B 6  ? 0.1870 0.1428 0.1905 0.0137  -0.0416 0.0208  16 LST B "C6'" 
363 P P     . LST B 6  ? 0.1306 0.1732 0.2733 0.0626  -0.0521 -0.0508 16 LST B P     
364 O OP2   . LST B 6  ? 0.1638 0.1943 0.2784 0.0642  -0.0373 -0.0510 16 LST B OP2   
365 N "N2'" . LST B 6  ? 0.2002 0.1459 0.1703 0.0122  -0.0157 0.0139  16 LST B "N2'" 
366 C "C7'" . LST B 6  ? 0.2132 0.1481 0.1663 0.0226  0.0070  0.0067  16 LST B "C7'" 
367 S S     . LST B 6  ? 0.2278 0.1558 0.1799 -0.0077 -0.0286 0.0313  16 LST B S     
368 O "O7'" . LST B 6  ? 0.2516 0.1871 0.1700 -0.0219 -0.0331 0.0209  16 LST B "O7'" 
369 O "O8'" . LST B 6  ? 0.2053 0.1636 0.1943 -0.0290 -0.0259 0.0324  16 LST B "O8'" 
370 O "O4'" . LST B 6  ? 0.1430 0.1203 0.1898 0.0144  -0.0435 0.0056  16 LST B "O4'" 
371 N N1    . LST B 6  ? 0.1080 0.1126 0.1686 0.0217  -0.0055 0.0047  16 LST B N1    
372 C C7    . LST B 6  ? 0.1255 0.1379 0.1622 0.0155  -0.0101 -0.0067 16 LST B C7    
373 N N3    . LST B 6  ? 0.0766 0.1084 0.1766 -0.0026 0.0070  0.0091  16 LST B N3    
374 O O2    . LST B 6  ? 0.1430 0.1317 0.1705 0.0223  0.0249  0.0101  16 LST B O2    
375 O O4    . LST B 6  ? 0.0824 0.1337 0.1720 0.0211  -0.0206 0.0116  16 LST B O4    
376 O OP3   . LST B 6  ? 0.1387 0.1976 0.2912 0.0622  -0.0561 -0.0475 16 LST B OP3   
377 P P     . DA  B 7  ? 0.1244 0.1834 0.2174 0.0051  -0.0467 -0.0037 17 DA  B P     
378 O OP1   . DA  B 7  ? 0.1591 0.2031 0.2403 0.0113  -0.0495 0.0004  17 DA  B OP1   
379 O OP2   . DA  B 7  ? 0.1277 0.2038 0.2336 -0.0062 -0.0191 -0.0178 17 DA  B OP2   
380 O "O5'" . DA  B 7  ? 0.1418 0.1628 0.1856 0.0008  -0.0567 0.0018  17 DA  B "O5'" 
381 C "C5'" . DA  B 7  ? 0.1515 0.1600 0.1659 0.0039  -0.0579 0.0093  17 DA  B "C5'" 
382 C "C4'" . DA  B 7  ? 0.1454 0.1504 0.1632 -0.0047 -0.0586 0.0211  17 DA  B "C4'" 
383 O "O4'" . DA  B 7  ? 0.1603 0.1419 0.1568 -0.0019 -0.0381 0.0282  17 DA  B "O4'" 
384 C "C3'" . DA  B 7  ? 0.1321 0.1530 0.1770 -0.0104 -0.0605 0.0266  17 DA  B "C3'" 
385 O "O3'" . DA  B 7  ? 0.1372 0.1643 0.1992 0.0096  -0.0562 0.0238  17 DA  B "O3'" 
386 C "C2'" . DA  B 7  ? 0.1428 0.1458 0.1675 -0.0110 -0.0429 0.0275  17 DA  B "C2'" 
387 C "C1'" . DA  B 7  ? 0.1324 0.1388 0.1468 -0.0032 -0.0362 0.0300  17 DA  B "C1'" 
388 N N9    . DA  B 7  ? 0.1096 0.1218 0.1393 -0.0014 -0.0217 0.0239  17 DA  B N9    
389 C C8    . DA  B 7  ? 0.0861 0.1217 0.1458 -0.0070 -0.0145 0.0178  17 DA  B C8    
390 N N7    . DA  B 7  ? 0.0773 0.1041 0.1510 -0.0023 -0.0211 0.0160  17 DA  B N7    
391 C C5    . DA  B 7  ? 0.0651 0.1015 0.1365 -0.0038 -0.0095 0.0194  17 DA  B C5    
392 C C6    . DA  B 7  ? 0.0449 0.1044 0.1332 -0.0086 -0.0077 0.0159  17 DA  B C6    
393 N N6    . DA  B 7  ? 0.0588 0.1105 0.1339 -0.0050 -0.0076 0.0121  17 DA  B N6    
394 N N1    . DA  B 7  ? 0.0530 0.1124 0.1247 0.0021  -0.0073 0.0185  17 DA  B N1    
395 C C2    . DA  B 7  ? 0.0754 0.1254 0.1208 -0.0131 0.0058  0.0142  17 DA  B C2    
396 N N3    . DA  B 7  ? 0.0729 0.1131 0.1281 -0.0002 0.0074  0.0167  17 DA  B N3    
397 C C4    . DA  B 7  ? 0.0874 0.1112 0.1345 -0.0039 -0.0010 0.0214  17 DA  B C4    
398 P P     A DC  B 8  ? 0.1045 0.1744 0.1958 0.0080  -0.0432 0.0173  18 DC  B P     
399 P P     B DC  B 8  ? 0.1090 0.1657 0.2483 -0.0102 -0.0571 0.0299  18 DC  B P     
400 O OP1   A DC  B 8  ? 0.1012 0.1715 0.1982 0.0258  -0.0544 0.0183  18 DC  B OP1   
401 O OP1   B DC  B 8  ? 0.1362 0.1652 0.2582 -0.0098 -0.0700 0.0295  18 DC  B OP1   
402 O OP2   A DC  B 8  ? 0.0964 0.1710 0.1980 0.0211  -0.0588 0.0188  18 DC  B OP2   
403 O OP2   B DC  B 8  ? 0.1193 0.1608 0.2687 0.0107  -0.0554 0.0279  18 DC  B OP2   
404 O "O5'" A DC  B 8  ? 0.1061 0.1686 0.1803 -0.0004 -0.0502 0.0204  18 DC  B "O5'" 
405 O "O5'" B DC  B 8  ? 0.1055 0.1391 0.2233 -0.0076 -0.0535 0.0327  18 DC  B "O5'" 
406 C "C5'" A DC  B 8  ? 0.0977 0.1696 0.1629 -0.0194 -0.0524 0.0207  18 DC  B "C5'" 
407 C "C5'" B DC  B 8  ? 0.1262 0.1225 0.1960 -0.0153 -0.0439 0.0323  18 DC  B "C5'" 
408 C "C4'" A DC  B 8  ? 0.0942 0.1654 0.1462 -0.0275 -0.0416 0.0199  18 DC  B "C4'" 
409 C "C4'" B DC  B 8  ? 0.1148 0.1135 0.1624 -0.0135 -0.0329 0.0285  18 DC  B "C4'" 
410 O "O4'" A DC  B 8  ? 0.0806 0.1553 0.1349 -0.0196 -0.0397 0.0177  18 DC  B "O4'" 
411 O "O4'" B DC  B 8  ? 0.1112 0.1040 0.1361 -0.0013 -0.0189 0.0200  18 DC  B "O4'" 
412 C "C3'" A DC  B 8  ? 0.0958 0.1660 0.1418 -0.0352 -0.0320 0.0187  18 DC  B "C3'" 
413 C "C3'" B DC  B 8  ? 0.0930 0.1159 0.1549 -0.0221 -0.0269 0.0256  18 DC  B "C3'" 
414 O "O3'" A DC  B 8  ? 0.1187 0.1735 0.1480 -0.0440 -0.0274 0.0217  18 DC  B "O3'" 
415 O "O3'" B DC  B 8  ? 0.0994 0.1277 0.1597 -0.0235 -0.0350 0.0267  18 DC  B "O3'" 
416 C "C2'" A DC  B 8  ? 0.0791 0.1583 0.1313 -0.0263 -0.0312 0.0158  18 DC  B "C2'" 
417 C "C2'" B DC  B 8  ? 0.0787 0.1118 0.1397 -0.0149 -0.0124 0.0187  18 DC  B "C2'" 
418 C "C1'" A DC  B 8  ? 0.0754 0.1463 0.1274 -0.0135 -0.0358 0.0170  18 DC  B "C1'" 
419 C "C1'" B DC  B 8  ? 0.0967 0.1029 0.1264 -0.0039 -0.0195 0.0151  18 DC  B "C1'" 
420 N N1    A DC  B 8  ? 0.0533 0.1277 0.1266 0.0076  -0.0294 0.0211  18 DC  B N1    
421 N N1    B DC  B 8  ? 0.0809 0.0965 0.1256 0.0046  -0.0082 0.0139  18 DC  B N1    
422 C C2    A DC  B 8  ? 0.0514 0.1204 0.1249 0.0093  -0.0224 0.0216  18 DC  B C2    
423 C C2    B DC  B 8  ? 0.0781 0.0971 0.1178 0.0019  0.0024  0.0124  18 DC  B C2    
424 O O2    A DC  B 8  ? 0.0656 0.1207 0.1309 0.0108  -0.0263 0.0206  18 DC  B O2    
425 O O2    B DC  B 8  ? 0.0986 0.1068 0.1141 0.0132  -0.0120 0.0110  18 DC  B O2    
426 N N3    A DC  B 8  ? 0.0429 0.1141 0.1246 0.0103  -0.0147 0.0225  18 DC  B N3    
427 N N3    B DC  B 8  ? 0.0720 0.0900 0.1231 -0.0064 0.0177  0.0099  18 DC  B N3    
428 C C4    A DC  B 8  ? 0.0397 0.1128 0.1313 0.0038  -0.0110 0.0266  18 DC  B C4    
429 C C4    B DC  B 8  ? 0.0862 0.0929 0.1375 -0.0177 0.0128  0.0101  18 DC  B C4    
430 N N4    A DC  B 8  ? 0.0451 0.1084 0.1358 0.0095  -0.0001 0.0281  18 DC  B N4    
431 N N4    B DC  B 8  ? 0.0990 0.0888 0.1449 -0.0191 0.0137  0.0067  18 DC  B N4    
432 C C5    A DC  B 8  ? 0.0401 0.1177 0.1241 0.0065  -0.0153 0.0223  18 DC  B C5    
433 C C5    B DC  B 8  ? 0.0905 0.1012 0.1362 -0.0246 0.0060  0.0149  18 DC  B C5    
434 C C6    A DC  B 8  ? 0.0432 0.1217 0.1271 0.0056  -0.0188 0.0251  18 DC  B C6    
435 C C6    B DC  B 8  ? 0.0919 0.0968 0.1295 -0.0101 0.0085  0.0167  18 DC  B C6    
436 P P     A DG  B 9  ? 0.1159 0.1774 0.1572 -0.0592 -0.0451 0.0292  19 DG  B P     
437 P P     B DG  B 9  ? 0.0688 0.1310 0.1741 -0.0113 -0.0416 0.0265  19 DG  B P     
438 O OP1   A DG  B 9  ? 0.1464 0.1769 0.1754 -0.0775 -0.0360 0.0310  19 DG  B OP1   
439 O OP1   B DG  B 9  ? 0.0898 0.1572 0.1875 -0.0304 -0.0575 0.0220  19 DG  B OP1   
440 O OP2   A DG  B 9  ? 0.0996 0.1792 0.1585 -0.0467 -0.0456 0.0350  19 DG  B OP2   
441 O OP2   B DG  B 9  ? 0.0777 0.1276 0.1992 0.0254  -0.0037 0.0264  19 DG  B OP2   
442 O "O5'" A DG  B 9  ? 0.0989 0.1602 0.1418 -0.0532 -0.0412 0.0197  19 DG  B "O5'" 
443 O "O5'" B DG  B 9  ? 0.0519 0.1216 0.1422 -0.0003 -0.0295 0.0155  19 DG  B "O5'" 
444 C "C5'" A DG  B 9  ? 0.0926 0.1470 0.1294 -0.0463 -0.0278 0.0104  19 DG  B "C5'" 
445 C "C5'" B DG  B 9  ? 0.0611 0.1175 0.1258 0.0077  -0.0183 0.0094  19 DG  B "C5'" 
446 C "C4'" A DG  B 9  ? 0.0703 0.1283 0.1168 -0.0465 -0.0174 0.0046  19 DG  B "C4'" 
447 C "C4'" B DG  B 9  ? 0.0459 0.1074 0.1152 -0.0082 -0.0034 0.0015  19 DG  B "C4'" 
448 O "O4'" A DG  B 9  ? 0.0716 0.1269 0.1065 -0.0415 -0.0167 0.0045  19 DG  B "O4'" 
449 O "O4'" B DG  B 9  ? 0.0699 0.1134 0.1026 -0.0044 0.0030  -0.0035 19 DG  B "O4'" 
450 C "C3'" A DG  B 9  ? 0.0668 0.1210 0.1206 -0.0432 -0.0081 0.0048  19 DG  B "C3'" 
451 C "C3'" B DG  B 9  ? 0.0439 0.0925 0.1261 0.0139  0.0060  0.0014  19 DG  B "C3'" 
452 O "O3'" A DG  B 9  ? 0.0712 0.1195 0.1253 -0.0273 0.0038  -0.0002 19 DG  B "O3'" 
453 O "O3'" B DG  B 9  ? 0.0467 0.0977 0.1240 0.0212  0.0234  -0.0068 19 DG  B "O3'" 
454 C "C2'" A DG  B 9  ? 0.0649 0.1222 0.1170 -0.0430 -0.0068 0.0045  19 DG  B "C2'" 
455 C "C2'" B DG  B 9  ? 0.0515 0.0990 0.1248 0.0221  0.0023  -0.0007 19 DG  B "C2'" 
456 C "C1'" A DG  B 9  ? 0.0685 0.1203 0.1082 -0.0395 -0.0104 0.0044  19 DG  B "C1'" 
457 C "C1'" B DG  B 9  ? 0.0503 0.1078 0.1077 0.0188  0.0080  -0.0086 19 DG  B "C1'" 
458 N N9    A DG  B 9  ? 0.0661 0.1052 0.1073 -0.0398 -0.0132 0.0117  19 DG  B N9    
459 N N9    B DG  B 9  ? 0.0336 0.1034 0.1054 0.0173  0.0132  -0.0037 19 DG  B N9    
460 C C8    A DG  B 9  ? 0.0811 0.1068 0.1122 -0.0311 -0.0090 0.0132  19 DG  B C8    
461 C C8    B DG  B 9  ? 0.0338 0.1129 0.1091 0.0082  0.0189  -0.0021 19 DG  B C8    
462 N N7    A DG  B 9  ? 0.0791 0.1026 0.1103 -0.0335 -0.0109 0.0154  19 DG  B N7    
463 N N7    B DG  B 9  ? 0.0360 0.1144 0.1029 0.0157  0.0161  0.0004  19 DG  B N7    
464 C C5    A DG  B 9  ? 0.0655 0.0954 0.1077 -0.0326 -0.0061 0.0154  19 DG  B C5    
465 C C5    B DG  B 9  ? 0.0346 0.1072 0.1060 0.0164  0.0160  -0.0031 19 DG  B C5    
466 C C6    A DG  B 9  ? 0.0600 0.0806 0.1094 -0.0325 0.0008  0.0180  19 DG  B C6    
467 C C6    B DG  B 9  ? 0.0520 0.1004 0.1166 0.0336  0.0182  0.0005  19 DG  B C6    
468 O O6    A DG  B 9  ? 0.0722 0.0809 0.1106 -0.0358 0.0095  0.0208  19 DG  B O6    
469 O O6    B DG  B 9  ? 0.0750 0.0979 0.1265 0.0462  0.0081  0.0057  19 DG  B O6    
470 N N1    A DG  B 9  ? 0.0523 0.0782 0.1042 -0.0342 0.0007  0.0112  19 DG  B N1    
471 N N1    B DG  B 9  ? 0.0440 0.0990 0.1143 0.0247  0.0197  -0.0018 19 DG  B N1    
472 C C2    A DG  B 9  ? 0.0521 0.0788 0.1064 -0.0332 -0.0104 0.0100  19 DG  B C2    
473 C C2    B DG  B 9  ? 0.0430 0.1019 0.0921 0.0244  0.0195  -0.0060 19 DG  B C2    
474 N N2    A DG  B 9  ? 0.0583 0.0778 0.1121 -0.0331 -0.0201 0.0125  19 DG  B N2    
475 N N2    B DG  B 9  ? 0.0438 0.1120 0.1112 0.0210  0.0135  -0.0036 19 DG  B N2    
476 N N3    A DG  B 9  ? 0.0478 0.0882 0.1047 -0.0321 -0.0110 0.0095  19 DG  B N3    
477 N N3    B DG  B 9  ? 0.0374 0.1053 0.1004 0.0147  0.0221  -0.0057 19 DG  B N3    
478 C C4    A DG  B 9  ? 0.0584 0.0958 0.1049 -0.0348 -0.0103 0.0125  19 DG  B C4    
479 C C4    B DG  B 9  ? 0.0350 0.1002 0.1016 0.0156  0.0186  -0.0035 19 DG  B C4    
480 P P     . DC  B 10 ? 0.0701 0.1253 0.1302 -0.0112 0.0095  -0.0053 20 DC  B P     
481 O OP1   . DC  B 10 ? 0.1083 0.1182 0.1664 -0.0337 0.0066  0.0120  20 DC  B OP1   
482 O OP2   . DC  B 10 ? 0.0617 0.1853 0.1473 -0.0125 0.0104  -0.0038 20 DC  B OP2   
483 O "O5'" . DC  B 10 ? 0.0685 0.1125 0.1285 0.0067  0.0052  -0.0103 20 DC  B "O5'" 
484 C "C5'" . DC  B 10 ? 0.0684 0.1193 0.1236 0.0144  0.0091  -0.0091 20 DC  B "C5'" 
485 C "C4'" . DC  B 10 ? 0.0615 0.1230 0.1193 0.0000  0.0159  -0.0072 20 DC  B "C4'" 
486 O "O4'" . DC  B 10 ? 0.0712 0.1171 0.1154 -0.0037 0.0209  -0.0099 20 DC  B "O4'" 
487 C "C3'" . DC  B 10 ? 0.0704 0.1222 0.1182 0.0057  0.0231  0.0031  20 DC  B "C3'" 
488 O "O3'" . DC  B 10 ? 0.1030 0.1143 0.1303 0.0162  0.0240  0.0107  20 DC  B "O3'" 
489 C "C2'" . DC  B 10 ? 0.0910 0.1211 0.1234 -0.0022 0.0295  0.0021  20 DC  B "C2'" 
490 C "C1'" . DC  B 10 ? 0.0698 0.1202 0.1167 0.0073  0.0254  -0.0035 20 DC  B "C1'" 
491 N N1    . DC  B 10 ? 0.0492 0.1195 0.1142 -0.0011 0.0139  0.0022  20 DC  B N1    
492 C C2    . DC  B 10 ? 0.0510 0.1062 0.1252 0.0010  0.0120  0.0053  20 DC  B C2    
493 O O2    . DC  B 10 ? 0.0780 0.0988 0.1327 -0.0012 0.0057  0.0074  20 DC  B O2    
494 N N3    . DC  B 10 ? 0.0555 0.1130 0.1369 0.0008  0.0104  0.0109  20 DC  B N3    
495 C C4    . DC  B 10 ? 0.0544 0.1234 0.1244 0.0059  0.0203  0.0111  20 DC  B C4    
496 N N4    . DC  B 10 ? 0.0766 0.1312 0.1324 0.0048  0.0089  0.0176  20 DC  B N4    
497 C C5    . DC  B 10 ? 0.0498 0.1338 0.1199 0.0046  0.0188  0.0048  20 DC  B C5    
498 C C6    . DC  B 10 ? 0.0384 0.1318 0.1152 0.0007  0.0141  0.0043  20 DC  B C6    
# 
